data_4BQI
#
_entry.id   4BQI
#
_cell.length_a   83.713
_cell.length_b   116.072
_cell.length_c   94.342
_cell.angle_alpha   90.00
_cell.angle_beta   107.38
_cell.angle_gamma   90.00
#
_symmetry.space_group_name_H-M   'P 1 21 1'
#
loop_
_entity.id
_entity.type
_entity.pdbx_description
1 polymer 'ALPHA-GLUCAN PHOSPHORYLASE 2, CYTOSOLIC'
2 branched alpha-D-glucopyranose-(1-4)-alpha-D-glucopyranose-(1-4)-alpha-D-glucopyranose
3 non-polymer "PYRIDOXAL-5'-PHOSPHATE"
4 non-polymer DI(HYDROXYETHYL)ETHER
5 non-polymer GLYCEROL
6 water water
#
_entity_poly.entity_id   1
_entity_poly.type   'polypeptide(L)'
_entity_poly.pdbx_seq_one_letter_code
;MHHHHHHGKPIPNPLLGLDSTENLYFQGIDPFTMANANGKAATSLPEKISAKANPEADDATEIAGNIVYHAKYSPHFSPL
KFGPEQALYATAESLRDRLIQLWNETYVHFNKVDPKQTYYLSMEYLQGRALTNAIGNLNLQGPYADALRTLGYELEEIAE
QEKDAALGNGGLGRLASCFLDSMATLNLPAWGYGLRYRHGLFKQIITKKGQEEIPEDWLEKFSPWEIVRHDVVFPVRFFG
KVQVNPDGSRKWVDGDVVQALAYDVPIPGYGTKNTISLRLWEAKARAEDLDLFQFNEGEYELAAQLHSRAQQICTVLYPG
DATENGKLLRLKQQFFLCSASLQDIISRFHERSTTEGSRKWSEFPSKVAVQMNDTHPTLAIPELMRLLMDDNGLGWDEAW
DVTSKTVAYTNHTVLPEALEKWSQSLMWKLLPRHMEIIEEIDKRFVQTIRDTRVDLEDKISSLSILDNNPQKPVVRMANL
CVVSSHTVNGVAQLHSDILKAELFADYVSIWPNKFQNKTNGITPRRWLRFCSPELSDIITKWLKTDKWITDLDLLTGLRQ
FADNEELQSEWASAKTANKKRLAQYIERVTGVSIDPTSLFDIQVKRIHEYKRQLMNILGVVYRFKKLKEMKPEERKKTVP
RTVMIGGKAFATYTNAKRIVKLVNDVGDVVNSDPEVNEYLKVVFVPNYNVTVAEMLIPGSELSQHISTAGMEASGTSNMK
FALNGCLIIGTLDGANVEIREEVGEENFFLFGATADQVPRLRKEREDGLFKPDPRFEEAKQFVKSGVFGSYDYGPLLDSL
EGNTGFGRGDYFLVGYDFPSYMDAQAKVDEAYKDRKGWLKMSILSTAGSGKFSSDRTIAQYAKEIWNIEACPVP
;
_entity_poly.pdbx_strand_id   A,B
#
loop_
_chem_comp.id
_chem_comp.type
_chem_comp.name
_chem_comp.formula
GLC D-saccharide, alpha linking alpha-D-glucopyranose 'C6 H12 O6'
GOL non-polymer GLYCEROL 'C3 H8 O3'
PEG non-polymer DI(HYDROXYETHYL)ETHER 'C4 H10 O3'
PLP non-polymer PYRIDOXAL-5'-PHOSPHATE 'C8 H10 N O6 P'
#
# COMPACT_ATOMS: atom_id res chain seq x y z
N LYS A 48 -12.95 -20.90 22.73
CA LYS A 48 -14.32 -21.28 23.21
C LYS A 48 -15.45 -20.82 22.24
N ILE A 49 -15.56 -19.52 21.99
CA ILE A 49 -16.59 -18.96 21.06
C ILE A 49 -16.24 -19.30 19.63
N SER A 50 -17.24 -19.72 18.87
CA SER A 50 -17.07 -20.09 17.46
C SER A 50 -17.35 -18.95 16.47
N ALA A 51 -16.63 -18.91 15.36
CA ALA A 51 -16.89 -17.96 14.26
C ALA A 51 -18.29 -18.14 13.71
N LYS A 52 -19.03 -17.04 13.63
CA LYS A 52 -20.30 -17.03 12.95
C LYS A 52 -20.57 -15.60 12.50
N ALA A 53 -20.55 -15.39 11.19
CA ALA A 53 -20.79 -14.08 10.66
C ALA A 53 -22.22 -13.68 11.03
N ASN A 54 -22.36 -12.45 11.46
CA ASN A 54 -23.66 -11.79 11.53
C ASN A 54 -23.42 -10.28 11.38
N PRO A 55 -23.55 -9.76 10.16
CA PRO A 55 -23.33 -8.32 9.95
C PRO A 55 -24.20 -7.42 10.81
N GLU A 56 -25.39 -7.89 11.20
CA GLU A 56 -26.34 -7.08 11.97
C GLU A 56 -26.41 -7.46 13.46
N ALA A 57 -25.32 -8.04 13.96
CA ALA A 57 -25.24 -8.50 15.34
C ALA A 57 -25.62 -7.40 16.32
N ASP A 58 -26.63 -7.64 17.15
CA ASP A 58 -26.99 -6.64 18.14
C ASP A 58 -27.07 -7.12 19.58
N ASP A 59 -26.77 -8.40 19.88
CA ASP A 59 -26.57 -8.84 21.25
C ASP A 59 -25.20 -9.51 21.45
N ALA A 60 -24.81 -9.70 22.71
CA ALA A 60 -23.44 -10.13 23.09
C ALA A 60 -22.97 -11.41 22.38
N THR A 61 -23.86 -12.38 22.25
CA THR A 61 -23.51 -13.67 21.66
CA THR A 61 -23.50 -13.67 21.65
C THR A 61 -23.36 -13.56 20.14
N GLU A 62 -24.26 -12.83 19.48
CA GLU A 62 -24.15 -12.61 18.03
C GLU A 62 -22.87 -11.81 17.69
N ILE A 63 -22.63 -10.75 18.49
CA ILE A 63 -21.50 -9.89 18.31
C ILE A 63 -20.20 -10.65 18.57
N ALA A 64 -20.09 -11.40 19.68
CA ALA A 64 -18.92 -12.28 19.89
C ALA A 64 -18.67 -13.20 18.68
N GLY A 65 -19.72 -13.81 18.12
CA GLY A 65 -19.52 -14.66 16.94
C GLY A 65 -18.96 -13.93 15.72
N ASN A 66 -19.43 -12.68 15.53
CA ASN A 66 -19.07 -11.91 14.35
C ASN A 66 -17.63 -11.44 14.45
N ILE A 67 -17.20 -11.08 15.66
CA ILE A 67 -15.85 -10.68 15.90
C ILE A 67 -14.89 -11.85 15.55
N VAL A 68 -15.22 -13.06 16.05
CA VAL A 68 -14.40 -14.24 15.83
C VAL A 68 -14.42 -14.61 14.37
N TYR A 69 -15.55 -14.36 13.71
CA TYR A 69 -15.64 -14.54 12.28
C TYR A 69 -14.59 -13.67 11.56
N HIS A 70 -14.51 -12.40 11.91
CA HIS A 70 -13.52 -11.51 11.28
C HIS A 70 -12.09 -11.86 11.62
N ALA A 71 -11.84 -12.23 12.88
CA ALA A 71 -10.53 -12.72 13.34
C ALA A 71 -10.03 -13.86 12.46
N LYS A 72 -10.90 -14.81 12.19
CA LYS A 72 -10.57 -15.95 11.36
C LYS A 72 -10.59 -15.66 9.85
N TYR A 73 -11.63 -15.01 9.36
CA TYR A 73 -11.82 -14.93 7.91
C TYR A 73 -11.44 -13.55 7.32
N SER A 74 -11.10 -12.59 8.17
CA SER A 74 -10.52 -11.28 7.74
C SER A 74 -9.18 -11.14 8.45
N PRO A 75 -8.29 -12.13 8.29
CA PRO A 75 -7.09 -12.15 9.10
C PRO A 75 -6.05 -11.15 8.59
N HIS A 76 -5.24 -10.63 9.49
CA HIS A 76 -4.15 -9.73 9.17
C HIS A 76 -2.92 -10.16 9.96
N PHE A 77 -3.04 -11.34 10.59
CA PHE A 77 -2.08 -11.93 11.52
C PHE A 77 -2.07 -13.45 11.36
N SER A 78 -1.03 -14.08 11.89
CA SER A 78 -0.95 -15.52 11.96
C SER A 78 -2.13 -16.02 12.81
N PRO A 79 -2.68 -17.20 12.49
CA PRO A 79 -3.86 -17.69 13.25
C PRO A 79 -3.61 -18.08 14.73
N LEU A 80 -2.38 -18.23 15.16
CA LEU A 80 -2.16 -18.45 16.61
C LEU A 80 -2.59 -17.23 17.48
N LYS A 81 -2.26 -16.02 17.02
CA LYS A 81 -2.38 -14.79 17.82
C LYS A 81 -3.81 -14.23 17.93
N PHE A 82 -4.40 -14.25 19.14
CA PHE A 82 -5.59 -13.42 19.45
C PHE A 82 -5.39 -12.49 20.68
N GLY A 83 -4.40 -11.62 20.57
CA GLY A 83 -4.13 -10.60 21.57
C GLY A 83 -5.01 -9.39 21.40
N PRO A 84 -4.80 -8.41 22.30
CA PRO A 84 -5.63 -7.21 22.35
C PRO A 84 -5.66 -6.49 21.00
N GLU A 85 -4.51 -6.44 20.35
CA GLU A 85 -4.43 -5.76 19.08
C GLU A 85 -5.27 -6.46 18.03
N GLN A 86 -5.16 -7.78 17.94
CA GLN A 86 -5.96 -8.57 17.00
C GLN A 86 -7.45 -8.43 17.33
N ALA A 87 -7.76 -8.41 18.63
CA ALA A 87 -9.15 -8.19 19.10
C ALA A 87 -9.70 -6.85 18.66
N LEU A 88 -8.85 -5.82 18.74
CA LEU A 88 -9.20 -4.50 18.26
C LEU A 88 -9.58 -4.52 16.80
N TYR A 89 -8.73 -5.10 15.94
CA TYR A 89 -9.05 -5.11 14.57
C TYR A 89 -10.36 -5.89 14.28
N ALA A 90 -10.53 -7.03 14.94
CA ALA A 90 -11.74 -7.83 14.70
C ALA A 90 -13.04 -7.12 15.15
N THR A 91 -12.94 -6.38 16.24
CA THR A 91 -14.10 -5.65 16.82
C THR A 91 -14.44 -4.49 15.90
N ALA A 92 -13.42 -3.81 15.41
CA ALA A 92 -13.66 -2.72 14.48
C ALA A 92 -14.30 -3.22 13.19
N GLU A 93 -13.84 -4.37 12.70
CA GLU A 93 -14.38 -4.87 11.45
C GLU A 93 -15.83 -5.27 11.71
N SER A 94 -16.10 -5.81 12.90
CA SER A 94 -17.51 -6.17 13.24
C SER A 94 -18.42 -4.94 13.18
N LEU A 95 -17.92 -3.82 13.71
CA LEU A 95 -18.70 -2.59 13.68
C LEU A 95 -18.82 -2.00 12.27
N ARG A 96 -17.76 -2.12 11.47
CA ARG A 96 -17.77 -1.61 10.09
C ARG A 96 -18.82 -2.28 9.25
N ASP A 97 -19.10 -3.57 9.52
CA ASP A 97 -20.25 -4.28 8.93
C ASP A 97 -21.54 -3.45 9.07
N ARG A 98 -21.82 -2.97 10.28
CA ARG A 98 -23.06 -2.20 10.51
C ARG A 98 -22.95 -0.85 9.81
N LEU A 99 -21.75 -0.27 9.87
CA LEU A 99 -21.51 1.02 9.23
C LEU A 99 -21.68 0.95 7.70
N ILE A 100 -21.27 -0.14 7.08
CA ILE A 100 -21.45 -0.30 5.65
C ILE A 100 -22.92 -0.37 5.28
N GLN A 101 -23.69 -1.19 6.01
CA GLN A 101 -25.10 -1.30 5.75
C GLN A 101 -25.75 0.10 5.75
N LEU A 102 -25.50 0.87 6.80
CA LEU A 102 -26.07 2.20 6.94
C LEU A 102 -25.55 3.23 5.93
N TRP A 103 -24.26 3.13 5.57
CA TRP A 103 -23.66 4.02 4.60
C TRP A 103 -24.32 3.79 3.28
N ASN A 104 -24.55 2.51 3.00
CA ASN A 104 -25.15 2.12 1.75
C ASN A 104 -26.61 2.59 1.67
N GLU A 105 -27.37 2.32 2.72
CA GLU A 105 -28.79 2.77 2.80
C GLU A 105 -28.88 4.28 2.62
N THR A 106 -27.99 4.99 3.31
CA THR A 106 -27.89 6.44 3.20
C THR A 106 -27.55 6.94 1.78
N TYR A 107 -26.55 6.33 1.14
CA TYR A 107 -26.17 6.68 -0.20
C TYR A 107 -27.35 6.53 -1.14
N VAL A 108 -28.04 5.41 -1.05
CA VAL A 108 -29.15 5.10 -1.94
C VAL A 108 -30.31 6.08 -1.74
N HIS A 109 -30.58 6.38 -0.50
CA HIS A 109 -31.63 7.32 -0.17
C HIS A 109 -31.35 8.71 -0.73
N PHE A 110 -30.13 9.23 -0.49
CA PHE A 110 -29.74 10.55 -1.03
C PHE A 110 -29.79 10.52 -2.57
N ASN A 111 -29.44 9.38 -3.16
CA ASN A 111 -29.52 9.24 -4.61
C ASN A 111 -30.93 9.37 -5.18
N LYS A 112 -31.88 8.70 -4.51
CA LYS A 112 -33.28 8.69 -4.91
C LYS A 112 -33.90 10.08 -4.71
N VAL A 113 -33.54 10.74 -3.61
CA VAL A 113 -34.14 12.02 -3.28
C VAL A 113 -33.56 13.19 -4.05
N ASP A 114 -32.27 13.11 -4.39
CA ASP A 114 -31.55 14.17 -5.08
C ASP A 114 -31.71 15.48 -4.30
N PRO A 115 -31.38 15.46 -2.99
CA PRO A 115 -31.47 16.69 -2.23
C PRO A 115 -30.32 17.60 -2.57
N LYS A 116 -30.43 18.87 -2.23
CA LYS A 116 -29.23 19.71 -2.20
C LYS A 116 -28.27 19.13 -1.16
N GLN A 117 -27.00 18.99 -1.50
CA GLN A 117 -26.03 18.35 -0.63
C GLN A 117 -24.82 19.26 -0.38
N THR A 118 -24.37 19.35 0.86
CA THR A 118 -23.24 20.17 1.21
C THR A 118 -21.97 19.32 1.14
N TYR A 119 -20.88 19.90 0.64
CA TYR A 119 -19.57 19.25 0.69
C TYR A 119 -18.56 20.12 1.38
N TYR A 120 -18.03 19.57 2.46
CA TYR A 120 -17.16 20.36 3.31
C TYR A 120 -15.68 20.07 2.94
N LEU A 121 -14.96 21.09 2.51
CA LEU A 121 -13.54 20.95 2.11
C LEU A 121 -12.67 21.42 3.25
N SER A 122 -11.85 20.51 3.76
CA SER A 122 -10.88 20.82 4.84
C SER A 122 -9.54 20.10 4.60
N MET A 123 -8.43 20.81 4.88
CA MET A 123 -7.04 20.24 4.83
C MET A 123 -6.71 19.47 6.09
N GLU A 124 -7.63 19.43 7.05
CA GLU A 124 -7.46 18.64 8.27
C GLU A 124 -8.78 18.08 8.78
N TYR A 125 -8.72 16.88 9.35
CA TYR A 125 -9.80 16.27 10.11
C TYR A 125 -9.10 15.66 11.30
N LEU A 126 -9.48 16.02 12.53
CA LEU A 126 -9.02 15.33 13.69
C LEU A 126 -10.00 14.23 14.19
N GLN A 127 -10.05 13.13 13.45
CA GLN A 127 -10.99 12.08 13.73
C GLN A 127 -10.82 11.38 15.07
N GLY A 128 -9.59 11.31 15.59
CA GLY A 128 -9.30 10.60 16.84
C GLY A 128 -9.52 9.10 16.62
N ARG A 129 -9.80 8.42 17.70
CA ARG A 129 -10.19 7.01 17.69
CA ARG A 129 -10.20 7.02 17.68
C ARG A 129 -11.67 6.89 17.36
N ALA A 130 -12.00 5.85 16.60
CA ALA A 130 -13.36 5.61 16.12
C ALA A 130 -14.19 4.62 16.93
N LEU A 131 -13.57 3.75 17.74
CA LEU A 131 -14.27 2.58 18.33
C LEU A 131 -15.43 2.96 19.29
N THR A 132 -15.09 3.69 20.36
CA THR A 132 -16.02 4.16 21.32
C THR A 132 -17.18 4.98 20.70
N ASN A 133 -16.85 5.92 19.84
CA ASN A 133 -17.84 6.68 19.12
C ASN A 133 -18.77 5.85 18.24
N ALA A 134 -18.22 4.82 17.58
CA ALA A 134 -19.03 4.00 16.71
C ALA A 134 -20.00 3.16 17.54
N ILE A 135 -19.52 2.57 18.62
CA ILE A 135 -20.33 1.78 19.48
C ILE A 135 -21.43 2.64 20.11
N GLY A 136 -21.07 3.87 20.49
CA GLY A 136 -21.97 4.80 21.16
C GLY A 136 -23.08 5.27 20.23
N ASN A 137 -22.73 5.72 19.05
CA ASN A 137 -23.76 6.19 18.10
C ASN A 137 -24.72 5.07 17.63
N LEU A 138 -24.24 3.83 17.61
CA LEU A 138 -25.09 2.69 17.26
C LEU A 138 -25.81 2.17 18.50
N ASN A 139 -25.59 2.86 19.62
CA ASN A 139 -26.14 2.47 20.87
C ASN A 139 -25.99 0.97 21.10
N LEU A 140 -24.76 0.50 20.97
CA LEU A 140 -24.40 -0.89 21.25
C LEU A 140 -23.35 -1.07 22.36
N GLN A 141 -23.27 -0.15 23.31
CA GLN A 141 -22.30 -0.22 24.43
C GLN A 141 -22.32 -1.48 25.27
N GLY A 142 -23.50 -1.80 25.80
CA GLY A 142 -23.66 -2.98 26.62
C GLY A 142 -23.32 -4.25 25.85
N PRO A 143 -23.97 -4.46 24.71
CA PRO A 143 -23.73 -5.72 23.96
C PRO A 143 -22.24 -5.95 23.54
N TYR A 144 -21.57 -4.89 23.09
CA TYR A 144 -20.13 -4.99 22.75
C TYR A 144 -19.25 -5.21 23.95
N ALA A 145 -19.55 -4.58 25.09
CA ALA A 145 -18.70 -4.77 26.30
C ALA A 145 -18.85 -6.20 26.81
N ASP A 146 -20.06 -6.70 26.72
CA ASP A 146 -20.33 -8.07 27.10
C ASP A 146 -19.67 -9.05 26.11
N ALA A 147 -19.79 -8.78 24.82
CA ALA A 147 -19.16 -9.65 23.80
C ALA A 147 -17.66 -9.80 24.04
N LEU A 148 -16.98 -8.69 24.28
CA LEU A 148 -15.53 -8.73 24.50
C LEU A 148 -15.19 -9.43 25.80
N ARG A 149 -16.06 -9.31 26.79
CA ARG A 149 -15.85 -10.02 28.06
C ARG A 149 -15.93 -11.53 27.85
N THR A 150 -16.86 -11.97 27.02
CA THR A 150 -16.97 -13.41 26.74
C THR A 150 -15.73 -13.89 25.97
N LEU A 151 -15.09 -12.99 25.23
CA LEU A 151 -13.88 -13.33 24.49
C LEU A 151 -12.62 -13.09 25.30
N GLY A 152 -12.76 -12.76 26.59
CA GLY A 152 -11.65 -12.62 27.52
C GLY A 152 -11.04 -11.23 27.70
N TYR A 153 -11.68 -10.20 27.17
CA TYR A 153 -11.18 -8.82 27.27
C TYR A 153 -12.17 -7.82 27.88
N GLU A 154 -11.61 -6.78 28.51
CA GLU A 154 -12.33 -5.54 28.79
C GLU A 154 -12.28 -4.62 27.57
N LEU A 155 -13.40 -4.04 27.22
CA LEU A 155 -13.48 -3.13 26.09
C LEU A 155 -12.44 -2.02 26.21
N GLU A 156 -12.24 -1.47 27.40
CA GLU A 156 -11.23 -0.43 27.66
C GLU A 156 -9.87 -0.79 27.11
N GLU A 157 -9.39 -2.01 27.40
CA GLU A 157 -8.06 -2.43 26.93
C GLU A 157 -7.99 -2.51 25.41
N ILE A 158 -8.99 -3.09 24.78
CA ILE A 158 -9.08 -3.12 23.32
C ILE A 158 -9.06 -1.69 22.79
N ALA A 159 -9.86 -0.80 23.42
CA ALA A 159 -9.97 0.60 23.00
C ALA A 159 -8.62 1.31 22.93
N GLU A 160 -7.74 0.96 23.88
CA GLU A 160 -6.44 1.58 24.01
C GLU A 160 -5.47 1.19 22.92
N GLN A 161 -5.73 0.06 22.24
CA GLN A 161 -4.92 -0.35 21.10
C GLN A 161 -5.08 0.50 19.87
N GLU A 162 -6.17 1.26 19.76
CA GLU A 162 -6.45 1.96 18.51
C GLU A 162 -5.57 3.18 18.39
N LYS A 163 -4.96 3.36 17.22
CA LYS A 163 -4.21 4.57 16.92
C LYS A 163 -5.17 5.61 16.41
N ASP A 164 -5.01 6.86 16.88
CA ASP A 164 -5.80 7.97 16.30
C ASP A 164 -5.56 8.09 14.81
N ALA A 165 -6.60 8.40 14.03
CA ALA A 165 -6.39 8.68 12.63
C ALA A 165 -5.63 10.02 12.48
N ALA A 166 -4.43 9.98 11.93
CA ALA A 166 -3.52 11.15 11.93
C ALA A 166 -3.81 11.99 10.69
N LEU A 167 -4.98 12.61 10.68
CA LEU A 167 -5.52 13.22 9.48
C LEU A 167 -5.63 14.73 9.66
N GLY A 168 -5.19 15.20 10.83
CA GLY A 168 -5.28 16.61 11.17
C GLY A 168 -4.25 16.94 12.20
N ASN A 169 -4.24 18.20 12.64
CA ASN A 169 -3.28 18.70 13.61
C ASN A 169 -4.00 19.40 14.76
N GLY A 170 -4.79 20.40 14.42
CA GLY A 170 -5.36 21.32 15.43
C GLY A 170 -6.86 21.57 15.36
N GLY A 171 -7.26 22.70 15.94
CA GLY A 171 -8.66 23.06 16.06
C GLY A 171 -9.44 23.14 14.77
N LEU A 172 -8.78 23.55 13.68
CA LEU A 172 -9.44 23.59 12.36
C LEU A 172 -9.94 22.17 12.04
N GLY A 173 -9.11 21.16 12.39
CA GLY A 173 -9.41 19.80 12.05
C GLY A 173 -10.37 19.17 12.99
N ARG A 174 -10.34 19.52 14.25
CA ARG A 174 -11.29 18.95 15.16
C ARG A 174 -12.66 19.57 14.95
N LEU A 175 -12.69 20.84 14.58
CA LEU A 175 -13.98 21.49 14.20
C LEU A 175 -14.59 20.72 13.05
N ALA A 176 -13.81 20.48 12.02
CA ALA A 176 -14.26 19.68 10.87
C ALA A 176 -14.84 18.34 11.33
N SER A 177 -14.14 17.64 12.22
CA SER A 177 -14.56 16.36 12.73
C SER A 177 -15.89 16.46 13.56
N CYS A 178 -15.99 17.48 14.40
CA CYS A 178 -17.24 17.75 15.11
C CYS A 178 -18.41 18.00 14.13
N PHE A 179 -18.16 18.81 13.12
CA PHE A 179 -19.19 19.12 12.14
C PHE A 179 -19.73 17.87 11.43
N LEU A 180 -18.83 16.95 11.06
CA LEU A 180 -19.24 15.67 10.46
C LEU A 180 -20.22 14.90 11.38
N ASP A 181 -19.90 14.80 12.66
CA ASP A 181 -20.79 14.15 13.64
C ASP A 181 -22.17 14.82 13.72
N SER A 182 -22.20 16.15 13.72
CA SER A 182 -23.45 16.89 13.76
C SER A 182 -24.23 16.81 12.45
N MET A 183 -23.54 16.83 11.30
CA MET A 183 -24.23 16.57 10.00
C MET A 183 -24.96 15.22 10.00
N ALA A 184 -24.27 14.19 10.45
CA ALA A 184 -24.87 12.84 10.52
C ALA A 184 -26.05 12.81 11.47
N THR A 185 -25.90 13.38 12.65
CA THR A 185 -26.92 13.33 13.69
C THR A 185 -28.21 14.13 13.32
N LEU A 186 -28.02 15.26 12.66
CA LEU A 186 -29.11 16.11 12.21
C LEU A 186 -29.71 15.64 10.89
N ASN A 187 -29.28 14.47 10.40
CA ASN A 187 -29.78 13.87 9.16
C ASN A 187 -29.58 14.73 7.91
N LEU A 188 -28.51 15.56 7.90
CA LEU A 188 -28.26 16.46 6.78
C LEU A 188 -27.58 15.73 5.65
N PRO A 189 -28.00 16.00 4.41
CA PRO A 189 -27.22 15.53 3.29
C PRO A 189 -25.92 16.33 3.16
N ALA A 190 -24.85 15.83 3.78
CA ALA A 190 -23.60 16.55 3.83
C ALA A 190 -22.48 15.56 4.00
N TRP A 191 -21.35 15.85 3.34
CA TRP A 191 -20.12 15.09 3.40
C TRP A 191 -18.93 15.97 3.68
N GLY A 192 -17.87 15.36 4.19
CA GLY A 192 -16.54 16.01 4.20
C GLY A 192 -15.63 15.35 3.15
N TYR A 193 -14.77 16.15 2.54
CA TYR A 193 -13.64 15.67 1.75
C TYR A 193 -12.31 16.09 2.46
N GLY A 194 -11.33 15.19 2.42
CA GLY A 194 -9.99 15.41 2.99
C GLY A 194 -8.93 14.57 2.29
N LEU A 195 -7.67 14.78 2.68
CA LEU A 195 -6.54 14.03 2.20
C LEU A 195 -6.26 12.94 3.16
N ARG A 196 -5.92 11.80 2.60
CA ARG A 196 -5.49 10.63 3.42
C ARG A 196 -3.99 10.72 3.75
N TYR A 197 -3.67 11.46 4.78
CA TYR A 197 -2.27 11.68 5.14
C TYR A 197 -1.80 10.40 5.77
N ARG A 198 -0.60 9.95 5.38
CA ARG A 198 -0.02 8.72 5.91
CA ARG A 198 -0.01 8.72 5.92
C ARG A 198 0.59 8.97 7.29
N HIS A 199 1.28 10.10 7.46
CA HIS A 199 2.08 10.33 8.67
C HIS A 199 1.73 11.49 9.59
N GLY A 200 0.54 12.04 9.42
CA GLY A 200 0.02 13.14 10.26
C GLY A 200 0.88 14.36 10.15
N LEU A 201 1.06 15.06 11.27
CA LEU A 201 2.01 16.15 11.38
C LEU A 201 3.23 15.53 11.98
N PHE A 202 3.09 15.07 13.20
CA PHE A 202 4.10 14.20 13.81
C PHE A 202 3.62 13.66 15.11
N LYS A 203 4.19 12.51 15.49
CA LYS A 203 4.13 12.01 16.83
C LYS A 203 5.21 12.68 17.65
N GLN A 204 4.81 13.20 18.81
CA GLN A 204 5.71 13.91 19.67
C GLN A 204 6.21 12.93 20.68
N ILE A 205 7.53 12.85 20.80
CA ILE A 205 8.22 12.10 21.89
C ILE A 205 8.90 13.11 22.73
N ILE A 206 9.02 12.82 24.00
CA ILE A 206 9.78 13.66 24.86
C ILE A 206 11.03 12.89 25.32
N THR A 207 12.20 13.42 24.99
CA THR A 207 13.51 12.93 25.45
C THR A 207 14.17 14.00 26.29
N LYS A 208 15.38 13.73 26.75
CA LYS A 208 16.20 14.66 27.53
C LYS A 208 16.39 15.99 26.78
N LYS A 209 16.34 15.94 25.45
CA LYS A 209 16.44 17.14 24.61
C LYS A 209 15.10 17.89 24.48
N GLY A 210 14.04 17.34 25.08
CA GLY A 210 12.69 17.88 24.95
C GLY A 210 11.87 17.20 23.86
N GLN A 211 11.20 18.01 23.06
CA GLN A 211 10.47 17.48 21.94
C GLN A 211 11.33 16.92 20.79
N GLU A 212 10.98 15.73 20.35
CA GLU A 212 11.48 15.16 19.13
C GLU A 212 10.30 14.69 18.29
N GLU A 213 10.48 14.74 16.99
CA GLU A 213 9.35 14.55 16.09
C GLU A 213 9.53 13.31 15.26
N ILE A 214 8.53 12.43 15.29
CA ILE A 214 8.59 11.19 14.50
C ILE A 214 7.33 11.01 13.67
N PRO A 215 7.43 10.38 12.48
CA PRO A 215 6.26 10.20 11.68
C PRO A 215 5.21 9.34 12.39
N GLU A 216 3.92 9.65 12.21
CA GLU A 216 2.83 8.84 12.76
C GLU A 216 2.83 7.53 11.95
N ASP A 217 2.33 6.48 12.58
CA ASP A 217 2.31 5.15 11.99
C ASP A 217 0.92 4.49 11.99
N TRP A 218 -0.14 5.29 12.11
CA TRP A 218 -1.49 4.72 12.12
C TRP A 218 -1.84 3.85 10.92
N LEU A 219 -1.16 4.01 9.79
CA LEU A 219 -1.52 3.24 8.57
C LEU A 219 -0.46 2.23 8.25
N GLU A 220 0.42 1.92 9.20
CA GLU A 220 1.51 1.06 8.81
C GLU A 220 1.12 -0.41 8.80
N LYS A 221 0.02 -0.75 9.47
CA LYS A 221 -0.62 -2.05 9.27
C LYS A 221 -1.83 -1.78 8.38
N PHE A 222 -2.95 -1.36 8.99
CA PHE A 222 -4.09 -0.87 8.19
C PHE A 222 -5.07 -0.14 9.10
N SER A 223 -6.00 0.59 8.50
CA SER A 223 -7.11 1.17 9.24
C SER A 223 -8.34 0.33 8.98
N PRO A 224 -8.95 -0.23 10.04
CA PRO A 224 -10.12 -1.04 9.76
C PRO A 224 -11.40 -0.23 9.46
N TRP A 225 -11.37 1.10 9.59
CA TRP A 225 -12.57 1.89 9.38
C TRP A 225 -12.84 2.21 7.95
N GLU A 226 -11.79 2.32 7.13
CA GLU A 226 -11.95 2.92 5.81
C GLU A 226 -12.36 1.89 4.77
N ILE A 227 -12.99 2.38 3.72
CA ILE A 227 -13.44 1.55 2.64
C ILE A 227 -12.87 2.18 1.36
N VAL A 228 -11.97 1.45 0.70
CA VAL A 228 -11.36 1.87 -0.53
C VAL A 228 -12.41 1.69 -1.66
N ARG A 229 -12.41 2.63 -2.59
CA ARG A 229 -13.31 2.63 -3.77
C ARG A 229 -12.48 2.69 -5.04
N HIS A 230 -12.11 1.53 -5.53
CA HIS A 230 -11.18 1.46 -6.64
C HIS A 230 -11.76 1.95 -7.95
N ASP A 231 -13.09 2.08 -8.03
CA ASP A 231 -13.77 2.71 -9.21
C ASP A 231 -13.83 4.24 -9.12
N VAL A 232 -13.58 4.81 -7.94
CA VAL A 232 -13.63 6.26 -7.79
C VAL A 232 -12.17 6.85 -7.86
N VAL A 233 -11.70 7.03 -9.06
CA VAL A 233 -10.36 7.57 -9.33
C VAL A 233 -10.46 8.73 -10.31
N PHE A 234 -9.87 9.88 -9.95
CA PHE A 234 -9.83 11.05 -10.82
C PHE A 234 -8.38 11.53 -11.09
N PRO A 235 -8.12 11.98 -12.34
CA PRO A 235 -6.80 12.52 -12.70
C PRO A 235 -6.64 13.94 -12.16
N VAL A 236 -5.48 14.23 -11.60
CA VAL A 236 -5.20 15.57 -11.10
C VAL A 236 -3.86 16.00 -11.77
N ARG A 237 -3.86 17.16 -12.42
CA ARG A 237 -2.68 17.68 -13.13
C ARG A 237 -1.88 18.68 -12.34
N PHE A 238 -0.60 18.80 -12.68
CA PHE A 238 0.31 19.79 -12.10
C PHE A 238 1.30 20.25 -13.17
N PHE A 239 1.67 21.52 -13.09
CA PHE A 239 2.61 22.16 -14.03
C PHE A 239 1.94 22.25 -15.41
N GLY A 240 2.66 21.91 -16.45
CA GLY A 240 2.03 21.84 -17.77
C GLY A 240 1.81 23.23 -18.34
N LYS A 241 0.87 23.33 -19.29
CA LYS A 241 0.62 24.60 -19.99
C LYS A 241 -0.80 24.61 -20.54
N VAL A 242 -1.20 25.73 -21.14
CA VAL A 242 -2.59 25.91 -21.58
C VAL A 242 -2.60 25.90 -23.11
N GLN A 243 -3.39 25.01 -23.65
CA GLN A 243 -3.63 24.92 -25.07
C GLN A 243 -4.88 25.72 -25.41
N VAL A 244 -4.73 26.61 -26.38
CA VAL A 244 -5.84 27.33 -26.95
C VAL A 244 -6.24 26.65 -28.25
N ASN A 245 -7.52 26.27 -28.34
CA ASN A 245 -8.09 25.60 -29.51
C ASN A 245 -8.65 26.64 -30.49
N PRO A 246 -8.74 26.29 -31.79
CA PRO A 246 -9.35 27.16 -32.80
C PRO A 246 -10.75 27.68 -32.45
N ASP A 247 -11.54 26.88 -31.73
CA ASP A 247 -12.88 27.31 -31.31
C ASP A 247 -12.91 28.22 -30.07
N GLY A 248 -11.74 28.67 -29.60
CA GLY A 248 -11.63 29.54 -28.42
C GLY A 248 -11.60 28.81 -27.08
N SER A 249 -11.97 27.54 -27.08
CA SER A 249 -11.88 26.78 -25.87
C SER A 249 -10.40 26.63 -25.50
N ARG A 250 -10.17 26.38 -24.22
CA ARG A 250 -8.84 26.25 -23.67
C ARG A 250 -8.78 24.91 -22.93
N LYS A 251 -7.61 24.33 -22.89
CA LYS A 251 -7.43 23.03 -22.25
C LYS A 251 -6.07 22.99 -21.56
N TRP A 252 -6.06 22.62 -20.28
CA TRP A 252 -4.81 22.40 -19.58
C TRP A 252 -4.26 21.08 -20.04
N VAL A 253 -3.01 21.11 -20.46
CA VAL A 253 -2.37 19.93 -21.02
C VAL A 253 -0.95 19.74 -20.45
N ASP A 254 -0.37 18.58 -20.70
CA ASP A 254 1.03 18.29 -20.34
C ASP A 254 1.27 18.31 -18.82
N GLY A 255 2.51 18.46 -18.38
CA GLY A 255 2.83 18.42 -16.95
C GLY A 255 2.77 17.01 -16.35
N ASP A 256 2.67 16.94 -15.02
CA ASP A 256 2.48 15.69 -14.31
C ASP A 256 0.97 15.39 -14.12
N VAL A 257 0.61 14.13 -14.20
CA VAL A 257 -0.75 13.73 -13.86
C VAL A 257 -0.73 12.64 -12.82
N VAL A 258 -1.37 12.88 -11.67
CA VAL A 258 -1.47 11.86 -10.61
C VAL A 258 -2.91 11.34 -10.57
N GLN A 259 -3.08 10.18 -9.96
CA GLN A 259 -4.39 9.59 -9.78
C GLN A 259 -4.86 9.91 -8.37
N ALA A 260 -6.12 10.31 -8.23
CA ALA A 260 -6.75 10.58 -6.92
C ALA A 260 -7.72 9.43 -6.61
N LEU A 261 -7.34 8.59 -5.64
CA LEU A 261 -8.17 7.39 -5.23
C LEU A 261 -8.92 7.66 -3.91
N ALA A 262 -10.20 7.36 -3.93
CA ALA A 262 -11.11 7.59 -2.81
C ALA A 262 -11.16 6.47 -1.79
N TYR A 263 -11.13 6.86 -0.53
CA TYR A 263 -11.44 6.02 0.61
C TYR A 263 -12.52 6.66 1.44
N ASP A 264 -13.59 5.94 1.72
CA ASP A 264 -14.66 6.46 2.55
C ASP A 264 -14.41 6.05 3.98
N VAL A 265 -14.63 7.00 4.88
CA VAL A 265 -14.67 6.74 6.29
C VAL A 265 -16.17 7.06 6.76
N PRO A 266 -16.95 6.02 7.11
CA PRO A 266 -18.36 6.16 7.49
C PRO A 266 -18.54 6.97 8.73
N ILE A 267 -19.43 7.97 8.69
CA ILE A 267 -19.64 8.77 9.95
C ILE A 267 -21.08 8.56 10.44
N PRO A 268 -21.27 7.75 11.49
CA PRO A 268 -22.66 7.42 11.91
C PRO A 268 -23.24 8.51 12.79
N GLY A 269 -24.52 8.80 12.60
CA GLY A 269 -25.23 9.75 13.44
C GLY A 269 -25.69 9.15 14.75
N TYR A 270 -25.88 9.98 15.76
CA TYR A 270 -26.45 9.55 17.01
C TYR A 270 -27.97 9.41 16.91
N GLY A 271 -28.48 8.22 17.23
CA GLY A 271 -29.92 7.96 17.21
C GLY A 271 -30.56 8.07 15.83
N THR A 272 -29.82 7.69 14.79
CA THR A 272 -30.34 7.74 13.43
C THR A 272 -29.61 6.71 12.61
N LYS A 273 -30.27 6.21 11.56
CA LYS A 273 -29.62 5.41 10.53
C LYS A 273 -28.67 6.21 9.65
N ASN A 274 -28.89 7.52 9.53
CA ASN A 274 -28.10 8.38 8.68
C ASN A 274 -26.59 8.26 8.94
N THR A 275 -25.90 7.72 7.95
CA THR A 275 -24.44 7.55 7.99
C THR A 275 -23.82 8.19 6.75
N ILE A 276 -23.08 9.29 6.96
CA ILE A 276 -22.50 10.08 5.85
C ILE A 276 -21.00 9.70 5.70
N SER A 277 -20.30 10.36 4.79
CA SER A 277 -18.91 10.08 4.50
C SER A 277 -17.97 11.23 4.75
N LEU A 278 -16.82 10.88 5.32
CA LEU A 278 -15.56 11.65 5.15
C LEU A 278 -14.83 10.89 4.02
N ARG A 279 -14.90 11.41 2.80
CA ARG A 279 -14.22 10.82 1.68
C ARG A 279 -12.81 11.41 1.56
N LEU A 280 -11.83 10.53 1.60
CA LEU A 280 -10.40 10.91 1.69
C LEU A 280 -9.68 10.51 0.46
N TRP A 281 -8.74 11.35 0.04
CA TRP A 281 -7.99 11.08 -1.20
C TRP A 281 -6.59 10.62 -0.95
N GLU A 282 -6.20 9.57 -1.69
CA GLU A 282 -4.84 9.13 -1.79
C GLU A 282 -4.29 9.51 -3.16
N ALA A 283 -3.11 10.16 -3.21
CA ALA A 283 -2.42 10.48 -4.49
C ALA A 283 -1.60 9.29 -4.89
N LYS A 284 -1.81 8.86 -6.12
CA LYS A 284 -1.16 7.64 -6.63
C LYS A 284 -0.62 7.85 -8.03
N ALA A 285 0.54 7.25 -8.31
CA ALA A 285 0.97 7.08 -9.69
C ALA A 285 0.40 5.77 -10.22
N ARG A 286 0.31 5.62 -11.54
CA ARG A 286 0.00 4.37 -12.16
C ARG A 286 1.28 3.53 -12.28
N ALA A 287 1.12 2.20 -12.39
CA ALA A 287 2.27 1.31 -12.70
C ALA A 287 2.96 1.79 -13.98
N GLU A 288 2.18 2.20 -14.98
CA GLU A 288 2.75 2.70 -16.24
C GLU A 288 3.58 3.98 -16.07
N ASP A 289 3.48 4.67 -14.96
CA ASP A 289 4.36 5.80 -14.70
C ASP A 289 5.80 5.45 -14.25
N LEU A 290 6.05 4.21 -13.87
CA LEU A 290 7.43 3.78 -13.57
C LEU A 290 8.17 3.62 -14.91
N ASP A 291 9.32 4.28 -15.08
CA ASP A 291 10.10 4.14 -16.31
C ASP A 291 11.04 2.93 -16.17
N LEU A 292 10.72 1.80 -16.83
CA LEU A 292 11.57 0.60 -16.68
C LEU A 292 12.95 0.73 -17.24
N PHE A 293 13.08 1.43 -18.37
CA PHE A 293 14.42 1.69 -18.91
C PHE A 293 15.31 2.32 -17.86
N GLN A 294 14.81 3.38 -17.22
CA GLN A 294 15.61 4.09 -16.23
CA GLN A 294 15.61 4.10 -16.22
C GLN A 294 15.89 3.20 -15.03
N PHE A 295 14.88 2.44 -14.60
CA PHE A 295 15.05 1.51 -13.49
C PHE A 295 16.13 0.49 -13.78
N ASN A 296 16.08 -0.07 -14.98
CA ASN A 296 17.03 -1.08 -15.35
C ASN A 296 18.44 -0.53 -15.65
N GLU A 297 18.58 0.80 -15.77
CA GLU A 297 19.88 1.48 -15.87
C GLU A 297 20.47 1.85 -14.50
N GLY A 298 19.70 1.61 -13.45
CA GLY A 298 20.14 1.86 -12.09
C GLY A 298 19.81 3.26 -11.63
N GLU A 299 18.97 3.99 -12.38
CA GLU A 299 18.51 5.33 -12.04
C GLU A 299 17.15 5.26 -11.34
N TYR A 300 17.17 4.77 -10.11
CA TYR A 300 15.94 4.41 -9.38
C TYR A 300 15.07 5.63 -9.06
N GLU A 301 15.72 6.73 -8.68
CA GLU A 301 14.99 7.97 -8.33
C GLU A 301 14.29 8.58 -9.55
N LEU A 302 15.00 8.71 -10.66
CA LEU A 302 14.42 9.20 -11.90
C LEU A 302 13.29 8.26 -12.33
N ALA A 303 13.50 6.96 -12.21
CA ALA A 303 12.53 5.98 -12.69
C ALA A 303 11.18 6.12 -12.04
N ALA A 304 11.21 6.41 -10.75
CA ALA A 304 10.01 6.47 -9.93
C ALA A 304 9.62 7.90 -9.53
N GLN A 305 10.01 8.88 -10.33
CA GLN A 305 9.87 10.26 -9.84
C GLN A 305 8.38 10.66 -9.72
N LEU A 306 7.53 10.20 -10.64
CA LEU A 306 6.08 10.43 -10.48
C LEU A 306 5.48 9.77 -9.22
N HIS A 307 5.85 8.52 -8.95
CA HIS A 307 5.40 7.83 -7.75
CA HIS A 307 5.42 7.83 -7.72
C HIS A 307 5.87 8.62 -6.52
N SER A 308 7.09 9.16 -6.56
CA SER A 308 7.65 9.91 -5.40
C SER A 308 6.90 11.25 -5.23
N ARG A 309 6.62 11.92 -6.34
CA ARG A 309 5.84 13.16 -6.24
C ARG A 309 4.43 12.86 -5.78
N ALA A 310 3.85 11.73 -6.18
CA ALA A 310 2.50 11.35 -5.67
C ALA A 310 2.56 11.10 -4.18
N GLN A 311 3.54 10.32 -3.73
CA GLN A 311 3.65 9.99 -2.30
C GLN A 311 3.86 11.18 -1.40
N GLN A 312 4.67 12.13 -1.86
CA GLN A 312 4.90 13.41 -1.15
C GLN A 312 3.62 14.19 -0.80
N ILE A 313 2.67 14.20 -1.70
CA ILE A 313 1.38 14.86 -1.49
C ILE A 313 0.67 14.40 -0.19
N CYS A 314 0.72 13.11 0.11
CA CYS A 314 0.04 12.56 1.28
C CYS A 314 0.99 12.13 2.40
N THR A 315 2.19 12.66 2.47
CA THR A 315 3.18 12.22 3.52
C THR A 315 2.87 12.85 4.86
N VAL A 316 2.90 14.19 4.93
CA VAL A 316 2.56 14.91 6.16
C VAL A 316 1.65 16.07 5.87
N LEU A 317 0.99 16.54 6.95
CA LEU A 317 0.26 17.80 6.93
C LEU A 317 1.28 18.92 7.02
N TYR A 318 0.97 20.04 6.36
CA TYR A 318 1.76 21.27 6.47
C TYR A 318 3.27 21.01 6.28
N PRO A 319 3.67 20.44 5.14
CA PRO A 319 5.10 20.21 4.98
C PRO A 319 5.88 21.54 4.95
N GLY A 320 7.05 21.58 5.58
CA GLY A 320 7.88 22.80 5.66
C GLY A 320 7.96 23.54 4.34
N ASP A 321 7.63 24.82 4.34
CA ASP A 321 7.60 25.58 3.11
C ASP A 321 8.52 26.82 3.03
N ALA A 322 9.64 26.82 3.75
CA ALA A 322 10.71 27.83 3.54
C ALA A 322 11.33 27.86 2.12
N THR A 323 11.35 26.73 1.42
CA THR A 323 11.99 26.64 0.13
C THR A 323 10.90 26.58 -0.91
N GLU A 324 11.27 26.79 -2.17
CA GLU A 324 10.35 26.72 -3.31
C GLU A 324 9.67 25.34 -3.44
N ASN A 325 10.45 24.27 -3.25
CA ASN A 325 9.94 22.89 -3.21
C ASN A 325 8.77 22.69 -2.28
N GLY A 326 8.88 23.24 -1.07
CA GLY A 326 7.87 23.05 -0.05
C GLY A 326 6.64 23.90 -0.32
N LYS A 327 6.85 25.07 -0.87
CA LYS A 327 5.75 25.94 -1.23
C LYS A 327 4.94 25.27 -2.34
N LEU A 328 5.64 24.76 -3.33
CA LEU A 328 5.01 23.99 -4.37
C LEU A 328 4.30 22.73 -3.82
N LEU A 329 4.85 22.04 -2.81
CA LEU A 329 4.21 20.84 -2.31
C LEU A 329 2.89 21.18 -1.56
N ARG A 330 2.93 22.21 -0.73
CA ARG A 330 1.73 22.66 -0.10
C ARG A 330 0.67 23.05 -1.08
N LEU A 331 1.05 23.79 -2.11
CA LEU A 331 0.07 24.12 -3.17
C LEU A 331 -0.51 22.90 -3.88
N LYS A 332 0.36 21.93 -4.19
CA LYS A 332 -0.09 20.67 -4.80
C LYS A 332 -1.13 19.92 -3.93
N GLN A 333 -0.90 19.84 -2.62
CA GLN A 333 -1.86 19.25 -1.68
C GLN A 333 -3.22 19.97 -1.75
N GLN A 334 -3.22 21.29 -1.69
CA GLN A 334 -4.53 22.04 -1.76
C GLN A 334 -5.23 21.82 -3.12
N PHE A 335 -4.47 21.91 -4.18
CA PHE A 335 -5.06 21.66 -5.49
C PHE A 335 -5.62 20.24 -5.66
N PHE A 336 -4.87 19.25 -5.18
CA PHE A 336 -5.25 17.87 -5.26
C PHE A 336 -6.56 17.67 -4.53
N LEU A 337 -6.68 18.16 -3.29
CA LEU A 337 -7.97 18.08 -2.56
C LEU A 337 -9.14 18.64 -3.39
N CYS A 338 -8.93 19.85 -3.84
CA CYS A 338 -9.93 20.63 -4.56
C CYS A 338 -10.35 19.96 -5.82
N SER A 339 -9.41 19.63 -6.67
CA SER A 339 -9.73 19.02 -8.00
C SER A 339 -10.40 17.65 -7.89
N ALA A 340 -9.86 16.74 -7.05
CA ALA A 340 -10.46 15.41 -6.86
C ALA A 340 -11.88 15.52 -6.30
N SER A 341 -12.05 16.37 -5.28
CA SER A 341 -13.34 16.55 -4.67
C SER A 341 -14.38 17.08 -5.68
N LEU A 342 -14.03 18.09 -6.45
CA LEU A 342 -14.98 18.71 -7.35
C LEU A 342 -15.33 17.82 -8.50
N GLN A 343 -14.35 17.09 -9.04
CA GLN A 343 -14.66 16.09 -10.06
C GLN A 343 -15.70 15.05 -9.52
N ASP A 344 -15.53 14.62 -8.28
CA ASP A 344 -16.41 13.63 -7.65
C ASP A 344 -17.84 14.23 -7.48
N ILE A 345 -17.91 15.47 -7.01
CA ILE A 345 -19.17 16.18 -6.79
C ILE A 345 -19.94 16.32 -8.11
N ILE A 346 -19.21 16.66 -9.15
CA ILE A 346 -19.85 16.90 -10.45
C ILE A 346 -20.37 15.55 -10.98
N SER A 347 -19.58 14.51 -10.72
CA SER A 347 -19.96 13.17 -11.16
C SER A 347 -21.24 12.66 -10.42
N ARG A 348 -21.39 12.97 -9.13
CA ARG A 348 -22.57 12.60 -8.37
C ARG A 348 -23.79 13.45 -8.77
N PHE A 349 -23.57 14.71 -9.08
CA PHE A 349 -24.62 15.56 -9.60
C PHE A 349 -25.23 14.90 -10.82
N HIS A 350 -24.41 14.48 -11.76
CA HIS A 350 -24.94 13.84 -12.99
C HIS A 350 -25.57 12.52 -12.74
N GLU A 351 -24.99 11.73 -11.84
CA GLU A 351 -25.48 10.41 -11.51
C GLU A 351 -26.89 10.39 -10.93
N ARG A 352 -27.32 11.51 -10.34
CA ARG A 352 -28.67 11.64 -9.81
C ARG A 352 -29.71 12.05 -10.85
N SER A 353 -29.27 12.39 -12.06
CA SER A 353 -30.18 12.79 -13.14
C SER A 353 -31.20 11.71 -13.42
N THR A 354 -32.47 12.08 -13.45
CA THR A 354 -33.55 11.15 -13.81
C THR A 354 -33.83 11.17 -15.33
N THR A 355 -33.41 12.24 -16.00
CA THR A 355 -33.64 12.39 -17.45
C THR A 355 -32.80 11.38 -18.24
N ARG A 359 -28.59 16.64 -17.05
CA ARG A 359 -29.44 17.63 -16.41
C ARG A 359 -28.86 19.01 -16.65
N LYS A 360 -29.66 20.06 -16.43
CA LYS A 360 -29.20 21.43 -16.66
C LYS A 360 -28.19 21.89 -15.60
N TRP A 361 -27.20 22.65 -16.05
CA TRP A 361 -26.21 23.24 -15.16
C TRP A 361 -26.80 24.26 -14.23
N SER A 362 -27.91 24.87 -14.63
CA SER A 362 -28.57 25.85 -13.76
C SER A 362 -29.03 25.23 -12.44
N GLU A 363 -29.22 23.92 -12.42
CA GLU A 363 -29.62 23.25 -11.19
C GLU A 363 -28.46 23.09 -10.21
N PHE A 364 -27.22 23.25 -10.68
CA PHE A 364 -26.05 22.84 -9.87
C PHE A 364 -26.01 23.56 -8.54
N PRO A 365 -26.12 24.89 -8.55
CA PRO A 365 -26.06 25.54 -7.25
C PRO A 365 -27.32 25.38 -6.37
N SER A 366 -28.40 24.83 -6.93
CA SER A 366 -29.54 24.38 -6.14
C SER A 366 -29.37 22.97 -5.58
N LYS A 367 -28.37 22.24 -6.07
CA LYS A 367 -28.11 20.84 -5.66
C LYS A 367 -26.76 20.60 -4.94
N VAL A 368 -25.86 21.60 -5.01
CA VAL A 368 -24.51 21.52 -4.43
C VAL A 368 -24.20 22.83 -3.67
N ALA A 369 -23.68 22.67 -2.44
CA ALA A 369 -22.99 23.70 -1.67
C ALA A 369 -21.58 23.20 -1.40
N VAL A 370 -20.57 24.05 -1.64
CA VAL A 370 -19.16 23.72 -1.27
C VAL A 370 -18.72 24.72 -0.23
N GLN A 371 -18.22 24.22 0.91
CA GLN A 371 -17.79 25.04 2.02
C GLN A 371 -16.32 24.91 2.19
N MET A 372 -15.66 26.05 2.16
CA MET A 372 -14.22 26.11 2.27
C MET A 372 -13.94 26.40 3.72
N ASN A 373 -13.25 25.46 4.36
CA ASN A 373 -12.74 25.64 5.72
C ASN A 373 -11.38 26.31 5.68
N ASP A 374 -11.38 27.60 5.96
CA ASP A 374 -10.21 28.47 5.82
C ASP A 374 -9.85 28.68 4.36
N THR A 375 -8.69 29.30 4.07
CA THR A 375 -8.27 29.59 2.67
C THR A 375 -7.57 28.43 1.94
N HIS A 376 -7.23 27.35 2.65
CA HIS A 376 -6.60 26.20 2.00
C HIS A 376 -7.30 25.61 0.80
N PRO A 377 -8.65 25.53 0.78
CA PRO A 377 -9.40 25.16 -0.45
C PRO A 377 -9.85 26.29 -1.39
N THR A 378 -9.16 27.40 -1.36
CA THR A 378 -9.41 28.54 -2.24
C THR A 378 -9.45 28.17 -3.70
N LEU A 379 -8.54 27.28 -4.11
CA LEU A 379 -8.48 26.80 -5.49
C LEU A 379 -9.73 26.04 -6.03
N ALA A 380 -10.67 25.64 -5.15
CA ALA A 380 -11.96 25.13 -5.58
C ALA A 380 -12.63 26.14 -6.49
N ILE A 381 -12.38 27.43 -6.27
CA ILE A 381 -13.07 28.48 -7.07
C ILE A 381 -12.62 28.46 -8.50
N PRO A 382 -11.31 28.68 -8.78
CA PRO A 382 -10.89 28.53 -10.17
C PRO A 382 -10.98 27.14 -10.75
N GLU A 383 -10.78 26.08 -9.93
CA GLU A 383 -10.93 24.70 -10.42
C GLU A 383 -12.35 24.40 -10.83
N LEU A 384 -13.33 24.90 -10.07
CA LEU A 384 -14.72 24.69 -10.50
C LEU A 384 -15.02 25.46 -11.81
N MET A 385 -14.49 26.66 -11.94
CA MET A 385 -14.61 27.39 -13.26
C MET A 385 -13.92 26.59 -14.40
N ARG A 386 -12.75 26.02 -14.12
CA ARG A 386 -12.00 25.22 -15.13
C ARG A 386 -12.77 23.95 -15.57
N LEU A 387 -13.26 23.19 -14.60
CA LEU A 387 -14.10 22.01 -14.92
C LEU A 387 -15.39 22.37 -15.68
N LEU A 388 -16.06 23.42 -15.25
CA LEU A 388 -17.29 23.91 -15.97
C LEU A 388 -17.03 24.37 -17.39
N MET A 389 -16.03 25.25 -17.57
CA MET A 389 -15.77 25.81 -18.90
C MET A 389 -15.02 24.85 -19.81
N ASP A 390 -13.93 24.21 -19.33
CA ASP A 390 -13.06 23.42 -20.22
C ASP A 390 -13.66 22.01 -20.42
N ASP A 391 -13.82 21.24 -19.36
CA ASP A 391 -14.34 19.88 -19.44
C ASP A 391 -15.84 19.82 -19.77
N ASN A 392 -16.61 20.82 -19.35
CA ASN A 392 -18.05 20.74 -19.58
C ASN A 392 -18.66 21.74 -20.61
N GLY A 393 -17.84 22.59 -21.22
CA GLY A 393 -18.32 23.49 -22.28
C GLY A 393 -19.08 24.77 -21.91
N LEU A 394 -19.19 25.10 -20.63
CA LEU A 394 -19.85 26.33 -20.23
C LEU A 394 -19.04 27.59 -20.61
N GLY A 395 -19.74 28.68 -20.90
CA GLY A 395 -19.12 29.98 -21.07
C GLY A 395 -18.80 30.63 -19.73
N TRP A 396 -17.95 31.66 -19.75
CA TRP A 396 -17.51 32.31 -18.50
C TRP A 396 -18.66 32.77 -17.65
N ASP A 397 -19.65 33.45 -18.25
CA ASP A 397 -20.68 34.03 -17.43
C ASP A 397 -21.53 32.96 -16.72
N GLU A 398 -21.92 31.90 -17.43
CA GLU A 398 -22.73 30.83 -16.81
C GLU A 398 -21.94 30.08 -15.74
N ALA A 399 -20.66 29.85 -15.98
CA ALA A 399 -19.84 29.07 -15.01
C ALA A 399 -19.59 29.89 -13.75
N TRP A 400 -19.51 31.20 -13.92
CA TRP A 400 -19.31 32.12 -12.79
C TRP A 400 -20.55 32.22 -11.94
N ASP A 401 -21.69 32.30 -12.58
CA ASP A 401 -22.96 32.29 -11.87
C ASP A 401 -23.11 31.02 -11.05
N VAL A 402 -22.75 29.86 -11.63
CA VAL A 402 -22.80 28.58 -10.94
C VAL A 402 -21.76 28.58 -9.80
N THR A 403 -20.53 29.02 -10.09
CA THR A 403 -19.44 28.96 -9.06
C THR A 403 -19.74 29.88 -7.85
N SER A 404 -20.16 31.08 -8.14
CA SER A 404 -20.43 32.07 -7.08
C SER A 404 -21.62 31.72 -6.18
N LYS A 405 -22.56 30.97 -6.68
CA LYS A 405 -23.68 30.49 -5.88
C LYS A 405 -23.46 29.16 -5.20
N THR A 406 -22.34 28.46 -5.52
CA THR A 406 -22.03 27.20 -4.91
C THR A 406 -21.06 27.32 -3.75
N VAL A 407 -20.09 28.26 -3.84
CA VAL A 407 -19.00 28.30 -2.89
C VAL A 407 -19.26 29.32 -1.78
N ALA A 408 -18.89 28.94 -0.57
CA ALA A 408 -18.89 29.79 0.59
C ALA A 408 -17.61 29.56 1.38
N TYR A 409 -17.24 30.59 2.15
CA TYR A 409 -15.92 30.67 2.82
C TYR A 409 -16.10 30.92 4.28
N THR A 410 -15.45 30.09 5.09
CA THR A 410 -15.30 30.28 6.52
C THR A 410 -13.89 30.71 6.89
N ASN A 411 -13.77 31.88 7.54
CA ASN A 411 -12.49 32.47 7.83
C ASN A 411 -12.31 32.16 9.30
N HIS A 412 -11.09 31.84 9.72
CA HIS A 412 -10.78 31.61 11.13
C HIS A 412 -9.74 32.50 11.77
N THR A 413 -9.54 33.70 11.25
CA THR A 413 -8.36 34.51 11.61
C THR A 413 -8.67 35.96 12.00
N VAL A 414 -7.99 36.42 13.05
CA VAL A 414 -8.01 37.84 13.44
C VAL A 414 -6.89 38.71 12.77
N LEU A 415 -5.77 38.08 12.41
CA LEU A 415 -4.59 38.79 11.93
C LEU A 415 -4.50 38.84 10.39
N PRO A 416 -4.51 40.05 9.79
CA PRO A 416 -4.38 40.11 8.31
C PRO A 416 -3.05 39.54 7.77
N GLU A 417 -1.99 39.64 8.57
CA GLU A 417 -0.70 39.01 8.27
C GLU A 417 -0.77 37.50 8.09
N ALA A 418 -1.83 36.87 8.61
CA ALA A 418 -2.00 35.42 8.60
C ALA A 418 -2.73 34.87 7.36
N LEU A 419 -3.26 35.74 6.51
CA LEU A 419 -4.06 35.30 5.35
C LEU A 419 -3.12 34.84 4.22
N GLU A 420 -3.43 33.71 3.57
CA GLU A 420 -2.51 33.08 2.65
C GLU A 420 -2.28 33.89 1.39
N LYS A 421 -1.01 33.98 0.99
CA LYS A 421 -0.60 34.71 -0.24
C LYS A 421 0.44 33.84 -0.95
N TRP A 422 0.30 33.64 -2.25
CA TRP A 422 1.33 32.91 -3.01
C TRP A 422 1.94 33.72 -4.10
N SER A 423 3.26 33.59 -4.28
CA SER A 423 4.01 34.19 -5.37
C SER A 423 3.29 33.95 -6.66
N GLN A 424 3.13 35.00 -7.47
CA GLN A 424 2.47 34.87 -8.76
C GLN A 424 3.24 33.94 -9.68
N SER A 425 4.55 34.01 -9.63
CA SER A 425 5.35 33.17 -10.51
CA SER A 425 5.37 33.18 -10.51
C SER A 425 5.19 31.69 -10.20
N LEU A 426 5.16 31.33 -8.91
CA LEU A 426 4.94 29.96 -8.49
C LEU A 426 3.58 29.41 -8.91
N MET A 427 2.56 30.25 -8.75
CA MET A 427 1.22 29.90 -9.22
C MET A 427 1.19 29.66 -10.73
N TRP A 428 1.80 30.54 -11.49
CA TRP A 428 1.90 30.37 -12.95
C TRP A 428 2.59 29.08 -13.37
N LYS A 429 3.63 28.71 -12.62
CA LYS A 429 4.41 27.50 -12.88
C LYS A 429 3.59 26.24 -12.60
N LEU A 430 2.94 26.18 -11.46
CA LEU A 430 2.19 24.95 -11.07
C LEU A 430 0.79 24.82 -11.69
N LEU A 431 0.13 25.95 -11.79
CA LEU A 431 -1.28 25.94 -12.11
C LEU A 431 -1.58 27.04 -13.12
N PRO A 432 -0.99 26.96 -14.32
CA PRO A 432 -1.13 28.00 -15.31
C PRO A 432 -2.58 28.34 -15.70
N ARG A 433 -3.41 27.33 -15.86
CA ARG A 433 -4.79 27.53 -16.27
C ARG A 433 -5.56 28.26 -15.16
N HIS A 434 -5.23 27.96 -13.89
CA HIS A 434 -5.90 28.60 -12.75
C HIS A 434 -5.51 30.04 -12.65
N MET A 435 -4.25 30.37 -12.94
CA MET A 435 -3.79 31.76 -12.96
C MET A 435 -4.50 32.55 -14.08
N GLU A 436 -4.69 31.92 -15.24
CA GLU A 436 -5.52 32.50 -16.28
C GLU A 436 -6.91 32.89 -15.76
N ILE A 437 -7.53 31.98 -15.03
CA ILE A 437 -8.87 32.18 -14.54
C ILE A 437 -8.89 33.22 -13.41
N ILE A 438 -7.99 33.07 -12.43
CA ILE A 438 -7.81 34.09 -11.42
C ILE A 438 -7.58 35.53 -11.93
N GLU A 439 -6.74 35.71 -12.95
CA GLU A 439 -6.49 37.02 -13.53
C GLU A 439 -7.79 37.58 -14.18
N GLU A 440 -8.59 36.70 -14.77
CA GLU A 440 -9.85 37.10 -15.36
C GLU A 440 -10.88 37.51 -14.28
N ILE A 441 -10.91 36.77 -13.17
CA ILE A 441 -11.80 37.08 -12.06
C ILE A 441 -11.41 38.46 -11.58
N ASP A 442 -10.11 38.66 -11.39
CA ASP A 442 -9.60 39.94 -10.87
C ASP A 442 -9.82 41.12 -11.86
N LYS A 443 -9.64 40.88 -13.17
CA LYS A 443 -9.93 41.88 -14.21
C LYS A 443 -11.38 42.39 -14.15
N ARG A 444 -12.31 41.44 -14.08
CA ARG A 444 -13.72 41.71 -13.99
C ARG A 444 -14.12 42.40 -12.70
N PHE A 445 -13.63 41.90 -11.59
CA PHE A 445 -13.90 42.55 -10.31
C PHE A 445 -13.43 44.00 -10.27
N VAL A 446 -12.20 44.25 -10.73
CA VAL A 446 -11.65 45.61 -10.70
C VAL A 446 -12.49 46.50 -11.69
N GLN A 447 -12.84 45.96 -12.84
CA GLN A 447 -13.77 46.68 -13.73
C GLN A 447 -15.09 46.99 -12.99
N THR A 448 -15.57 46.08 -12.12
CA THR A 448 -16.83 46.33 -11.39
C THR A 448 -16.71 47.51 -10.42
N ILE A 449 -15.57 47.60 -9.76
CA ILE A 449 -15.27 48.70 -8.86
C ILE A 449 -15.21 50.00 -9.65
N ARG A 450 -14.57 49.98 -10.82
CA ARG A 450 -14.55 51.17 -11.69
C ARG A 450 -15.92 51.57 -12.17
N ASP A 451 -16.72 50.57 -12.55
CA ASP A 451 -18.05 50.81 -13.07
C ASP A 451 -19.09 51.26 -12.03
N THR A 452 -18.94 50.89 -10.76
CA THR A 452 -20.00 51.03 -9.78
C THR A 452 -19.60 51.69 -8.46
N ARG A 453 -18.33 51.62 -8.08
CA ARG A 453 -17.86 52.12 -6.80
C ARG A 453 -16.58 52.90 -6.98
N VAL A 454 -16.71 54.00 -7.69
CA VAL A 454 -15.60 54.88 -7.95
C VAL A 454 -15.03 55.51 -6.67
N ASP A 455 -15.81 55.56 -5.60
CA ASP A 455 -15.29 55.95 -4.29
C ASP A 455 -14.20 55.00 -3.76
N LEU A 456 -14.10 53.79 -4.32
CA LEU A 456 -13.09 52.80 -3.93
C LEU A 456 -11.88 52.72 -4.88
N GLU A 457 -11.86 53.56 -5.92
CA GLU A 457 -10.79 53.57 -6.92
C GLU A 457 -9.39 53.55 -6.30
N ASP A 458 -9.15 54.40 -5.30
CA ASP A 458 -7.85 54.43 -4.60
C ASP A 458 -7.47 53.18 -3.83
N LYS A 459 -8.44 52.31 -3.57
CA LYS A 459 -8.22 51.11 -2.76
C LYS A 459 -8.07 49.84 -3.60
N ILE A 460 -8.24 49.96 -4.91
CA ILE A 460 -8.12 48.82 -5.83
C ILE A 460 -6.82 48.07 -5.61
N SER A 461 -5.71 48.77 -5.36
CA SER A 461 -4.44 48.08 -5.13
C SER A 461 -4.44 47.17 -3.91
N SER A 462 -5.28 47.45 -2.92
CA SER A 462 -5.44 46.54 -1.76
C SER A 462 -6.61 45.55 -1.88
N LEU A 463 -7.65 45.93 -2.63
CA LEU A 463 -8.85 45.11 -2.81
C LEU A 463 -8.67 44.01 -3.86
N SER A 464 -7.76 44.23 -4.81
CA SER A 464 -7.58 43.27 -5.91
C SER A 464 -7.05 41.96 -5.36
N ILE A 465 -7.31 40.87 -6.09
CA ILE A 465 -6.85 39.55 -5.71
C ILE A 465 -5.35 39.42 -5.96
N LEU A 466 -4.93 40.03 -7.06
CA LEU A 466 -3.54 40.07 -7.45
C LEU A 466 -2.88 41.29 -6.85
N ASP A 467 -1.90 41.07 -5.99
CA ASP A 467 -1.07 42.14 -5.48
C ASP A 467 0.16 42.26 -6.40
N ASN A 468 0.20 43.30 -7.24
CA ASN A 468 1.29 43.49 -8.21
C ASN A 468 2.43 44.37 -7.70
N ASN A 469 2.62 44.35 -6.38
CA ASN A 469 3.79 44.90 -5.72
C ASN A 469 5.08 44.50 -6.49
N PRO A 470 5.88 45.46 -6.96
CA PRO A 470 7.07 45.10 -7.76
C PRO A 470 8.09 44.22 -7.01
N GLN A 471 8.20 44.40 -5.71
CA GLN A 471 9.19 43.67 -4.93
C GLN A 471 8.73 42.26 -4.59
N LYS A 472 7.41 42.03 -4.50
CA LYS A 472 6.88 40.71 -4.15
C LYS A 472 5.47 40.48 -4.69
N PRO A 473 5.31 40.19 -6.01
CA PRO A 473 3.91 40.07 -6.50
C PRO A 473 3.27 38.76 -6.09
N VAL A 474 2.04 38.84 -5.58
CA VAL A 474 1.38 37.68 -4.95
C VAL A 474 -0.09 37.57 -5.33
N VAL A 475 -0.66 36.41 -5.10
CA VAL A 475 -2.10 36.18 -5.18
C VAL A 475 -2.62 36.16 -3.73
N ARG A 476 -3.58 37.03 -3.44
CA ARG A 476 -4.19 37.13 -2.12
C ARG A 476 -5.36 36.18 -2.02
N MET A 477 -5.18 35.06 -1.35
CA MET A 477 -6.17 33.93 -1.46
C MET A 477 -7.48 34.25 -0.74
N ALA A 478 -7.37 34.96 0.39
CA ALA A 478 -8.56 35.43 1.10
C ALA A 478 -9.43 36.37 0.19
N ASN A 479 -8.79 37.24 -0.58
CA ASN A 479 -9.45 38.21 -1.44
C ASN A 479 -10.18 37.41 -2.49
N LEU A 480 -9.54 36.37 -3.02
CA LEU A 480 -10.15 35.51 -4.04
C LEU A 480 -11.41 34.87 -3.44
N CYS A 481 -11.28 34.35 -2.25
CA CYS A 481 -12.41 33.72 -1.54
C CYS A 481 -13.56 34.69 -1.27
N VAL A 482 -13.26 35.91 -0.79
CA VAL A 482 -14.31 36.88 -0.44
C VAL A 482 -14.99 37.33 -1.72
N VAL A 483 -14.21 37.56 -2.77
CA VAL A 483 -14.76 38.14 -4.02
C VAL A 483 -15.70 37.11 -4.64
N SER A 484 -15.33 35.84 -4.57
CA SER A 484 -16.04 34.78 -5.30
C SER A 484 -17.23 34.14 -4.51
N SER A 485 -17.12 34.07 -3.20
CA SER A 485 -18.11 33.32 -2.38
C SER A 485 -19.40 34.08 -2.12
N HIS A 486 -20.56 33.41 -2.14
CA HIS A 486 -21.85 34.10 -1.87
C HIS A 486 -21.95 34.47 -0.40
N THR A 487 -21.26 33.73 0.46
CA THR A 487 -21.25 34.02 1.89
C THR A 487 -19.86 33.84 2.48
N VAL A 488 -19.53 34.68 3.48
CA VAL A 488 -18.33 34.60 4.23
C VAL A 488 -18.74 34.64 5.66
N ASN A 489 -18.17 33.74 6.48
CA ASN A 489 -18.49 33.77 7.87
C ASN A 489 -17.24 33.69 8.76
N GLY A 490 -17.33 34.39 9.89
CA GLY A 490 -16.44 34.14 11.02
C GLY A 490 -17.03 33.13 12.01
N VAL A 491 -16.27 32.83 13.06
CA VAL A 491 -16.53 31.69 13.94
C VAL A 491 -16.82 32.04 15.39
N ALA A 492 -16.91 33.33 15.68
CA ALA A 492 -17.46 33.85 16.94
C ALA A 492 -18.01 35.26 16.65
N GLN A 493 -19.01 35.70 17.43
CA GLN A 493 -19.55 37.02 17.20
C GLN A 493 -18.52 38.15 17.10
N LEU A 494 -17.57 38.25 18.04
CA LEU A 494 -16.56 39.31 18.03
C LEU A 494 -15.61 39.16 16.83
N HIS A 495 -15.30 37.92 16.49
CA HIS A 495 -14.44 37.67 15.39
C HIS A 495 -15.15 38.12 14.13
N SER A 496 -16.38 37.69 13.96
CA SER A 496 -17.19 38.12 12.79
C SER A 496 -17.40 39.62 12.71
N ASP A 497 -17.56 40.31 13.85
CA ASP A 497 -17.65 41.76 13.83
C ASP A 497 -16.31 42.40 13.38
N ILE A 498 -15.19 41.89 13.89
CA ILE A 498 -13.88 42.31 13.42
C ILE A 498 -13.68 42.13 11.89
N LEU A 499 -14.12 41.00 11.32
CA LEU A 499 -14.03 40.78 9.87
C LEU A 499 -14.81 41.87 9.11
N LYS A 500 -16.00 42.22 9.61
CA LYS A 500 -16.83 43.20 8.91
C LYS A 500 -16.28 44.64 9.06
N ALA A 501 -15.71 44.95 10.22
CA ALA A 501 -15.39 46.35 10.56
C ALA A 501 -13.94 46.76 10.22
N GLU A 502 -13.03 45.78 10.15
CA GLU A 502 -11.59 46.01 9.97
C GLU A 502 -11.05 45.23 8.78
N LEU A 503 -11.00 43.91 8.91
CA LEU A 503 -10.29 43.11 7.92
C LEU A 503 -10.89 43.19 6.49
N PHE A 504 -12.20 43.11 6.35
CA PHE A 504 -12.83 43.13 5.03
C PHE A 504 -13.87 44.23 4.86
N ALA A 505 -13.68 45.38 5.55
CA ALA A 505 -14.66 46.44 5.55
C ALA A 505 -15.09 46.92 4.17
N ASP A 506 -14.15 47.05 3.24
CA ASP A 506 -14.50 47.56 1.91
C ASP A 506 -15.35 46.54 1.14
N TYR A 507 -15.10 45.25 1.36
CA TYR A 507 -15.89 44.18 0.76
C TYR A 507 -17.32 44.12 1.32
N VAL A 508 -17.46 44.32 2.62
CA VAL A 508 -18.77 44.47 3.28
C VAL A 508 -19.56 45.64 2.66
N SER A 509 -18.86 46.72 2.37
CA SER A 509 -19.46 47.85 1.76
C SER A 509 -20.03 47.48 0.37
N ILE A 510 -19.33 46.63 -0.38
CA ILE A 510 -19.77 46.23 -1.74
C ILE A 510 -20.92 45.21 -1.65
N TRP A 511 -20.81 44.26 -0.71
CA TRP A 511 -21.81 43.21 -0.54
C TRP A 511 -22.24 43.16 0.88
N PRO A 512 -23.18 44.01 1.28
CA PRO A 512 -23.54 44.07 2.72
C PRO A 512 -24.33 42.86 3.26
N ASN A 513 -24.79 41.94 2.41
CA ASN A 513 -25.35 40.65 2.91
C ASN A 513 -24.39 39.41 2.75
N LYS A 514 -23.16 39.62 2.32
CA LYS A 514 -22.25 38.50 2.14
C LYS A 514 -21.82 37.93 3.51
N PHE A 515 -21.68 38.82 4.49
CA PHE A 515 -20.97 38.44 5.71
C PHE A 515 -21.90 37.94 6.82
N GLN A 516 -21.56 36.82 7.45
CA GLN A 516 -22.38 36.25 8.51
C GLN A 516 -21.48 35.83 9.68
N ASN A 517 -22.09 35.51 10.80
CA ASN A 517 -21.43 34.85 11.86
C ASN A 517 -22.01 33.41 12.04
N LYS A 518 -21.13 32.47 12.32
CA LYS A 518 -21.52 31.11 12.81
C LYS A 518 -20.59 30.68 13.94
N THR A 519 -21.02 30.93 15.17
CA THR A 519 -20.24 30.55 16.36
C THR A 519 -19.98 29.04 16.36
N ASN A 520 -18.70 28.69 16.47
CA ASN A 520 -18.25 27.31 16.59
C ASN A 520 -18.97 26.55 17.68
N GLY A 521 -18.77 25.26 17.66
CA GLY A 521 -19.37 24.38 18.61
C GLY A 521 -18.67 23.06 18.62
N ILE A 522 -19.03 22.23 19.61
CA ILE A 522 -18.49 20.92 19.79
C ILE A 522 -19.63 19.88 19.94
N THR A 523 -19.40 18.68 19.47
CA THR A 523 -20.37 17.58 19.69
C THR A 523 -20.39 17.05 21.12
N PRO A 524 -21.57 16.97 21.71
CA PRO A 524 -21.75 16.45 23.06
C PRO A 524 -21.78 14.94 23.11
N ARG A 525 -21.62 14.29 21.94
CA ARG A 525 -21.47 12.89 21.94
C ARG A 525 -20.03 12.60 22.32
N ARG A 526 -19.08 12.86 21.41
CA ARG A 526 -17.67 12.54 21.76
C ARG A 526 -17.22 13.23 23.05
N TRP A 527 -17.67 14.46 23.26
CA TRP A 527 -17.06 15.31 24.32
C TRP A 527 -17.77 15.35 25.66
N LEU A 528 -18.78 14.48 25.84
CA LEU A 528 -19.46 14.41 27.11
C LEU A 528 -20.06 13.04 27.26
N ARG A 529 -21.03 12.72 26.42
CA ARG A 529 -21.72 11.39 26.51
C ARG A 529 -20.73 10.20 26.51
N PHE A 530 -19.72 10.22 25.61
CA PHE A 530 -18.83 9.09 25.46
C PHE A 530 -17.52 9.16 26.24
N CYS A 531 -17.01 10.37 26.46
CA CYS A 531 -15.77 10.52 27.19
C CYS A 531 -16.04 10.59 28.68
N SER A 532 -17.24 11.02 29.08
CA SER A 532 -17.56 11.09 30.53
CA SER A 532 -17.57 11.11 30.50
C SER A 532 -18.88 10.39 30.81
N PRO A 533 -18.90 9.05 30.69
CA PRO A 533 -20.19 8.34 30.87
C PRO A 533 -20.85 8.55 32.23
N GLU A 534 -20.05 8.59 33.29
CA GLU A 534 -20.60 8.74 34.63
C GLU A 534 -21.28 10.10 34.85
N LEU A 535 -20.61 11.18 34.45
CA LEU A 535 -21.21 12.50 34.51
C LEU A 535 -22.45 12.58 33.66
N SER A 536 -22.44 11.88 32.53
CA SER A 536 -23.57 11.89 31.62
C SER A 536 -24.77 11.22 32.27
N ASP A 537 -24.51 10.18 33.07
CA ASP A 537 -25.57 9.44 33.79
C ASP A 537 -26.18 10.29 34.92
N ILE A 538 -25.33 11.04 35.63
CA ILE A 538 -25.79 12.05 36.60
C ILE A 538 -26.68 13.14 35.93
N ILE A 539 -26.23 13.71 34.81
CA ILE A 539 -27.02 14.72 34.08
C ILE A 539 -28.39 14.14 33.71
N THR A 540 -28.38 12.96 33.09
CA THR A 540 -29.64 12.29 32.74
C THR A 540 -30.60 12.09 33.92
N LYS A 541 -30.07 11.67 35.05
CA LYS A 541 -30.86 11.43 36.25
C LYS A 541 -31.52 12.72 36.74
N TRP A 542 -30.77 13.82 36.72
CA TRP A 542 -31.24 15.10 37.28
C TRP A 542 -32.04 15.96 36.36
N LEU A 543 -31.87 15.76 35.07
CA LEU A 543 -32.75 16.41 34.12
C LEU A 543 -33.97 15.54 33.82
N LYS A 544 -33.96 14.33 34.30
CA LYS A 544 -35.01 13.33 34.05
C LYS A 544 -35.16 13.04 32.58
N THR A 545 -34.08 13.14 31.81
CA THR A 545 -34.16 12.83 30.38
C THR A 545 -32.74 12.68 29.85
N ASP A 546 -32.59 11.91 28.77
CA ASP A 546 -31.34 11.82 28.04
C ASP A 546 -31.44 12.60 26.71
N LYS A 547 -32.50 13.36 26.50
CA LYS A 547 -32.69 14.14 25.26
C LYS A 547 -31.67 15.29 25.13
N TRP A 548 -30.98 15.65 26.23
CA TRP A 548 -29.91 16.63 26.16
C TRP A 548 -28.81 16.25 25.19
N ILE A 549 -28.70 14.96 24.87
CA ILE A 549 -27.60 14.48 24.07
C ILE A 549 -27.72 15.04 22.64
N THR A 550 -28.95 15.32 22.23
CA THR A 550 -29.27 15.94 20.96
C THR A 550 -29.96 17.33 21.07
N ASP A 551 -30.15 17.79 22.30
CA ASP A 551 -30.77 19.06 22.57
C ASP A 551 -30.08 19.63 23.80
N LEU A 552 -28.85 20.09 23.58
CA LEU A 552 -27.94 20.43 24.67
C LEU A 552 -28.42 21.61 25.52
N ASP A 553 -29.29 22.46 24.97
CA ASP A 553 -29.89 23.56 25.74
C ASP A 553 -30.71 23.08 26.93
N LEU A 554 -31.11 21.81 26.93
CA LEU A 554 -31.72 21.22 28.11
C LEU A 554 -30.85 21.24 29.35
N LEU A 555 -29.53 21.38 29.19
CA LEU A 555 -28.63 21.44 30.37
C LEU A 555 -28.89 22.62 31.33
N THR A 556 -29.54 23.68 30.87
CA THR A 556 -29.91 24.78 31.73
C THR A 556 -30.84 24.36 32.89
N GLY A 557 -31.51 23.22 32.71
CA GLY A 557 -32.31 22.65 33.78
C GLY A 557 -31.51 22.14 34.96
N LEU A 558 -30.18 22.08 34.83
CA LEU A 558 -29.31 21.85 36.01
C LEU A 558 -29.15 23.06 36.92
N ARG A 559 -29.44 24.28 36.43
CA ARG A 559 -29.16 25.49 37.26
C ARG A 559 -29.90 25.52 38.57
N GLN A 560 -31.16 25.10 38.55
CA GLN A 560 -31.98 25.05 39.77
C GLN A 560 -31.37 24.15 40.84
N PHE A 561 -30.45 23.26 40.45
CA PHE A 561 -29.87 22.29 41.39
C PHE A 561 -28.43 22.61 41.80
N ALA A 562 -27.90 23.76 41.39
CA ALA A 562 -26.48 24.03 41.50
C ALA A 562 -26.02 24.11 42.97
N ASP A 563 -26.95 24.46 43.86
CA ASP A 563 -26.73 24.45 45.34
C ASP A 563 -27.13 23.14 46.10
N ASN A 564 -27.66 22.17 45.36
CA ASN A 564 -28.23 20.93 45.95
C ASN A 564 -27.10 20.04 46.39
N GLU A 565 -27.07 19.78 47.71
CA GLU A 565 -25.97 19.03 48.30
C GLU A 565 -25.81 17.59 47.72
N GLU A 566 -26.93 16.94 47.44
CA GLU A 566 -26.88 15.58 46.90
C GLU A 566 -26.22 15.64 45.51
N LEU A 567 -26.63 16.58 44.67
CA LEU A 567 -26.05 16.71 43.34
C LEU A 567 -24.56 17.05 43.44
N GLN A 568 -24.19 17.96 44.32
CA GLN A 568 -22.77 18.34 44.49
C GLN A 568 -21.94 17.14 44.91
N SER A 569 -22.51 16.32 45.80
CA SER A 569 -21.89 15.09 46.22
C SER A 569 -21.64 14.17 45.00
N GLU A 570 -22.68 13.90 44.21
CA GLU A 570 -22.53 13.04 43.02
C GLU A 570 -21.57 13.63 41.95
N TRP A 571 -21.67 14.94 41.74
CA TRP A 571 -20.75 15.70 40.89
C TRP A 571 -19.33 15.49 41.31
N ALA A 572 -19.02 15.70 42.60
CA ALA A 572 -17.66 15.53 43.12
C ALA A 572 -17.18 14.13 42.94
N SER A 573 -18.03 13.14 43.23
CA SER A 573 -17.68 11.73 43.08
CA SER A 573 -17.68 11.73 43.09
C SER A 573 -17.32 11.39 41.65
N ALA A 574 -18.10 11.93 40.72
CA ALA A 574 -17.85 11.77 39.31
C ALA A 574 -16.50 12.39 38.89
N LYS A 575 -16.22 13.60 39.36
CA LYS A 575 -14.99 14.29 38.99
C LYS A 575 -13.81 13.56 39.52
N THR A 576 -13.90 13.14 40.80
CA THR A 576 -12.91 12.26 41.42
C THR A 576 -12.61 10.93 40.68
N ALA A 577 -13.64 10.20 40.27
CA ALA A 577 -13.39 8.99 39.46
C ALA A 577 -12.57 9.35 38.19
N ASN A 578 -12.90 10.47 37.56
CA ASN A 578 -12.22 10.87 36.34
C ASN A 578 -10.79 11.30 36.59
N LYS A 579 -10.58 11.90 37.75
CA LYS A 579 -9.24 12.32 38.18
C LYS A 579 -8.35 11.09 38.46
N LYS A 580 -8.91 10.05 39.05
CA LYS A 580 -8.15 8.82 39.27
C LYS A 580 -7.80 8.12 37.97
N ARG A 581 -8.71 8.11 37.02
CA ARG A 581 -8.40 7.58 35.67
C ARG A 581 -7.32 8.40 35.00
N LEU A 582 -7.41 9.70 35.14
CA LEU A 582 -6.39 10.59 34.58
C LEU A 582 -5.07 10.35 35.27
N ALA A 583 -5.08 10.22 36.60
CA ALA A 583 -3.83 9.89 37.35
C ALA A 583 -3.16 8.62 36.80
N GLN A 584 -3.95 7.57 36.59
CA GLN A 584 -3.44 6.31 36.04
C GLN A 584 -2.75 6.53 34.71
N TYR A 585 -3.44 7.24 33.82
CA TYR A 585 -2.97 7.54 32.50
C TYR A 585 -1.64 8.28 32.55
N ILE A 586 -1.57 9.32 33.36
CA ILE A 586 -0.38 10.13 33.46
C ILE A 586 0.80 9.30 33.93
N GLU A 587 0.57 8.48 34.96
CA GLU A 587 1.59 7.53 35.43
C GLU A 587 2.04 6.60 34.26
N ARG A 588 1.08 5.96 33.61
CA ARG A 588 1.36 5.16 32.41
C ARG A 588 2.25 5.87 31.37
N VAL A 589 1.92 7.10 30.99
CA VAL A 589 2.56 7.80 29.84
C VAL A 589 3.69 8.80 30.18
N THR A 590 3.85 9.18 31.45
CA THR A 590 5.03 9.96 31.91
C THR A 590 5.80 9.34 33.09
N GLY A 591 5.26 8.31 33.72
CA GLY A 591 5.93 7.72 34.90
C GLY A 591 5.79 8.57 36.15
N VAL A 592 5.00 9.65 36.11
CA VAL A 592 4.86 10.52 37.29
C VAL A 592 3.60 10.11 38.03
N SER A 593 3.73 9.96 39.36
CA SER A 593 2.62 9.63 40.20
C SER A 593 1.99 10.92 40.76
N ILE A 594 0.71 11.10 40.49
CA ILE A 594 0.02 12.35 40.80
C ILE A 594 -1.08 12.11 41.78
N ASP A 595 -1.38 13.13 42.59
CA ASP A 595 -2.37 13.04 43.66
C ASP A 595 -3.76 13.53 43.20
N PRO A 596 -4.72 12.61 43.07
CA PRO A 596 -6.05 12.98 42.58
C PRO A 596 -6.88 13.84 43.56
N THR A 597 -6.40 14.07 44.77
CA THR A 597 -7.07 15.01 45.67
C THR A 597 -6.54 16.42 45.44
N SER A 598 -5.58 16.59 44.54
CA SER A 598 -5.02 17.88 44.27
C SER A 598 -5.91 18.56 43.20
N LEU A 599 -5.74 19.87 43.07
CA LEU A 599 -6.38 20.62 41.98
C LEU A 599 -5.69 20.33 40.64
N PHE A 600 -6.44 19.76 39.70
CA PHE A 600 -5.94 19.47 38.35
C PHE A 600 -6.14 20.68 37.43
N ASP A 601 -5.01 21.27 37.09
CA ASP A 601 -4.86 22.51 36.28
C ASP A 601 -4.16 22.19 34.95
N ILE A 602 -4.88 22.40 33.86
CA ILE A 602 -4.52 21.88 32.57
C ILE A 602 -4.44 23.04 31.53
N GLN A 603 -3.36 23.06 30.74
CA GLN A 603 -3.31 23.90 29.52
C GLN A 603 -2.81 23.04 28.38
N VAL A 604 -3.65 22.87 27.35
CA VAL A 604 -3.34 22.03 26.21
C VAL A 604 -3.76 22.79 24.96
N LYS A 605 -2.74 23.32 24.28
CA LYS A 605 -2.87 24.01 23.00
C LYS A 605 -1.51 23.91 22.35
N ARG A 606 -1.49 24.19 21.07
CA ARG A 606 -0.29 24.34 20.31
C ARG A 606 0.68 25.20 21.09
N ILE A 607 1.95 24.81 21.13
CA ILE A 607 2.92 25.61 21.84
C ILE A 607 3.29 26.84 21.03
N HIS A 608 3.12 28.01 21.61
CA HIS A 608 3.38 29.24 20.88
C HIS A 608 3.48 30.40 21.82
N GLU A 609 4.33 31.37 21.47
CA GLU A 609 4.51 32.52 22.34
C GLU A 609 3.17 33.25 22.61
N TYR A 610 2.29 33.34 21.64
CA TYR A 610 1.01 34.03 21.86
C TYR A 610 -0.01 33.26 22.74
N LYS A 611 0.20 31.95 22.90
CA LYS A 611 -0.65 31.09 23.69
C LYS A 611 -0.23 31.16 25.16
N ARG A 612 1.02 31.55 25.37
CA ARG A 612 1.54 31.96 26.66
C ARG A 612 1.68 30.83 27.69
N GLN A 613 1.96 29.64 27.18
CA GLN A 613 2.54 28.61 28.03
C GLN A 613 3.71 29.16 28.86
N LEU A 614 4.53 30.05 28.30
CA LEU A 614 5.68 30.61 29.05
C LEU A 614 5.25 31.38 30.30
N MET A 615 4.11 32.07 30.20
CA MET A 615 3.52 32.75 31.40
C MET A 615 3.03 31.76 32.47
N ASN A 616 2.36 30.70 32.03
CA ASN A 616 1.95 29.65 32.95
C ASN A 616 3.16 29.09 33.65
N ILE A 617 4.14 28.65 32.87
CA ILE A 617 5.33 28.02 33.52
C ILE A 617 6.07 28.98 34.47
N LEU A 618 6.19 30.24 34.10
CA LEU A 618 6.82 31.18 35.04
C LEU A 618 5.98 31.35 36.31
N GLY A 619 4.65 31.29 36.18
CA GLY A 619 3.76 31.22 37.34
C GLY A 619 4.06 30.00 38.22
N VAL A 620 4.26 28.84 37.59
CA VAL A 620 4.57 27.59 38.35
C VAL A 620 5.90 27.70 39.08
N VAL A 621 6.89 28.25 38.40
CA VAL A 621 8.23 28.45 38.94
C VAL A 621 8.18 29.36 40.18
N TYR A 622 7.42 30.45 40.08
CA TYR A 622 7.16 31.32 41.23
C TYR A 622 6.44 30.59 42.39
N ARG A 623 5.42 29.80 42.07
CA ARG A 623 4.71 29.06 43.09
C ARG A 623 5.66 28.09 43.78
N PHE A 624 6.48 27.36 43.01
CA PHE A 624 7.49 26.43 43.56
C PHE A 624 8.49 27.12 44.49
N LYS A 625 8.96 28.28 44.05
CA LYS A 625 9.94 29.05 44.82
C LYS A 625 9.34 29.48 46.15
N LYS A 626 8.11 29.97 46.14
CA LYS A 626 7.44 30.39 47.38
C LYS A 626 7.17 29.17 48.26
N LEU A 627 6.78 28.05 47.66
CA LEU A 627 6.55 26.84 48.44
C LEU A 627 7.80 26.40 49.15
N LYS A 628 8.94 26.42 48.45
CA LYS A 628 10.23 26.05 49.04
C LYS A 628 10.61 26.99 50.18
N GLU A 629 10.35 28.30 50.03
CA GLU A 629 10.74 29.25 51.07
C GLU A 629 9.83 29.19 52.31
N MET A 630 8.61 28.69 52.15
CA MET A 630 7.68 28.60 53.27
C MET A 630 8.11 27.63 54.35
N LYS A 631 7.64 27.90 55.58
CA LYS A 631 7.75 26.94 56.67
C LYS A 631 6.74 25.84 56.37
N PRO A 632 6.99 24.60 56.83
CA PRO A 632 6.05 23.51 56.59
C PRO A 632 4.68 23.78 57.19
N GLU A 633 4.66 24.52 58.30
CA GLU A 633 3.39 25.00 58.91
C GLU A 633 2.59 25.88 57.95
N GLU A 634 3.29 26.69 57.15
CA GLU A 634 2.65 27.54 56.15
C GLU A 634 2.21 26.75 54.90
N ARG A 635 3.03 25.80 54.45
CA ARG A 635 2.71 24.97 53.27
C ARG A 635 1.36 24.26 53.35
N LYS A 636 1.00 23.84 54.57
CA LYS A 636 -0.29 23.21 54.84
C LYS A 636 -1.48 24.17 54.64
N LYS A 637 -1.23 25.47 54.56
CA LYS A 637 -2.29 26.45 54.27
C LYS A 637 -2.63 26.48 52.78
N THR A 638 -1.71 26.05 51.93
CA THR A 638 -1.87 26.21 50.47
C THR A 638 -2.72 25.13 49.83
N VAL A 639 -3.29 25.41 48.65
CA VAL A 639 -4.04 24.40 47.90
C VAL A 639 -3.08 23.54 47.05
N PRO A 640 -3.05 22.21 47.28
CA PRO A 640 -2.16 21.41 46.46
C PRO A 640 -2.66 21.43 45.01
N ARG A 641 -1.74 21.41 44.07
CA ARG A 641 -2.07 21.48 42.68
C ARG A 641 -1.19 20.58 41.79
N THR A 642 -1.78 19.94 40.76
CA THR A 642 -1.05 19.26 39.72
C THR A 642 -1.19 20.08 38.40
N VAL A 643 -0.08 20.62 37.92
CA VAL A 643 -0.14 21.42 36.71
C VAL A 643 0.21 20.53 35.52
N MET A 644 -0.58 20.59 34.46
CA MET A 644 -0.41 19.72 33.34
C MET A 644 -0.43 20.60 32.10
N ILE A 645 0.67 20.60 31.35
CA ILE A 645 0.77 21.38 30.10
C ILE A 645 1.08 20.42 28.97
N GLY A 646 0.49 20.63 27.81
CA GLY A 646 0.81 19.81 26.68
C GLY A 646 0.48 20.55 25.41
N GLY A 647 0.87 19.94 24.30
CA GLY A 647 0.86 20.62 23.06
C GLY A 647 2.08 20.34 22.22
N LYS A 648 1.96 20.51 20.91
CA LYS A 648 3.09 20.34 20.02
C LYS A 648 3.71 21.69 19.63
N ALA A 649 5.03 21.69 19.48
CA ALA A 649 5.79 22.81 18.88
C ALA A 649 6.12 22.52 17.45
N PHE A 650 5.80 23.47 16.55
CA PHE A 650 6.32 23.43 15.20
C PHE A 650 7.83 23.21 15.25
N ALA A 651 8.35 22.34 14.38
CA ALA A 651 9.68 21.74 14.65
C ALA A 651 10.80 22.77 14.57
N THR A 652 10.64 23.77 13.72
CA THR A 652 11.68 24.77 13.55
C THR A 652 11.47 26.01 14.41
N TYR A 653 10.41 26.02 15.20
CA TYR A 653 10.06 27.20 16.01
C TYR A 653 10.84 27.07 17.32
N THR A 654 11.96 27.77 17.38
CA THR A 654 12.97 27.60 18.41
C THR A 654 12.45 27.85 19.80
N ASN A 655 11.75 28.96 20.02
CA ASN A 655 11.29 29.27 21.39
C ASN A 655 10.18 28.36 21.90
N ALA A 656 9.28 27.95 21.00
CA ALA A 656 8.28 26.93 21.31
C ALA A 656 8.98 25.65 21.82
N LYS A 657 10.00 25.20 21.09
CA LYS A 657 10.73 24.01 21.52
C LYS A 657 11.43 24.25 22.86
N ARG A 658 11.97 25.44 23.07
CA ARG A 658 12.61 25.75 24.37
C ARG A 658 11.60 25.67 25.54
N ILE A 659 10.39 26.12 25.30
CA ILE A 659 9.27 26.09 26.29
C ILE A 659 8.90 24.66 26.67
N VAL A 660 8.81 23.76 25.68
CA VAL A 660 8.57 22.34 25.97
C VAL A 660 9.68 21.81 26.86
N LYS A 661 10.94 22.17 26.55
CA LYS A 661 12.06 21.72 27.32
C LYS A 661 11.98 22.29 28.73
N LEU A 662 11.67 23.57 28.84
CA LEU A 662 11.55 24.23 30.14
C LEU A 662 10.49 23.55 31.05
N VAL A 663 9.32 23.26 30.50
CA VAL A 663 8.27 22.60 31.28
C VAL A 663 8.76 21.29 31.82
N ASN A 664 9.44 20.50 30.98
CA ASN A 664 9.96 19.21 31.42
C ASN A 664 11.06 19.33 32.47
N ASP A 665 11.96 20.28 32.33
CA ASP A 665 13.06 20.47 33.26
C ASP A 665 12.53 20.94 34.62
N VAL A 666 11.48 21.76 34.59
CA VAL A 666 10.84 22.26 35.81
C VAL A 666 10.17 21.12 36.56
N GLY A 667 9.39 20.32 35.83
CA GLY A 667 8.78 19.10 36.36
C GLY A 667 9.81 18.15 36.94
N ASP A 668 10.87 17.89 36.19
CA ASP A 668 11.90 16.93 36.69
C ASP A 668 12.32 17.31 38.12
N VAL A 669 12.57 18.61 38.32
CA VAL A 669 12.99 19.14 39.63
C VAL A 669 11.87 19.17 40.69
N VAL A 670 10.71 19.73 40.35
CA VAL A 670 9.59 19.88 41.32
C VAL A 670 9.08 18.51 41.77
N ASN A 671 8.83 17.63 40.81
CA ASN A 671 8.18 16.34 41.06
C ASN A 671 9.01 15.40 41.93
N SER A 672 10.32 15.58 41.87
CA SER A 672 11.30 14.80 42.65
C SER A 672 11.80 15.53 43.88
N ASP A 673 11.15 16.63 44.29
CA ASP A 673 11.53 17.38 45.49
C ASP A 673 10.59 16.96 46.64
N PRO A 674 11.09 16.13 47.59
CA PRO A 674 10.15 15.55 48.55
C PRO A 674 9.61 16.52 49.59
N GLU A 675 10.07 17.78 49.57
CA GLU A 675 9.63 18.81 50.52
C GLU A 675 8.38 19.58 50.02
N VAL A 676 8.17 19.68 48.72
CA VAL A 676 7.02 20.40 48.25
C VAL A 676 6.20 19.60 47.27
N ASN A 677 6.65 18.41 46.86
CA ASN A 677 5.92 17.69 45.84
C ASN A 677 4.56 17.14 46.29
N GLU A 678 4.25 17.30 47.59
CA GLU A 678 2.88 17.07 48.09
C GLU A 678 1.94 18.22 47.76
N TYR A 679 2.52 19.38 47.48
CA TYR A 679 1.76 20.62 47.18
C TYR A 679 1.85 21.08 45.76
N LEU A 680 2.83 20.60 45.02
CA LEU A 680 2.95 20.96 43.63
C LEU A 680 3.57 19.86 42.81
N LYS A 681 2.97 19.54 41.66
CA LYS A 681 3.68 18.75 40.68
C LYS A 681 3.34 19.38 39.34
N VAL A 682 4.27 19.23 38.39
CA VAL A 682 4.10 19.75 37.03
C VAL A 682 4.54 18.67 36.05
N VAL A 683 3.71 18.46 35.04
CA VAL A 683 3.89 17.35 34.11
C VAL A 683 3.66 17.84 32.71
N PHE A 684 4.59 17.54 31.80
CA PHE A 684 4.34 17.83 30.42
C PHE A 684 3.71 16.58 29.88
N VAL A 685 2.50 16.71 29.33
CA VAL A 685 1.78 15.59 28.81
C VAL A 685 2.07 15.39 27.33
N PRO A 686 2.67 14.26 26.99
CA PRO A 686 3.18 14.16 25.62
C PRO A 686 2.16 13.79 24.57
N ASN A 687 2.50 14.12 23.35
CA ASN A 687 1.75 13.72 22.16
C ASN A 687 0.24 14.06 22.22
N TYR A 688 -0.03 15.31 22.61
CA TYR A 688 -1.40 15.78 22.68
C TYR A 688 -2.15 15.54 21.34
N ASN A 689 -3.27 14.82 21.42
CA ASN A 689 -4.10 14.51 20.32
C ASN A 689 -5.54 14.24 20.91
N VAL A 690 -6.44 13.72 20.10
CA VAL A 690 -7.85 13.57 20.51
C VAL A 690 -7.96 12.63 21.71
N THR A 691 -7.24 11.52 21.63
CA THR A 691 -7.17 10.56 22.74
C THR A 691 -6.73 11.24 24.01
N VAL A 692 -5.63 11.96 23.95
CA VAL A 692 -5.16 12.65 25.17
C VAL A 692 -6.19 13.63 25.76
N ALA A 693 -6.82 14.47 24.92
CA ALA A 693 -7.86 15.31 25.34
C ALA A 693 -9.05 14.51 25.97
N GLU A 694 -9.39 13.37 25.39
CA GLU A 694 -10.42 12.47 25.97
C GLU A 694 -10.06 11.96 27.35
N MET A 695 -8.77 11.91 27.67
CA MET A 695 -8.32 11.52 29.02
C MET A 695 -8.27 12.72 29.97
N LEU A 696 -7.81 13.87 29.47
CA LEU A 696 -7.63 15.03 30.33
C LEU A 696 -8.93 15.75 30.62
N ILE A 697 -9.78 15.91 29.61
CA ILE A 697 -10.95 16.80 29.77
C ILE A 697 -11.94 16.34 30.85
N PRO A 698 -12.28 15.07 30.89
CA PRO A 698 -13.20 14.59 31.94
C PRO A 698 -12.67 14.75 33.35
N GLY A 699 -11.34 14.71 33.50
CA GLY A 699 -10.68 14.84 34.80
C GLY A 699 -10.29 16.27 35.19
N SER A 700 -10.58 17.26 34.33
CA SER A 700 -10.06 18.60 34.52
C SER A 700 -10.88 19.37 35.55
N GLU A 701 -10.21 20.22 36.31
CA GLU A 701 -10.91 21.15 37.23
C GLU A 701 -10.75 22.65 36.86
N LEU A 702 -9.51 23.01 36.53
CA LEU A 702 -9.20 24.31 35.93
C LEU A 702 -8.52 24.10 34.58
N SER A 703 -8.95 24.82 33.54
CA SER A 703 -8.21 24.91 32.32
C SER A 703 -7.83 26.38 31.98
N GLN A 704 -6.75 26.55 31.28
CA GLN A 704 -6.12 27.85 31.06
C GLN A 704 -6.25 28.14 29.60
N HIS A 705 -6.86 29.27 29.30
CA HIS A 705 -7.08 29.77 27.93
C HIS A 705 -6.63 31.22 27.95
N ILE A 706 -5.29 31.38 27.85
CA ILE A 706 -4.62 32.58 28.32
C ILE A 706 -3.93 33.34 27.22
N SER A 707 -4.31 33.09 25.95
CA SER A 707 -3.70 33.79 24.85
C SER A 707 -3.82 35.32 25.07
N THR A 708 -2.88 36.06 24.51
CA THR A 708 -2.95 37.48 24.51
C THR A 708 -4.23 37.94 23.93
N ALA A 709 -4.88 38.87 24.62
CA ALA A 709 -6.25 39.31 24.13
C ALA A 709 -6.23 39.87 22.74
N GLY A 710 -7.23 39.50 21.93
CA GLY A 710 -7.30 39.93 20.53
C GLY A 710 -6.71 38.95 19.52
N MET A 711 -5.98 37.95 19.97
CA MET A 711 -5.28 36.99 19.05
C MET A 711 -6.13 35.77 18.60
N GLU A 712 -7.10 35.35 19.39
CA GLU A 712 -7.89 34.14 19.10
C GLU A 712 -9.27 34.46 18.54
N ALA A 713 -9.61 33.94 17.35
CA ALA A 713 -10.97 34.03 16.84
C ALA A 713 -11.96 33.20 17.70
N SER A 714 -11.57 32.01 18.11
CA SER A 714 -12.49 31.12 18.79
C SER A 714 -11.78 30.28 19.86
N GLY A 715 -11.53 29.00 19.57
CA GLY A 715 -11.08 28.06 20.61
C GLY A 715 -12.15 27.09 21.14
N THR A 716 -12.26 25.94 20.47
CA THR A 716 -13.27 24.96 20.82
C THR A 716 -12.92 24.12 22.05
N SER A 717 -11.64 24.06 22.42
CA SER A 717 -11.24 23.21 23.60
C SER A 717 -11.78 23.85 24.87
N ASN A 718 -11.83 25.18 24.85
CA ASN A 718 -12.48 25.97 25.93
C ASN A 718 -13.90 25.40 26.20
N MET A 719 -14.66 25.17 25.13
CA MET A 719 -16.03 24.70 25.19
C MET A 719 -16.13 23.27 25.77
N LYS A 720 -15.23 22.40 25.32
CA LYS A 720 -15.18 21.02 25.79
C LYS A 720 -14.94 20.96 27.36
N PHE A 721 -14.02 21.78 27.80
CA PHE A 721 -13.72 21.92 29.24
C PHE A 721 -14.98 22.44 30.01
N ALA A 722 -15.64 23.52 29.51
CA ALA A 722 -16.78 24.15 30.16
C ALA A 722 -17.93 23.15 30.26
N LEU A 723 -18.13 22.35 29.20
CA LEU A 723 -19.18 21.36 29.19
C LEU A 723 -18.97 20.29 30.25
N ASN A 724 -17.71 20.02 30.58
CA ASN A 724 -17.34 18.96 31.52
C ASN A 724 -17.12 19.49 32.94
N GLY A 725 -17.61 20.69 33.22
CA GLY A 725 -17.53 21.26 34.58
C GLY A 725 -16.20 21.82 35.03
N CYS A 726 -15.30 22.00 34.07
CA CYS A 726 -13.96 22.51 34.38
C CYS A 726 -14.04 24.03 34.22
N LEU A 727 -13.58 24.77 35.24
CA LEU A 727 -13.63 26.20 35.25
C LEU A 727 -12.46 26.76 34.40
N ILE A 728 -12.60 27.99 33.91
CA ILE A 728 -11.59 28.55 33.04
C ILE A 728 -10.90 29.75 33.69
N ILE A 729 -9.55 29.76 33.65
CA ILE A 729 -8.81 30.98 33.94
C ILE A 729 -8.33 31.46 32.61
N GLY A 730 -8.73 32.68 32.27
CA GLY A 730 -8.74 33.08 30.88
C GLY A 730 -8.76 34.57 30.62
N THR A 731 -8.31 34.94 29.43
CA THR A 731 -8.41 36.32 28.95
C THR A 731 -9.69 36.54 28.18
N LEU A 732 -10.04 37.81 27.96
CA LEU A 732 -11.34 38.16 27.33
C LEU A 732 -11.22 38.16 25.81
N ASP A 733 -11.22 36.96 25.22
CA ASP A 733 -10.68 36.76 23.87
C ASP A 733 -11.31 35.48 23.32
N GLY A 734 -11.56 35.41 22.04
CA GLY A 734 -11.99 34.12 21.49
C GLY A 734 -13.32 33.68 22.09
N ALA A 735 -13.46 32.36 22.21
CA ALA A 735 -14.64 31.72 22.79
C ALA A 735 -14.87 32.00 24.30
N ASN A 736 -13.81 32.39 25.00
CA ASN A 736 -13.94 32.80 26.39
C ASN A 736 -15.05 33.84 26.58
N VAL A 737 -15.17 34.79 25.65
CA VAL A 737 -16.20 35.85 25.75
C VAL A 737 -17.61 35.24 25.87
N GLU A 738 -17.93 34.34 24.96
CA GLU A 738 -19.29 33.74 24.89
C GLU A 738 -19.48 32.73 25.99
N ILE A 739 -18.41 32.02 26.35
CA ILE A 739 -18.49 31.05 27.43
C ILE A 739 -18.86 31.79 28.72
N ARG A 740 -18.13 32.83 29.01
CA ARG A 740 -18.32 33.63 30.23
C ARG A 740 -19.74 34.21 30.29
N GLU A 741 -20.26 34.69 29.16
CA GLU A 741 -21.62 35.14 29.06
C GLU A 741 -22.64 34.05 29.45
N GLU A 742 -22.49 32.89 28.86
CA GLU A 742 -23.39 31.79 29.04
C GLU A 742 -23.32 31.16 30.42
N VAL A 743 -22.12 30.99 30.94
CA VAL A 743 -21.95 30.32 32.23
C VAL A 743 -22.10 31.29 33.39
N GLY A 744 -22.04 32.59 33.10
CA GLY A 744 -22.00 33.61 34.18
C GLY A 744 -20.59 34.07 34.58
N GLU A 745 -20.40 35.38 34.64
CA GLU A 745 -19.09 35.95 35.03
C GLU A 745 -18.58 35.43 36.43
N GLU A 746 -19.50 35.11 37.33
CA GLU A 746 -19.09 34.61 38.65
C GLU A 746 -18.51 33.20 38.58
N ASN A 747 -18.66 32.52 37.45
CA ASN A 747 -18.15 31.17 37.29
C ASN A 747 -16.95 31.04 36.36
N PHE A 748 -16.17 32.13 36.24
CA PHE A 748 -15.08 32.25 35.30
C PHE A 748 -13.98 33.08 35.96
N PHE A 749 -12.72 32.79 35.66
CA PHE A 749 -11.65 33.56 36.25
C PHE A 749 -10.95 34.43 35.22
N LEU A 750 -11.43 35.66 35.08
CA LEU A 750 -10.98 36.56 34.06
C LEU A 750 -9.77 37.36 34.54
N PHE A 751 -8.82 37.57 33.66
CA PHE A 751 -7.73 38.52 33.97
C PHE A 751 -7.20 39.14 32.72
N GLY A 752 -6.34 40.13 32.91
CA GLY A 752 -5.48 40.54 31.84
C GLY A 752 -5.98 41.67 30.99
N ALA A 753 -5.07 42.16 30.19
CA ALA A 753 -5.35 43.23 29.28
C ALA A 753 -6.46 42.82 28.32
N THR A 754 -7.28 43.78 27.95
CA THR A 754 -8.36 43.54 26.96
C THR A 754 -7.86 43.93 25.56
N ALA A 755 -8.51 43.44 24.49
CA ALA A 755 -7.97 43.53 23.15
C ALA A 755 -7.79 44.99 22.70
N ASP A 756 -8.58 45.89 23.25
CA ASP A 756 -8.49 47.32 22.87
C ASP A 756 -7.32 48.00 23.53
N GLN A 757 -6.89 47.46 24.68
CA GLN A 757 -5.72 48.00 25.37
C GLN A 757 -4.39 47.59 24.72
N VAL A 758 -4.36 46.38 24.13
CA VAL A 758 -3.10 45.75 23.65
C VAL A 758 -2.16 46.66 22.85
N PRO A 759 -2.64 47.35 21.78
CA PRO A 759 -1.77 48.22 21.01
C PRO A 759 -1.23 49.42 21.78
N ARG A 760 -2.08 50.05 22.61
CA ARG A 760 -1.59 51.07 23.55
C ARG A 760 -0.48 50.53 24.44
N LEU A 761 -0.67 49.34 25.02
CA LEU A 761 0.34 48.78 25.93
C LEU A 761 1.66 48.45 25.20
N ARG A 762 1.55 47.91 23.99
CA ARG A 762 2.73 47.68 23.17
C ARG A 762 3.49 48.99 22.88
N LYS A 763 2.76 50.08 22.62
CA LYS A 763 3.37 51.40 22.39
C LYS A 763 4.06 51.91 23.65
N GLU A 764 3.47 51.71 24.83
CA GLU A 764 4.13 52.10 26.08
C GLU A 764 5.47 51.40 26.30
N ARG A 765 5.52 50.10 25.97
CA ARG A 765 6.72 49.29 26.07
C ARG A 765 7.80 49.83 25.16
N GLU A 766 7.40 50.15 23.92
CA GLU A 766 8.32 50.74 22.94
C GLU A 766 8.84 52.09 23.41
N ASP A 767 8.00 52.87 24.09
CA ASP A 767 8.40 54.17 24.62
C ASP A 767 9.07 54.07 25.99
N GLY A 768 9.45 52.86 26.42
CA GLY A 768 10.25 52.69 27.64
C GLY A 768 9.53 52.99 28.94
N LEU A 769 8.20 52.90 28.93
CA LEU A 769 7.35 53.24 30.07
C LEU A 769 6.85 52.01 30.82
N PHE A 770 7.23 50.80 30.39
CA PHE A 770 6.80 49.57 31.08
C PHE A 770 7.55 49.38 32.41
N LYS A 771 6.83 48.99 33.46
CA LYS A 771 7.44 48.71 34.76
C LYS A 771 7.13 47.27 35.23
N PRO A 772 8.10 46.35 35.12
CA PRO A 772 7.83 44.93 35.39
C PRO A 772 7.54 44.67 36.87
N ASP A 773 6.61 43.76 37.15
CA ASP A 773 6.24 43.42 38.51
C ASP A 773 7.38 42.62 39.13
N PRO A 774 7.63 42.85 40.42
CA PRO A 774 8.74 42.13 41.06
C PRO A 774 8.65 40.59 41.05
N ARG A 775 7.42 40.05 41.09
CA ARG A 775 7.22 38.62 41.11
C ARG A 775 7.58 37.99 39.76
N PHE A 776 7.27 38.71 38.68
CA PHE A 776 7.69 38.35 37.33
C PHE A 776 9.21 38.31 37.21
N GLU A 777 9.86 39.37 37.71
CA GLU A 777 11.31 39.47 37.67
C GLU A 777 11.98 38.33 38.47
N GLU A 778 11.42 38.03 39.63
CA GLU A 778 11.91 36.96 40.50
C GLU A 778 11.73 35.58 39.84
N ALA A 779 10.59 35.39 39.15
CA ALA A 779 10.34 34.14 38.40
C ALA A 779 11.41 33.93 37.33
N LYS A 780 11.57 34.92 36.46
CA LYS A 780 12.68 34.97 35.48
C LYS A 780 14.06 34.65 36.05
N GLN A 781 14.46 35.36 37.08
CA GLN A 781 15.77 35.14 37.69
C GLN A 781 15.93 33.67 38.15
N PHE A 782 14.91 33.14 38.82
CA PHE A 782 14.99 31.75 39.32
C PHE A 782 15.18 30.73 38.18
N VAL A 783 14.54 30.97 37.04
CA VAL A 783 14.75 30.14 35.85
C VAL A 783 16.19 30.27 35.35
N LYS A 784 16.78 31.44 35.53
CA LYS A 784 18.16 31.68 35.11
C LYS A 784 19.21 31.25 36.16
N SER A 785 18.74 30.77 37.31
CA SER A 785 19.62 30.42 38.45
C SER A 785 20.41 29.14 38.27
N GLY A 786 20.00 28.30 37.34
CA GLY A 786 20.56 26.96 37.24
C GLY A 786 19.81 25.92 38.07
N VAL A 787 18.76 26.36 38.77
CA VAL A 787 17.96 25.42 39.57
C VAL A 787 17.36 24.31 38.71
N PHE A 788 17.15 24.55 37.41
CA PHE A 788 16.55 23.56 36.53
C PHE A 788 17.54 22.85 35.58
N GLY A 789 18.78 22.68 36.02
CA GLY A 789 19.78 21.89 35.28
C GLY A 789 20.67 22.76 34.44
N SER A 790 21.42 22.15 33.53
CA SER A 790 22.47 22.85 32.77
C SER A 790 21.94 23.61 31.53
N TYR A 791 20.66 23.46 31.22
CA TYR A 791 20.11 24.15 30.04
C TYR A 791 20.01 25.66 30.32
N ASP A 792 20.66 26.44 29.48
CA ASP A 792 20.60 27.89 29.53
C ASP A 792 19.28 28.38 28.94
N TYR A 793 18.39 28.88 29.80
CA TYR A 793 17.08 29.43 29.38
C TYR A 793 17.18 30.94 29.09
N GLY A 794 18.39 31.50 29.18
CA GLY A 794 18.63 32.92 28.86
C GLY A 794 18.13 33.42 27.51
N PRO A 795 18.41 32.67 26.44
CA PRO A 795 17.90 33.05 25.13
C PRO A 795 16.37 33.04 25.02
N LEU A 796 15.71 32.06 25.63
CA LEU A 796 14.26 32.03 25.65
C LEU A 796 13.74 33.29 26.31
N LEU A 797 14.26 33.57 27.50
CA LEU A 797 13.77 34.71 28.29
C LEU A 797 14.12 36.07 27.68
N ASP A 798 15.13 36.12 26.83
CA ASP A 798 15.50 37.32 26.08
C ASP A 798 14.33 37.81 25.21
N SER A 799 13.42 36.90 24.85
CA SER A 799 12.20 37.24 24.13
C SER A 799 11.32 38.18 24.96
N LEU A 800 11.51 38.15 26.30
CA LEU A 800 10.77 39.02 27.22
C LEU A 800 11.50 40.33 27.53
N GLU A 801 12.74 40.46 27.07
CA GLU A 801 13.59 41.61 27.39
C GLU A 801 13.66 42.66 26.28
N GLY A 802 14.09 43.86 26.66
CA GLY A 802 14.23 44.96 25.70
C GLY A 802 12.88 45.57 25.39
N ASN A 803 12.85 46.56 24.52
CA ASN A 803 11.64 47.33 24.21
C ASN A 803 11.24 47.30 22.76
N THR A 804 12.16 46.82 21.93
CA THR A 804 11.98 46.82 20.50
C THR A 804 12.85 45.72 19.91
N GLY A 805 12.48 45.29 18.71
CA GLY A 805 13.20 44.27 17.97
C GLY A 805 12.27 43.10 17.70
N PHE A 806 12.33 42.56 16.48
CA PHE A 806 11.60 41.34 16.17
C PHE A 806 12.14 40.26 17.10
N GLY A 807 11.24 39.50 17.72
CA GLY A 807 11.59 38.43 18.64
C GLY A 807 11.97 38.92 20.04
N ARG A 808 11.76 40.21 20.31
CA ARG A 808 12.13 40.81 21.60
C ARG A 808 11.03 41.74 22.10
N GLY A 809 11.19 42.25 23.31
CA GLY A 809 10.27 43.21 23.87
C GLY A 809 8.92 42.66 24.32
N ASP A 810 8.84 41.35 24.59
CA ASP A 810 7.63 40.77 25.14
C ASP A 810 6.36 41.32 24.44
N TYR A 811 6.25 41.01 23.17
CA TYR A 811 5.15 41.52 22.34
C TYR A 811 3.80 40.89 22.75
N PHE A 812 3.87 39.73 23.41
CA PHE A 812 2.67 39.02 23.85
C PHE A 812 2.23 39.31 25.29
N LEU A 813 2.90 40.27 25.91
CA LEU A 813 2.47 40.91 27.17
C LEU A 813 2.51 39.96 28.37
N VAL A 814 3.41 39.00 28.29
CA VAL A 814 3.63 38.03 29.35
C VAL A 814 3.90 38.80 30.64
N GLY A 815 4.80 39.78 30.58
CA GLY A 815 5.15 40.56 31.78
C GLY A 815 4.07 41.49 32.27
N TYR A 816 3.36 42.13 31.34
CA TYR A 816 2.30 43.06 31.71
C TYR A 816 1.13 42.34 32.37
N ASP A 817 0.73 41.22 31.79
CA ASP A 817 -0.46 40.48 32.31
C ASP A 817 -0.13 39.63 33.51
N PHE A 818 1.14 39.40 33.76
CA PHE A 818 1.57 38.47 34.83
C PHE A 818 0.91 38.74 36.19
N PRO A 819 0.96 39.99 36.68
CA PRO A 819 0.36 40.25 38.01
C PRO A 819 -1.15 39.96 38.13
N SER A 820 -1.95 40.36 37.16
CA SER A 820 -3.39 40.06 37.19
C SER A 820 -3.64 38.56 37.01
N TYR A 821 -2.75 37.88 36.26
CA TYR A 821 -2.73 36.43 36.16
C TYR A 821 -2.46 35.75 37.51
N MET A 822 -1.44 36.23 38.24
CA MET A 822 -1.16 35.66 39.54
C MET A 822 -2.33 35.99 40.52
N ASP A 823 -2.89 37.17 40.43
CA ASP A 823 -4.04 37.53 41.27
C ASP A 823 -5.24 36.61 40.97
N ALA A 824 -5.46 36.28 39.70
CA ALA A 824 -6.50 35.33 39.35
C ALA A 824 -6.21 33.92 39.87
N GLN A 825 -4.96 33.47 39.81
CA GLN A 825 -4.61 32.12 40.30
C GLN A 825 -4.81 32.06 41.81
N ALA A 826 -4.56 33.19 42.45
CA ALA A 826 -4.87 33.33 43.88
C ALA A 826 -6.39 33.19 44.16
N LYS A 827 -7.22 33.78 43.28
CA LYS A 827 -8.67 33.65 43.38
C LYS A 827 -9.11 32.21 43.22
N VAL A 828 -8.53 31.52 42.24
CA VAL A 828 -8.78 30.10 42.05
C VAL A 828 -8.55 29.26 43.34
N ASP A 829 -7.38 29.44 43.95
CA ASP A 829 -7.03 28.76 45.19
C ASP A 829 -8.08 29.01 46.26
N GLU A 830 -8.48 30.27 46.43
CA GLU A 830 -9.50 30.60 47.43
C GLU A 830 -10.85 29.99 47.11
N ALA A 831 -11.24 30.02 45.84
CA ALA A 831 -12.47 29.41 45.41
C ALA A 831 -12.42 27.89 45.61
N TYR A 832 -11.27 27.28 45.30
CA TYR A 832 -11.07 25.83 45.47
C TYR A 832 -11.28 25.33 46.91
N LYS A 833 -10.76 26.07 47.88
CA LYS A 833 -10.96 25.79 49.28
C LYS A 833 -12.41 25.77 49.74
N ASP A 834 -13.29 26.49 49.03
CA ASP A 834 -14.75 26.45 49.35
C ASP A 834 -15.35 25.40 48.45
N ARG A 835 -15.38 24.14 48.93
CA ARG A 835 -15.78 23.02 48.04
C ARG A 835 -17.21 23.17 47.48
N LYS A 836 -18.17 23.55 48.32
CA LYS A 836 -19.53 23.79 47.85
C LYS A 836 -19.62 24.87 46.80
N GLY A 837 -18.89 25.97 46.99
CA GLY A 837 -18.91 27.09 46.03
C GLY A 837 -18.29 26.62 44.72
N TRP A 838 -17.18 25.88 44.80
CA TRP A 838 -16.53 25.28 43.58
C TRP A 838 -17.45 24.38 42.82
N LEU A 839 -18.04 23.43 43.50
CA LEU A 839 -18.92 22.49 42.87
C LEU A 839 -20.16 23.22 42.26
N LYS A 840 -20.67 24.26 42.94
CA LYS A 840 -21.75 25.13 42.30
C LYS A 840 -21.32 25.77 40.99
N MET A 841 -20.11 26.35 41.00
CA MET A 841 -19.55 26.92 39.79
C MET A 841 -19.37 25.86 38.73
N SER A 842 -18.93 24.65 39.12
CA SER A 842 -18.76 23.56 38.12
C SER A 842 -20.04 23.10 37.47
N ILE A 843 -21.08 22.91 38.30
CA ILE A 843 -22.39 22.58 37.78
C ILE A 843 -22.91 23.68 36.86
N LEU A 844 -22.76 24.94 37.26
CA LEU A 844 -23.25 26.08 36.44
C LEU A 844 -22.53 26.13 35.09
N SER A 845 -21.27 25.70 35.08
CA SER A 845 -20.50 25.68 33.85
C SER A 845 -21.08 24.70 32.90
N THR A 846 -21.31 23.46 33.33
CA THR A 846 -21.98 22.51 32.45
C THR A 846 -23.38 23.03 32.05
N ALA A 847 -24.07 23.60 33.03
CA ALA A 847 -25.49 23.97 32.87
C ALA A 847 -25.62 25.03 31.78
N GLY A 848 -24.58 25.88 31.66
CA GLY A 848 -24.58 26.95 30.69
C GLY A 848 -23.92 26.66 29.35
N SER A 849 -23.62 25.40 29.08
CA SER A 849 -22.82 25.04 27.89
C SER A 849 -23.60 24.68 26.65
N GLY A 850 -24.92 24.64 26.78
CA GLY A 850 -25.81 24.23 25.70
C GLY A 850 -25.59 24.93 24.38
N LYS A 851 -25.33 26.23 24.44
CA LYS A 851 -25.09 27.01 23.24
C LYS A 851 -23.91 26.50 22.40
N PHE A 852 -22.99 25.77 23.01
CA PHE A 852 -21.74 25.39 22.33
C PHE A 852 -21.83 24.08 21.59
N SER A 853 -23.04 23.53 21.46
CA SER A 853 -23.21 22.33 20.67
C SER A 853 -22.92 22.57 19.23
N SER A 854 -22.14 21.67 18.60
CA SER A 854 -21.99 21.78 17.15
C SER A 854 -23.28 21.54 16.37
N ASP A 855 -24.25 20.87 17.00
CA ASP A 855 -25.56 20.74 16.44
C ASP A 855 -26.23 22.09 16.18
N ARG A 856 -26.10 23.04 17.10
CA ARG A 856 -26.63 24.36 16.86
C ARG A 856 -25.90 25.01 15.66
N THR A 857 -24.57 24.95 15.71
CA THR A 857 -23.69 25.55 14.65
C THR A 857 -24.08 25.04 13.25
N ILE A 858 -24.16 23.72 13.12
CA ILE A 858 -24.45 23.11 11.81
C ILE A 858 -25.89 23.43 11.33
N ALA A 859 -26.86 23.47 12.25
CA ALA A 859 -28.24 23.77 11.88
C ALA A 859 -28.28 25.20 11.31
N GLN A 860 -27.46 26.10 11.87
CA GLN A 860 -27.39 27.48 11.37
C GLN A 860 -26.76 27.55 9.98
N TYR A 861 -25.64 26.84 9.79
CA TYR A 861 -25.04 26.70 8.46
C TYR A 861 -26.06 26.13 7.50
N ALA A 862 -26.74 25.05 7.92
CA ALA A 862 -27.71 24.43 7.06
C ALA A 862 -28.79 25.40 6.55
N LYS A 863 -29.33 26.26 7.43
CA LYS A 863 -30.46 27.12 7.08
C LYS A 863 -30.06 28.41 6.39
N GLU A 864 -28.98 29.02 6.91
CA GLU A 864 -28.62 30.40 6.55
C GLU A 864 -27.56 30.49 5.43
N ILE A 865 -26.78 29.43 5.23
CA ILE A 865 -25.71 29.41 4.19
C ILE A 865 -25.98 28.37 3.10
N TRP A 866 -26.16 27.11 3.46
CA TRP A 866 -26.27 26.08 2.44
C TRP A 866 -27.62 25.88 1.86
N ASN A 867 -28.66 26.36 2.55
CA ASN A 867 -30.03 26.03 2.19
C ASN A 867 -30.25 24.52 1.93
N ILE A 868 -29.73 23.68 2.85
CA ILE A 868 -30.05 22.23 2.89
C ILE A 868 -30.95 21.90 4.12
N GLU A 869 -31.67 20.76 4.07
CA GLU A 869 -32.59 20.33 5.14
C GLU A 869 -32.46 18.83 5.44
N ALA A 870 -33.06 18.39 6.55
CA ALA A 870 -32.96 17.00 6.97
C ALA A 870 -33.49 16.07 5.90
N CYS A 871 -32.81 14.94 5.73
CA CYS A 871 -33.17 13.92 4.75
C CYS A 871 -32.98 12.59 5.52
N PRO A 872 -33.92 12.26 6.42
CA PRO A 872 -33.78 11.07 7.26
C PRO A 872 -33.95 9.80 6.45
N VAL A 873 -33.04 8.86 6.63
CA VAL A 873 -33.09 7.59 5.93
C VAL A 873 -34.18 6.76 6.60
N PRO A 874 -35.14 6.24 5.81
CA PRO A 874 -36.15 5.35 6.41
C PRO A 874 -35.63 4.00 6.91
N LYS B 48 -31.17 -10.10 -6.72
CA LYS B 48 -32.22 -10.86 -5.97
C LYS B 48 -31.60 -11.67 -4.81
N ILE B 49 -30.42 -12.24 -5.01
CA ILE B 49 -29.76 -13.08 -3.99
C ILE B 49 -29.28 -12.18 -2.86
N SER B 50 -29.60 -12.55 -1.62
CA SER B 50 -29.18 -11.78 -0.43
C SER B 50 -27.88 -12.31 0.16
N ALA B 51 -27.14 -11.39 0.79
CA ALA B 51 -25.88 -11.71 1.46
C ALA B 51 -26.09 -12.70 2.57
N LYS B 52 -25.29 -13.76 2.57
CA LYS B 52 -25.27 -14.68 3.69
C LYS B 52 -23.90 -15.33 3.72
N ALA B 53 -23.12 -15.01 4.72
CA ALA B 53 -21.81 -15.56 4.81
C ALA B 53 -21.98 -17.04 5.05
N ASN B 54 -21.20 -17.81 4.33
CA ASN B 54 -20.99 -19.21 4.64
C ASN B 54 -19.56 -19.56 4.20
N PRO B 55 -18.60 -19.51 5.13
CA PRO B 55 -17.22 -19.82 4.75
C PRO B 55 -17.04 -21.22 4.14
N GLU B 56 -17.89 -22.18 4.49
CA GLU B 56 -17.79 -23.56 3.99
CA GLU B 56 -17.78 -23.56 3.97
C GLU B 56 -18.79 -23.89 2.86
N ALA B 57 -19.27 -22.87 2.18
CA ALA B 57 -20.28 -23.03 1.12
C ALA B 57 -19.89 -24.07 0.08
N ASP B 58 -20.72 -25.10 -0.10
CA ASP B 58 -20.40 -26.10 -1.12
C ASP B 58 -21.52 -26.40 -2.13
N ASP B 59 -22.67 -25.70 -2.07
CA ASP B 59 -23.67 -25.79 -3.15
C ASP B 59 -24.01 -24.40 -3.70
N ALA B 60 -24.67 -24.38 -4.85
CA ALA B 60 -24.88 -23.14 -5.64
C ALA B 60 -25.51 -22.00 -4.84
N THR B 61 -26.47 -22.35 -4.00
CA THR B 61 -27.20 -21.35 -3.23
C THR B 61 -26.36 -20.80 -2.10
N GLU B 62 -25.64 -21.65 -1.39
CA GLU B 62 -24.77 -21.22 -0.29
C GLU B 62 -23.65 -20.34 -0.85
N ILE B 63 -23.06 -20.78 -1.97
CA ILE B 63 -21.93 -20.09 -2.63
C ILE B 63 -22.41 -18.75 -3.15
N ALA B 64 -23.52 -18.71 -3.87
CA ALA B 64 -24.09 -17.41 -4.27
C ALA B 64 -24.26 -16.46 -3.06
N GLY B 65 -24.75 -16.95 -1.94
CA GLY B 65 -24.93 -16.10 -0.74
C GLY B 65 -23.62 -15.56 -0.21
N ASN B 66 -22.58 -16.38 -0.27
CA ASN B 66 -21.27 -16.04 0.27
C ASN B 66 -20.58 -15.01 -0.61
N ILE B 67 -20.70 -15.16 -1.94
CA ILE B 67 -20.20 -14.17 -2.88
C ILE B 67 -20.86 -12.79 -2.67
N VAL B 68 -22.19 -12.77 -2.56
CA VAL B 68 -22.94 -11.52 -2.34
C VAL B 68 -22.54 -10.93 -0.97
N TYR B 69 -22.31 -11.79 0.01
CA TYR B 69 -21.85 -11.33 1.32
C TYR B 69 -20.53 -10.54 1.18
N HIS B 70 -19.57 -11.09 0.47
CA HIS B 70 -18.29 -10.41 0.29
C HIS B 70 -18.39 -9.13 -0.53
N ALA B 71 -19.21 -9.17 -1.59
CA ALA B 71 -19.49 -8.00 -2.41
C ALA B 71 -19.91 -6.85 -1.54
N LYS B 72 -20.83 -7.12 -0.62
CA LYS B 72 -21.36 -6.08 0.24
C LYS B 72 -20.44 -5.75 1.41
N TYR B 73 -19.93 -6.76 2.09
CA TYR B 73 -19.23 -6.53 3.36
C TYR B 73 -17.71 -6.59 3.30
N SER B 74 -17.16 -6.96 2.14
CA SER B 74 -15.73 -6.84 1.82
C SER B 74 -15.57 -5.95 0.58
N PRO B 75 -16.15 -4.74 0.60
CA PRO B 75 -16.23 -3.97 -0.65
C PRO B 75 -14.86 -3.37 -0.97
N HIS B 76 -14.57 -3.19 -2.24
CA HIS B 76 -13.36 -2.49 -2.73
C HIS B 76 -13.73 -1.51 -3.81
N PHE B 77 -15.04 -1.29 -3.92
CA PHE B 77 -15.66 -0.49 -4.98
C PHE B 77 -16.94 0.20 -4.42
N SER B 78 -17.52 1.11 -5.19
CA SER B 78 -18.80 1.71 -4.85
C SER B 78 -19.87 0.59 -4.81
N PRO B 79 -20.88 0.72 -3.92
CA PRO B 79 -21.87 -0.37 -3.80
C PRO B 79 -22.87 -0.52 -4.98
N LEU B 80 -23.02 0.48 -5.84
CA LEU B 80 -23.95 0.34 -6.98
C LEU B 80 -23.37 -0.69 -7.99
N LYS B 81 -22.05 -0.67 -8.16
CA LYS B 81 -21.31 -1.46 -9.17
C LYS B 81 -21.19 -2.96 -8.84
N PHE B 82 -21.91 -3.82 -9.57
CA PHE B 82 -21.60 -5.28 -9.55
C PHE B 82 -21.31 -5.83 -10.96
N GLY B 83 -20.26 -5.29 -11.56
CA GLY B 83 -19.77 -5.78 -12.83
C GLY B 83 -18.88 -7.00 -12.70
N PRO B 84 -18.40 -7.49 -13.84
CA PRO B 84 -17.56 -8.68 -13.88
C PRO B 84 -16.34 -8.58 -12.96
N GLU B 85 -15.72 -7.41 -12.94
CA GLU B 85 -14.52 -7.23 -12.10
C GLU B 85 -14.86 -7.37 -10.64
N GLN B 86 -15.92 -6.69 -10.19
CA GLN B 86 -16.38 -6.81 -8.80
C GLN B 86 -16.80 -8.26 -8.48
N ALA B 87 -17.46 -8.91 -9.45
CA ALA B 87 -17.84 -10.32 -9.33
C ALA B 87 -16.61 -11.24 -9.16
N LEU B 88 -15.54 -10.96 -9.89
CA LEU B 88 -14.27 -11.66 -9.71
C LEU B 88 -13.77 -11.54 -8.29
N TYR B 89 -13.66 -10.32 -7.78
CA TYR B 89 -13.08 -10.17 -6.47
C TYR B 89 -13.94 -10.85 -5.39
N ALA B 90 -15.27 -10.74 -5.50
CA ALA B 90 -16.16 -11.38 -4.56
C ALA B 90 -16.04 -12.94 -4.57
N THR B 91 -15.87 -13.49 -5.76
CA THR B 91 -15.78 -14.93 -5.94
C THR B 91 -14.49 -15.40 -5.35
N ALA B 92 -13.39 -14.66 -5.63
CA ALA B 92 -12.10 -15.01 -5.12
C ALA B 92 -12.12 -14.97 -3.61
N GLU B 93 -12.78 -13.98 -3.04
CA GLU B 93 -12.84 -13.88 -1.60
C GLU B 93 -13.71 -15.02 -1.01
N SER B 94 -14.75 -15.40 -1.71
CA SER B 94 -15.53 -16.59 -1.31
C SER B 94 -14.67 -17.85 -1.26
N LEU B 95 -13.84 -18.03 -2.27
CA LEU B 95 -12.93 -19.18 -2.29
C LEU B 95 -11.81 -19.11 -1.23
N ARG B 96 -11.29 -17.92 -0.97
CA ARG B 96 -10.26 -17.73 0.03
C ARG B 96 -10.71 -18.10 1.44
N ASP B 97 -11.98 -17.90 1.73
CA ASP B 97 -12.61 -18.39 2.96
C ASP B 97 -12.32 -19.88 3.15
N ARG B 98 -12.55 -20.69 2.13
CA ARG B 98 -12.29 -22.14 2.25
C ARG B 98 -10.80 -22.39 2.35
N LEU B 99 -10.03 -21.61 1.59
CA LEU B 99 -8.58 -21.74 1.62
C LEU B 99 -8.01 -21.45 2.99
N ILE B 100 -8.55 -20.46 3.68
CA ILE B 100 -8.07 -20.13 5.01
C ILE B 100 -8.35 -21.22 6.00
N GLN B 101 -9.56 -21.74 5.98
CA GLN B 101 -9.88 -22.87 6.85
C GLN B 101 -8.87 -24.03 6.69
N LEU B 102 -8.63 -24.40 5.44
CA LEU B 102 -7.71 -25.52 5.15
C LEU B 102 -6.26 -25.21 5.45
N TRP B 103 -5.87 -23.95 5.24
CA TRP B 103 -4.50 -23.54 5.48
C TRP B 103 -4.26 -23.64 6.96
N ASN B 104 -5.25 -23.16 7.73
CA ASN B 104 -5.17 -23.16 9.17
C ASN B 104 -5.10 -24.58 9.73
N GLU B 105 -6.00 -25.45 9.26
CA GLU B 105 -5.99 -26.88 9.66
C GLU B 105 -4.63 -27.52 9.37
N THR B 106 -4.12 -27.27 8.17
CA THR B 106 -2.81 -27.75 7.75
C THR B 106 -1.69 -27.26 8.65
N TYR B 107 -1.69 -25.95 8.95
CA TYR B 107 -0.67 -25.36 9.81
C TYR B 107 -0.67 -26.03 11.19
N VAL B 108 -1.85 -26.21 11.77
CA VAL B 108 -1.99 -26.82 13.10
C VAL B 108 -1.54 -28.28 13.11
N HIS B 109 -1.89 -28.99 12.05
CA HIS B 109 -1.51 -30.38 11.96
C HIS B 109 0.00 -30.56 11.87
N PHE B 110 0.64 -29.77 10.99
CA PHE B 110 2.09 -29.81 10.82
C PHE B 110 2.75 -29.41 12.15
N ASN B 111 2.19 -28.42 12.84
CA ASN B 111 2.70 -27.98 14.15
C ASN B 111 2.71 -29.09 15.19
N LYS B 112 1.61 -29.83 15.26
CA LYS B 112 1.46 -30.97 16.19
C LYS B 112 2.37 -32.16 15.87
N VAL B 113 2.43 -32.50 14.60
CA VAL B 113 3.17 -33.65 14.13
C VAL B 113 4.71 -33.39 14.09
N ASP B 114 5.12 -32.13 13.90
CA ASP B 114 6.55 -31.75 13.84
C ASP B 114 7.28 -32.66 12.84
N PRO B 115 6.73 -32.77 11.60
CA PRO B 115 7.42 -33.56 10.61
C PRO B 115 8.66 -32.83 10.12
N LYS B 116 9.59 -33.54 9.50
CA LYS B 116 10.59 -32.89 8.73
C LYS B 116 9.87 -32.10 7.59
N GLN B 117 10.22 -30.83 7.41
CA GLN B 117 9.55 -29.97 6.47
C GLN B 117 10.55 -29.37 5.46
N THR B 118 10.15 -29.35 4.18
CA THR B 118 10.98 -28.84 3.11
C THR B 118 10.58 -27.40 2.80
N TYR B 119 11.58 -26.55 2.58
CA TYR B 119 11.34 -25.14 2.21
C TYR B 119 12.04 -24.86 0.91
N TYR B 120 11.23 -24.50 -0.07
CA TYR B 120 11.75 -24.31 -1.39
C TYR B 120 12.06 -22.81 -1.61
N LEU B 121 13.33 -22.49 -1.88
CA LEU B 121 13.76 -21.08 -2.12
C LEU B 121 13.86 -20.83 -3.60
N SER B 122 13.02 -19.90 -4.10
CA SER B 122 13.03 -19.52 -5.52
C SER B 122 12.84 -17.99 -5.73
N MET B 123 13.64 -17.41 -6.65
CA MET B 123 13.52 -15.97 -7.02
C MET B 123 12.39 -15.74 -8.00
N GLU B 124 11.72 -16.81 -8.42
CA GLU B 124 10.53 -16.70 -9.27
C GLU B 124 9.49 -17.77 -8.97
N TYR B 125 8.22 -17.38 -9.08
CA TYR B 125 7.08 -18.29 -9.04
C TYR B 125 6.18 -17.78 -10.15
N LEU B 126 5.86 -18.59 -11.15
CA LEU B 126 4.83 -18.22 -12.14
C LEU B 126 3.42 -18.73 -11.81
N GLN B 127 2.82 -18.14 -10.80
CA GLN B 127 1.53 -18.62 -10.28
C GLN B 127 0.37 -18.56 -11.27
N GLY B 128 0.40 -17.62 -12.21
CA GLY B 128 -0.72 -17.41 -13.16
C GLY B 128 -1.95 -16.86 -12.44
N ARG B 129 -3.09 -17.17 -12.99
CA ARG B 129 -4.35 -16.97 -12.33
CA ARG B 129 -4.36 -16.97 -12.31
C ARG B 129 -4.66 -18.08 -11.32
N ALA B 130 -5.32 -17.73 -10.23
CA ALA B 130 -5.64 -18.69 -9.19
C ALA B 130 -7.08 -19.24 -9.21
N LEU B 131 -8.03 -18.59 -9.90
CA LEU B 131 -9.45 -18.89 -9.72
C LEU B 131 -9.80 -20.33 -10.13
N THR B 132 -9.58 -20.66 -11.39
CA THR B 132 -9.90 -21.96 -11.93
C THR B 132 -9.23 -23.08 -11.16
N ASN B 133 -7.96 -22.93 -10.86
CA ASN B 133 -7.23 -23.88 -10.05
C ASN B 133 -7.81 -24.08 -8.65
N ALA B 134 -8.26 -22.98 -8.01
CA ALA B 134 -8.77 -23.05 -6.63
C ALA B 134 -10.09 -23.80 -6.64
N ILE B 135 -10.96 -23.43 -7.56
CA ILE B 135 -12.24 -24.10 -7.69
C ILE B 135 -12.08 -25.60 -8.01
N GLY B 136 -11.07 -25.91 -8.83
CA GLY B 136 -10.83 -27.23 -9.33
C GLY B 136 -10.31 -28.12 -8.24
N ASN B 137 -9.29 -27.65 -7.52
CA ASN B 137 -8.73 -28.46 -6.44
C ASN B 137 -9.69 -28.69 -5.28
N LEU B 138 -10.65 -27.77 -5.07
CA LEU B 138 -11.69 -27.97 -4.08
C LEU B 138 -12.85 -28.76 -4.68
N ASN B 139 -12.71 -29.17 -5.94
CA ASN B 139 -13.75 -29.88 -6.64
C ASN B 139 -15.09 -29.20 -6.43
N LEU B 140 -15.12 -27.91 -6.69
CA LEU B 140 -16.35 -27.14 -6.61
C LEU B 140 -16.77 -26.49 -7.94
N GLN B 141 -16.37 -27.06 -9.07
CA GLN B 141 -16.69 -26.52 -10.41
C GLN B 141 -18.17 -26.24 -10.71
N GLY B 142 -19.00 -27.28 -10.56
CA GLY B 142 -20.40 -27.17 -10.85
C GLY B 142 -21.08 -26.16 -9.95
N PRO B 143 -20.93 -26.34 -8.62
CA PRO B 143 -21.60 -25.39 -7.70
C PRO B 143 -21.20 -23.90 -7.95
N TYR B 144 -19.91 -23.62 -8.16
CA TYR B 144 -19.48 -22.24 -8.47
C TYR B 144 -19.97 -21.74 -9.80
N ALA B 145 -19.97 -22.59 -10.82
CA ALA B 145 -20.45 -22.13 -12.14
C ALA B 145 -21.94 -21.81 -12.05
N ASP B 146 -22.67 -22.65 -11.32
CA ASP B 146 -24.11 -22.42 -11.09
C ASP B 146 -24.35 -21.19 -10.22
N ALA B 147 -23.60 -21.05 -9.12
CA ALA B 147 -23.74 -19.82 -8.31
C ALA B 147 -23.60 -18.53 -9.17
N LEU B 148 -22.54 -18.45 -9.98
CA LEU B 148 -22.27 -17.24 -10.75
C LEU B 148 -23.36 -17.04 -11.81
N ARG B 149 -23.93 -18.12 -12.31
CA ARG B 149 -25.07 -18.02 -13.24
C ARG B 149 -26.30 -17.43 -12.55
N THR B 150 -26.58 -17.83 -11.31
CA THR B 150 -27.72 -17.25 -10.59
C THR B 150 -27.48 -15.75 -10.31
N LEU B 151 -26.21 -15.34 -10.26
CA LEU B 151 -25.86 -13.93 -10.04
C LEU B 151 -25.70 -13.17 -11.35
N GLY B 152 -26.03 -13.82 -12.47
CA GLY B 152 -26.05 -13.20 -13.80
C GLY B 152 -24.81 -13.33 -14.66
N TYR B 153 -23.81 -14.11 -14.22
CA TYR B 153 -22.54 -14.26 -14.96
C TYR B 153 -22.18 -15.69 -15.37
N GLU B 154 -21.44 -15.80 -16.47
CA GLU B 154 -20.70 -17.02 -16.80
C GLU B 154 -19.35 -17.00 -16.10
N LEU B 155 -18.98 -18.12 -15.50
CA LEU B 155 -17.72 -18.24 -14.79
C LEU B 155 -16.55 -17.84 -15.69
N GLU B 156 -16.58 -18.27 -16.96
CA GLU B 156 -15.56 -17.90 -17.95
C GLU B 156 -15.26 -16.40 -18.00
N GLU B 157 -16.31 -15.57 -18.09
CA GLU B 157 -16.13 -14.11 -18.14
C GLU B 157 -15.49 -13.56 -16.88
N ILE B 158 -15.95 -14.00 -15.74
CA ILE B 158 -15.34 -13.61 -14.48
C ILE B 158 -13.85 -14.01 -14.45
N ALA B 159 -13.54 -15.23 -14.88
CA ALA B 159 -12.17 -15.76 -14.86
C ALA B 159 -11.20 -14.88 -15.70
N GLU B 160 -11.73 -14.29 -16.77
CA GLU B 160 -10.95 -13.45 -17.66
C GLU B 160 -10.54 -12.14 -17.04
N GLN B 161 -11.25 -11.70 -15.99
CA GLN B 161 -10.90 -10.49 -15.26
C GLN B 161 -9.66 -10.59 -14.41
N GLU B 162 -9.23 -11.81 -14.07
CA GLU B 162 -8.18 -11.95 -13.09
C GLU B 162 -6.86 -11.64 -13.80
N LYS B 163 -6.05 -10.83 -13.17
CA LYS B 163 -4.66 -10.62 -13.62
C LYS B 163 -3.75 -11.75 -13.07
N ASP B 164 -2.80 -12.23 -13.87
CA ASP B 164 -1.80 -13.18 -13.41
C ASP B 164 -0.98 -12.56 -12.30
N ALA B 165 -0.61 -13.34 -11.28
CA ALA B 165 0.31 -12.87 -10.28
C ALA B 165 1.71 -12.71 -10.93
N ALA B 166 2.23 -11.48 -10.97
CA ALA B 166 3.53 -11.18 -11.65
C ALA B 166 4.68 -11.50 -10.71
N LEU B 167 4.91 -12.75 -10.45
CA LEU B 167 5.86 -13.14 -9.42
C LEU B 167 7.02 -13.91 -9.99
N GLY B 168 7.02 -14.08 -11.29
CA GLY B 168 8.05 -14.85 -11.96
C GLY B 168 8.16 -14.40 -13.39
N ASN B 169 9.03 -15.06 -14.14
CA ASN B 169 9.29 -14.76 -15.54
C ASN B 169 9.20 -15.97 -16.46
N GLY B 170 10.02 -16.97 -16.13
CA GLY B 170 10.21 -18.12 -17.02
C GLY B 170 10.03 -19.49 -16.37
N GLY B 171 10.63 -20.48 -17.02
CA GLY B 171 10.49 -21.86 -16.63
C GLY B 171 10.97 -22.19 -15.23
N LEU B 172 11.96 -21.45 -14.72
CA LEU B 172 12.43 -21.60 -13.32
C LEU B 172 11.25 -21.37 -12.40
N GLY B 173 10.44 -20.38 -12.75
CA GLY B 173 9.33 -19.97 -11.90
C GLY B 173 8.13 -20.85 -12.09
N ARG B 174 7.87 -21.33 -13.30
CA ARG B 174 6.70 -22.17 -13.47
C ARG B 174 6.97 -23.57 -12.91
N LEU B 175 8.22 -24.02 -12.97
CA LEU B 175 8.61 -25.26 -12.34
C LEU B 175 8.29 -25.14 -10.86
N ALA B 176 8.74 -24.04 -10.25
CA ALA B 176 8.48 -23.79 -8.82
C ALA B 176 6.97 -23.86 -8.51
N SER B 177 6.17 -23.23 -9.35
CA SER B 177 4.73 -23.21 -9.18
C SER B 177 4.12 -24.64 -9.31
N CYS B 178 4.55 -25.39 -10.33
CA CYS B 178 4.10 -26.77 -10.47
C CYS B 178 4.48 -27.58 -9.24
N PHE B 179 5.71 -27.42 -8.77
CA PHE B 179 6.17 -28.11 -7.57
C PHE B 179 5.29 -27.86 -6.36
N LEU B 180 4.87 -26.61 -6.16
CA LEU B 180 3.96 -26.28 -5.05
C LEU B 180 2.65 -27.06 -5.13
N ASP B 181 2.05 -27.10 -6.32
CA ASP B 181 0.81 -27.84 -6.52
C ASP B 181 1.00 -29.35 -6.21
N SER B 182 2.13 -29.92 -6.62
CA SER B 182 2.40 -31.33 -6.37
C SER B 182 2.70 -31.59 -4.88
N MET B 183 3.41 -30.67 -4.23
CA MET B 183 3.70 -30.84 -2.78
C MET B 183 2.35 -30.90 -2.06
N ALA B 184 1.44 -29.99 -2.40
CA ALA B 184 0.09 -29.97 -1.77
C ALA B 184 -0.67 -31.25 -1.99
N THR B 185 -0.67 -31.72 -3.23
CA THR B 185 -1.46 -32.85 -3.65
C THR B 185 -0.94 -34.18 -3.09
N LEU B 186 0.38 -34.29 -2.97
CA LEU B 186 1.03 -35.45 -2.36
C LEU B 186 1.06 -35.40 -0.82
N ASN B 187 0.42 -34.39 -0.23
CA ASN B 187 0.31 -34.20 1.23
C ASN B 187 1.66 -34.03 1.93
N LEU B 188 2.65 -33.49 1.20
CA LEU B 188 4.01 -33.31 1.75
C LEU B 188 4.06 -32.07 2.62
N PRO B 189 4.79 -32.13 3.75
CA PRO B 189 5.06 -30.96 4.53
C PRO B 189 6.14 -30.13 3.87
N ALA B 190 5.71 -29.23 3.00
CA ALA B 190 6.63 -28.44 2.21
C ALA B 190 5.97 -27.11 1.90
N TRP B 191 6.80 -26.07 1.88
CA TRP B 191 6.41 -24.70 1.53
C TRP B 191 7.36 -24.14 0.51
N GLY B 192 6.88 -23.13 -0.22
CA GLY B 192 7.79 -22.27 -1.01
C GLY B 192 7.90 -20.89 -0.33
N TYR B 193 9.08 -20.28 -0.48
CA TYR B 193 9.31 -18.87 -0.16
C TYR B 193 9.75 -18.12 -1.42
N GLY B 194 9.32 -16.88 -1.52
CA GLY B 194 9.59 -16.01 -2.66
C GLY B 194 9.47 -14.56 -2.27
N LEU B 195 9.74 -13.66 -3.24
CA LEU B 195 9.58 -12.25 -3.06
C LEU B 195 8.25 -11.82 -3.70
N ARG B 196 7.59 -10.90 -3.02
CA ARG B 196 6.36 -10.29 -3.53
C ARG B 196 6.71 -9.11 -4.47
N TYR B 197 6.98 -9.43 -5.72
CA TYR B 197 7.34 -8.41 -6.70
C TYR B 197 6.06 -7.65 -7.07
N ARG B 198 6.15 -6.32 -7.09
CA ARG B 198 5.03 -5.50 -7.45
C ARG B 198 4.79 -5.45 -8.94
N HIS B 199 5.88 -5.39 -9.71
CA HIS B 199 5.75 -5.16 -11.18
C HIS B 199 6.21 -6.22 -12.16
N GLY B 200 6.40 -7.44 -11.68
CA GLY B 200 6.89 -8.55 -12.49
C GLY B 200 8.24 -8.28 -13.14
N LEU B 201 8.43 -8.80 -14.36
CA LEU B 201 9.56 -8.45 -15.19
C LEU B 201 9.10 -7.28 -16.03
N PHE B 202 8.15 -7.55 -16.90
CA PHE B 202 7.41 -6.50 -17.55
C PHE B 202 6.25 -7.08 -18.31
N LYS B 203 5.24 -6.22 -18.52
CA LYS B 203 4.18 -6.47 -19.50
C LYS B 203 4.66 -6.06 -20.84
N GLN B 204 4.54 -6.98 -21.81
CA GLN B 204 5.02 -6.80 -23.13
C GLN B 204 3.85 -6.24 -23.95
N ILE B 205 4.06 -5.14 -24.64
CA ILE B 205 3.05 -4.63 -25.62
C ILE B 205 3.76 -4.63 -26.95
N ILE B 206 3.00 -4.73 -28.02
CA ILE B 206 3.59 -4.70 -29.33
C ILE B 206 3.09 -3.47 -30.08
N THR B 207 4.02 -2.58 -30.43
CA THR B 207 3.76 -1.36 -31.19
C THR B 207 4.48 -1.44 -32.54
N LYS B 208 4.36 -0.37 -33.35
CA LYS B 208 5.08 -0.25 -34.62
C LYS B 208 6.59 -0.41 -34.46
N LYS B 209 7.08 -0.03 -33.28
CA LYS B 209 8.48 -0.23 -32.90
C LYS B 209 8.80 -1.67 -32.50
N GLY B 210 7.81 -2.54 -32.43
CA GLY B 210 7.98 -3.91 -31.90
C GLY B 210 7.67 -4.05 -30.41
N GLN B 211 8.53 -4.73 -29.66
CA GLN B 211 8.32 -4.87 -28.23
C GLN B 211 8.54 -3.57 -27.49
N GLU B 212 7.60 -3.23 -26.61
CA GLU B 212 7.79 -2.22 -25.59
C GLU B 212 7.44 -2.79 -24.20
N GLU B 213 8.12 -2.27 -23.19
CA GLU B 213 8.11 -2.87 -21.88
C GLU B 213 7.46 -1.91 -20.84
N ILE B 214 6.38 -2.37 -20.22
CA ILE B 214 5.67 -1.55 -19.22
C ILE B 214 5.52 -2.36 -17.91
N PRO B 215 5.53 -1.67 -16.76
CA PRO B 215 5.39 -2.37 -15.50
C PRO B 215 4.06 -3.14 -15.42
N GLU B 216 4.08 -4.33 -14.83
CA GLU B 216 2.85 -5.07 -14.55
C GLU B 216 2.06 -4.25 -13.50
N ASP B 217 0.75 -4.47 -13.48
CA ASP B 217 -0.16 -3.80 -12.56
C ASP B 217 -1.08 -4.74 -11.75
N TRP B 218 -0.70 -6.01 -11.59
CA TRP B 218 -1.57 -6.93 -10.84
C TRP B 218 -1.88 -6.51 -9.41
N LEU B 219 -1.07 -5.66 -8.79
CA LEU B 219 -1.32 -5.28 -7.37
C LEU B 219 -1.77 -3.87 -7.25
N GLU B 220 -2.18 -3.27 -8.35
CA GLU B 220 -2.43 -1.85 -8.26
C GLU B 220 -3.84 -1.58 -7.67
N LYS B 221 -4.70 -2.60 -7.66
CA LYS B 221 -5.89 -2.58 -6.79
C LYS B 221 -5.58 -3.49 -5.59
N PHE B 222 -5.74 -4.79 -5.71
CA PHE B 222 -5.31 -5.73 -4.66
C PHE B 222 -5.33 -7.15 -5.20
N SER B 223 -4.66 -8.07 -4.49
CA SER B 223 -4.79 -9.50 -4.81
C SER B 223 -5.71 -10.12 -3.76
N PRO B 224 -6.81 -10.76 -4.18
CA PRO B 224 -7.68 -11.28 -3.17
C PRO B 224 -7.18 -12.60 -2.60
N TRP B 225 -6.11 -13.19 -3.15
CA TRP B 225 -5.65 -14.49 -2.70
C TRP B 225 -4.77 -14.41 -1.50
N GLU B 226 -4.02 -13.34 -1.33
CA GLU B 226 -2.94 -13.33 -0.31
C GLU B 226 -3.45 -12.97 1.05
N ILE B 227 -2.69 -13.37 2.06
CA ILE B 227 -3.05 -13.07 3.45
C ILE B 227 -1.83 -12.47 4.10
N VAL B 228 -1.94 -11.20 4.50
CA VAL B 228 -0.85 -10.51 5.14
C VAL B 228 -0.77 -10.96 6.61
N ARG B 229 0.46 -11.11 7.09
CA ARG B 229 0.76 -11.55 8.48
C ARG B 229 1.63 -10.48 9.17
N HIS B 230 0.96 -9.53 9.78
CA HIS B 230 1.65 -8.38 10.37
C HIS B 230 2.48 -8.72 11.57
N ASP B 231 2.29 -9.88 12.15
CA ASP B 231 3.16 -10.39 13.24
C ASP B 231 4.41 -11.09 12.68
N VAL B 232 4.44 -11.42 11.38
CA VAL B 232 5.58 -12.14 10.85
C VAL B 232 6.46 -11.10 10.10
N VAL B 233 7.29 -10.42 10.88
CA VAL B 233 8.23 -9.41 10.37
C VAL B 233 9.63 -9.76 10.88
N PHE B 234 10.60 -9.79 9.96
CA PHE B 234 11.99 -10.00 10.33
C PHE B 234 12.89 -8.87 9.79
N PRO B 235 13.88 -8.46 10.58
CA PRO B 235 14.86 -7.46 10.14
C PRO B 235 15.90 -8.07 9.19
N VAL B 236 16.17 -7.35 8.11
CA VAL B 236 17.18 -7.77 7.14
C VAL B 236 18.16 -6.63 6.95
N ARG B 237 19.44 -6.89 7.14
CA ARG B 237 20.49 -5.89 7.08
C ARG B 237 21.19 -5.83 5.74
N PHE B 238 21.76 -4.67 5.42
CA PHE B 238 22.61 -4.47 4.24
C PHE B 238 23.74 -3.51 4.62
N PHE B 239 24.87 -3.69 3.95
CA PHE B 239 26.06 -2.87 4.09
C PHE B 239 26.61 -3.09 5.52
N GLY B 240 26.99 -2.03 6.20
CA GLY B 240 27.39 -2.14 7.59
C GLY B 240 28.76 -2.78 7.71
N LYS B 241 29.04 -3.33 8.88
CA LYS B 241 30.40 -3.87 9.19
C LYS B 241 30.33 -4.95 10.28
N VAL B 242 31.47 -5.55 10.60
CA VAL B 242 31.49 -6.68 11.56
C VAL B 242 32.11 -6.21 12.85
N GLN B 243 31.37 -6.33 13.93
CA GLN B 243 31.90 -6.06 15.25
C GLN B 243 32.50 -7.37 15.77
N VAL B 244 33.75 -7.29 16.23
CA VAL B 244 34.43 -8.44 16.85
C VAL B 244 34.45 -8.25 18.35
N ASN B 245 33.82 -9.16 19.10
CA ASN B 245 33.70 -9.04 20.57
C ASN B 245 34.94 -9.64 21.23
N PRO B 246 35.25 -9.23 22.48
CA PRO B 246 36.42 -9.73 23.21
C PRO B 246 36.46 -11.25 23.29
N ASP B 247 35.29 -11.89 23.37
CA ASP B 247 35.23 -13.35 23.44
C ASP B 247 35.34 -14.06 22.07
N GLY B 248 35.67 -13.30 21.01
CA GLY B 248 35.87 -13.87 19.68
C GLY B 248 34.60 -13.98 18.87
N SER B 249 33.45 -13.85 19.53
CA SER B 249 32.21 -13.84 18.78
C SER B 249 32.16 -12.59 17.90
N ARG B 250 31.37 -12.67 16.84
CA ARG B 250 31.28 -11.63 15.81
C ARG B 250 29.80 -11.30 15.60
N LYS B 251 29.53 -10.05 15.22
CA LYS B 251 28.19 -9.58 15.07
C LYS B 251 28.16 -8.56 13.92
N TRP B 252 27.24 -8.75 12.98
CA TRP B 252 27.01 -7.77 11.93
C TRP B 252 26.22 -6.61 12.47
N VAL B 253 26.72 -5.42 12.25
CA VAL B 253 26.11 -4.22 12.82
C VAL B 253 26.03 -3.10 11.76
N ASP B 254 25.30 -2.06 12.09
CA ASP B 254 25.23 -0.81 11.30
C ASP B 254 24.61 -1.04 9.93
N GLY B 255 24.86 -0.15 8.98
CA GLY B 255 24.28 -0.30 7.65
C GLY B 255 22.78 0.04 7.61
N ASP B 256 22.09 -0.42 6.57
CA ASP B 256 20.64 -0.29 6.45
C ASP B 256 19.92 -1.53 7.02
N VAL B 257 18.77 -1.30 7.66
CA VAL B 257 17.92 -2.40 8.10
C VAL B 257 16.53 -2.23 7.51
N VAL B 258 16.08 -3.23 6.75
CA VAL B 258 14.72 -3.21 6.18
C VAL B 258 13.88 -4.27 6.95
N GLN B 259 12.57 -4.11 6.91
CA GLN B 259 11.65 -5.05 7.56
C GLN B 259 11.17 -5.98 6.46
N ALA B 260 11.15 -7.29 6.74
CA ALA B 260 10.58 -8.27 5.81
C ALA B 260 9.19 -8.69 6.30
N LEU B 261 8.13 -8.31 5.58
CA LEU B 261 6.75 -8.66 5.96
C LEU B 261 6.23 -9.82 5.10
N ALA B 262 5.66 -10.80 5.79
CA ALA B 262 5.10 -12.00 5.17
C ALA B 262 3.67 -11.84 4.65
N TYR B 263 3.46 -12.34 3.43
CA TYR B 263 2.16 -12.60 2.88
C TYR B 263 2.06 -14.07 2.47
N ASP B 264 1.05 -14.77 2.96
CA ASP B 264 0.84 -16.16 2.53
C ASP B 264 -0.09 -16.20 1.35
N VAL B 265 0.26 -17.06 0.40
CA VAL B 265 -0.64 -17.41 -0.69
C VAL B 265 -0.95 -18.93 -0.54
N PRO B 266 -2.20 -19.25 -0.21
CA PRO B 266 -2.61 -20.67 0.05
C PRO B 266 -2.51 -21.52 -1.19
N ILE B 267 -1.90 -22.69 -1.08
CA ILE B 267 -1.82 -23.57 -2.25
C ILE B 267 -2.61 -24.87 -1.93
N PRO B 268 -3.82 -25.03 -2.46
CA PRO B 268 -4.60 -26.20 -2.14
C PRO B 268 -4.20 -27.42 -2.98
N GLY B 269 -4.20 -28.60 -2.36
CA GLY B 269 -3.96 -29.83 -3.03
C GLY B 269 -5.19 -30.37 -3.73
N TYR B 270 -4.96 -31.20 -4.74
CA TYR B 270 -6.06 -31.81 -5.43
C TYR B 270 -6.56 -33.03 -4.62
N GLY B 271 -7.85 -33.02 -4.28
CA GLY B 271 -8.49 -34.14 -3.55
C GLY B 271 -7.94 -34.35 -2.16
N THR B 272 -7.54 -33.26 -1.50
CA THR B 272 -7.00 -33.35 -0.17
C THR B 272 -7.30 -32.09 0.55
N LYS B 273 -7.39 -32.17 1.88
CA LYS B 273 -7.49 -30.98 2.71
C LYS B 273 -6.17 -30.21 2.70
N ASN B 274 -5.05 -30.91 2.49
CA ASN B 274 -3.72 -30.32 2.59
C ASN B 274 -3.58 -29.05 1.76
N THR B 275 -3.37 -27.96 2.47
CA THR B 275 -3.16 -26.63 1.86
C THR B 275 -1.89 -25.98 2.42
N ILE B 276 -0.87 -25.87 1.58
CA ILE B 276 0.45 -25.38 2.03
C ILE B 276 0.55 -23.89 1.67
N SER B 277 1.73 -23.29 1.93
CA SER B 277 1.97 -21.89 1.65
C SER B 277 3.08 -21.61 0.64
N LEU B 278 2.81 -20.66 -0.23
CA LEU B 278 3.85 -19.84 -0.88
C LEU B 278 3.94 -18.59 -0.05
N ARG B 279 4.91 -18.52 0.84
CA ARG B 279 5.08 -17.36 1.72
C ARG B 279 6.00 -16.35 1.00
N LEU B 280 5.45 -15.14 0.77
CA LEU B 280 6.13 -14.13 0.01
C LEU B 280 6.55 -12.99 0.92
N TRP B 281 7.69 -12.38 0.61
CA TRP B 281 8.17 -11.26 1.38
C TRP B 281 8.04 -9.93 0.69
N GLU B 282 7.61 -8.95 1.47
CA GLU B 282 7.60 -7.53 1.05
C GLU B 282 8.64 -6.78 1.87
N ALA B 283 9.57 -6.07 1.20
CA ALA B 283 10.55 -5.22 1.86
C ALA B 283 9.92 -3.90 2.25
N LYS B 284 10.09 -3.52 3.50
CA LYS B 284 9.46 -2.31 4.00
C LYS B 284 10.38 -1.51 4.88
N ALA B 285 10.29 -0.20 4.79
CA ALA B 285 10.87 0.64 5.84
C ALA B 285 9.79 0.88 6.91
N ARG B 286 10.21 1.24 8.12
CA ARG B 286 9.30 1.70 9.16
C ARG B 286 8.94 3.18 8.96
N ALA B 287 7.81 3.60 9.53
CA ALA B 287 7.46 5.03 9.56
C ALA B 287 8.62 5.83 10.15
N GLU B 288 9.22 5.29 11.20
CA GLU B 288 10.29 6.00 11.87
C GLU B 288 11.54 6.11 10.99
N ASP B 289 11.62 5.40 9.88
CA ASP B 289 12.74 5.57 8.97
C ASP B 289 12.65 6.83 8.07
N LEU B 290 11.49 7.45 7.98
CA LEU B 290 11.35 8.71 7.27
C LEU B 290 11.97 9.82 8.14
N ASP B 291 12.86 10.63 7.56
CA ASP B 291 13.47 11.75 8.30
C ASP B 291 12.59 13.02 8.09
N LEU B 292 11.82 13.40 9.10
CA LEU B 292 10.92 14.59 8.95
C LEU B 292 11.68 15.90 8.77
N PHE B 293 12.79 16.08 9.46
CA PHE B 293 13.59 17.28 9.30
C PHE B 293 13.93 17.48 7.83
N GLN B 294 14.42 16.42 7.20
CA GLN B 294 14.80 16.51 5.80
CA GLN B 294 14.80 16.50 5.80
C GLN B 294 13.57 16.74 4.93
N PHE B 295 12.47 16.03 5.23
CA PHE B 295 11.25 16.18 4.48
C PHE B 295 10.80 17.65 4.57
N ASN B 296 10.84 18.22 5.76
CA ASN B 296 10.36 19.57 5.94
C ASN B 296 11.34 20.64 5.45
N GLU B 297 12.58 20.24 5.11
CA GLU B 297 13.52 21.15 4.41
C GLU B 297 13.36 21.11 2.88
N GLY B 298 12.51 20.22 2.39
CA GLY B 298 12.28 20.07 0.96
C GLY B 298 13.19 19.05 0.30
N GLU B 299 13.96 18.29 1.10
CA GLU B 299 14.83 17.23 0.62
C GLU B 299 14.10 15.87 0.67
N TYR B 300 13.13 15.71 -0.24
CA TYR B 300 12.19 14.59 -0.22
C TYR B 300 12.87 13.25 -0.47
N GLU B 301 13.82 13.24 -1.41
CA GLU B 301 14.51 12.00 -1.76
C GLU B 301 15.38 11.52 -0.57
N LEU B 302 16.15 12.42 0.01
CA LEU B 302 16.99 12.08 1.15
C LEU B 302 16.10 11.63 2.30
N ALA B 303 14.97 12.32 2.53
CA ALA B 303 14.09 12.02 3.66
C ALA B 303 13.58 10.57 3.64
N ALA B 304 13.25 10.12 2.44
CA ALA B 304 12.65 8.85 2.20
C ALA B 304 13.61 7.82 1.59
N GLN B 305 14.91 7.94 1.82
CA GLN B 305 15.85 7.11 1.10
C GLN B 305 15.79 5.63 1.53
N LEU B 306 15.52 5.37 2.79
CA LEU B 306 15.28 3.95 3.23
C LEU B 306 14.02 3.31 2.63
N HIS B 307 12.91 4.08 2.61
CA HIS B 307 11.68 3.62 1.99
CA HIS B 307 11.68 3.61 1.98
C HIS B 307 11.96 3.34 0.52
N SER B 308 12.78 4.18 -0.13
CA SER B 308 13.06 3.98 -1.57
C SER B 308 13.93 2.73 -1.79
N ARG B 309 14.90 2.55 -0.94
CA ARG B 309 15.71 1.33 -1.07
C ARG B 309 14.90 0.07 -0.76
N ALA B 310 13.95 0.15 0.17
CA ALA B 310 13.07 -1.01 0.48
C ALA B 310 12.17 -1.28 -0.72
N GLN B 311 11.60 -0.24 -1.33
CA GLN B 311 10.70 -0.40 -2.50
C GLN B 311 11.37 -1.01 -3.68
N GLN B 312 12.60 -0.58 -3.92
CA GLN B 312 13.43 -1.10 -5.00
C GLN B 312 13.57 -2.62 -4.99
N ILE B 313 13.78 -3.16 -3.81
CA ILE B 313 13.95 -4.61 -3.66
C ILE B 313 12.83 -5.43 -4.25
N CYS B 314 11.60 -4.97 -4.10
CA CYS B 314 10.44 -5.68 -4.67
C CYS B 314 9.81 -5.02 -5.87
N THR B 315 10.54 -4.14 -6.60
CA THR B 315 9.93 -3.51 -7.79
C THR B 315 9.79 -4.45 -8.99
N VAL B 316 10.90 -5.00 -9.47
CA VAL B 316 10.88 -5.93 -10.61
C VAL B 316 11.81 -7.10 -10.37
N LEU B 317 11.55 -8.17 -11.11
CA LEU B 317 12.45 -9.33 -11.18
C LEU B 317 13.62 -8.94 -12.07
N TYR B 318 14.77 -9.49 -11.73
CA TYR B 318 15.98 -9.34 -12.53
C TYR B 318 16.23 -7.89 -12.94
N PRO B 319 16.33 -6.99 -11.96
CA PRO B 319 16.56 -5.59 -12.39
C PRO B 319 17.91 -5.47 -13.16
N GLY B 320 17.94 -4.69 -14.24
CA GLY B 320 19.15 -4.49 -15.04
C GLY B 320 20.40 -4.30 -14.19
N ASP B 321 21.43 -5.12 -14.44
CA ASP B 321 22.65 -5.05 -13.62
C ASP B 321 23.97 -4.74 -14.38
N ALA B 322 23.90 -3.97 -15.46
CA ALA B 322 25.09 -3.39 -16.11
C ALA B 322 25.89 -2.45 -15.20
N THR B 323 25.24 -1.78 -14.23
CA THR B 323 25.92 -0.81 -13.34
C THR B 323 26.08 -1.41 -11.97
N GLU B 324 26.93 -0.80 -11.15
CA GLU B 324 27.15 -1.24 -9.76
C GLU B 324 25.83 -1.22 -8.93
N ASN B 325 25.02 -0.16 -9.09
CA ASN B 325 23.68 -0.05 -8.46
C ASN B 325 22.78 -1.26 -8.69
N GLY B 326 22.77 -1.76 -9.92
CA GLY B 326 21.93 -2.86 -10.32
C GLY B 326 22.47 -4.16 -9.76
N LYS B 327 23.78 -4.29 -9.73
CA LYS B 327 24.39 -5.51 -9.25
C LYS B 327 24.10 -5.62 -7.77
N LEU B 328 24.26 -4.49 -7.09
CA LEU B 328 23.92 -4.41 -5.69
C LEU B 328 22.45 -4.72 -5.48
N LEU B 329 21.55 -4.24 -6.37
CA LEU B 329 20.13 -4.44 -6.12
C LEU B 329 19.84 -5.96 -6.22
N ARG B 330 20.38 -6.59 -7.26
CA ARG B 330 20.13 -7.99 -7.43
C ARG B 330 20.62 -8.81 -6.25
N LEU B 331 21.79 -8.47 -5.76
CA LEU B 331 22.30 -9.12 -4.54
C LEU B 331 21.42 -8.85 -3.32
N LYS B 332 20.94 -7.63 -3.16
CA LYS B 332 19.97 -7.32 -2.08
C LYS B 332 18.70 -8.17 -2.10
N GLN B 333 18.11 -8.36 -3.27
CA GLN B 333 16.95 -9.20 -3.43
C GLN B 333 17.25 -10.62 -3.00
N GLN B 334 18.38 -11.17 -3.44
CA GLN B 334 18.72 -12.58 -3.08
C GLN B 334 18.96 -12.71 -1.59
N PHE B 335 19.66 -11.76 -1.03
CA PHE B 335 19.91 -11.82 0.39
C PHE B 335 18.62 -11.71 1.23
N PHE B 336 17.77 -10.77 0.84
CA PHE B 336 16.52 -10.52 1.49
C PHE B 336 15.65 -11.79 1.49
N LEU B 337 15.51 -12.46 0.34
CA LEU B 337 14.78 -13.75 0.32
C LEU B 337 15.37 -14.74 1.40
N CYS B 338 16.66 -14.94 1.29
CA CYS B 338 17.40 -15.89 2.07
C CYS B 338 17.27 -15.61 3.54
N SER B 339 17.58 -14.38 3.94
CA SER B 339 17.57 -14.01 5.35
C SER B 339 16.19 -14.06 6.00
N ALA B 340 15.16 -13.49 5.33
CA ALA B 340 13.81 -13.53 5.85
C ALA B 340 13.32 -14.97 6.01
N SER B 341 13.55 -15.78 4.97
CA SER B 341 13.07 -17.14 4.92
C SER B 341 13.73 -17.93 6.02
N LEU B 342 15.04 -17.83 6.19
CA LEU B 342 15.74 -18.63 7.20
C LEU B 342 15.41 -18.23 8.62
N GLN B 343 15.25 -16.92 8.86
CA GLN B 343 14.75 -16.47 10.17
C GLN B 343 13.36 -17.07 10.51
N ASP B 344 12.48 -17.09 9.51
CA ASP B 344 11.13 -17.66 9.68
C ASP B 344 11.22 -19.18 9.94
N ILE B 345 12.04 -19.88 9.17
CA ILE B 345 12.22 -21.33 9.31
C ILE B 345 12.74 -21.69 10.71
N ILE B 346 13.67 -20.90 11.18
CA ILE B 346 14.30 -21.20 12.46
C ILE B 346 13.22 -20.95 13.55
N SER B 347 12.42 -19.91 13.35
CA SER B 347 11.39 -19.55 14.29
C SER B 347 10.27 -20.63 14.36
N ARG B 348 9.96 -21.28 13.24
CA ARG B 348 9.02 -22.39 13.26
C ARG B 348 9.62 -23.68 13.88
N PHE B 349 10.88 -23.93 13.59
CA PHE B 349 11.58 -25.02 14.19
C PHE B 349 11.43 -24.92 15.74
N HIS B 350 11.67 -23.75 16.30
CA HIS B 350 11.58 -23.59 17.77
C HIS B 350 10.17 -23.66 18.26
N GLU B 351 9.25 -23.10 17.51
CA GLU B 351 7.83 -23.09 17.89
C GLU B 351 7.21 -24.50 18.03
N ARG B 352 7.79 -25.49 17.36
CA ARG B 352 7.31 -26.87 17.44
C ARG B 352 7.86 -27.64 18.63
N SER B 353 8.81 -27.04 19.33
CA SER B 353 9.40 -27.63 20.52
C SER B 353 8.26 -27.90 21.49
N THR B 354 8.19 -29.12 21.99
CA THR B 354 7.19 -29.44 22.99
C THR B 354 7.70 -29.09 24.39
N THR B 355 9.03 -28.97 24.53
CA THR B 355 9.71 -28.53 25.77
C THR B 355 9.65 -27.00 25.94
N ARG B 359 14.82 -26.61 21.79
CA ARG B 359 15.15 -27.99 21.39
C ARG B 359 16.59 -28.00 20.92
N LYS B 360 17.19 -29.19 20.83
CA LYS B 360 18.58 -29.30 20.41
C LYS B 360 18.78 -28.94 18.92
N TRP B 361 19.87 -28.23 18.64
CA TRP B 361 20.21 -27.86 17.25
C TRP B 361 20.54 -29.07 16.40
N SER B 362 20.98 -30.16 17.03
CA SER B 362 21.24 -31.39 16.26
C SER B 362 20.00 -31.93 15.55
N GLU B 363 18.82 -31.59 16.03
CA GLU B 363 17.60 -32.01 15.38
C GLU B 363 17.30 -31.23 14.10
N PHE B 364 17.95 -30.07 13.89
CA PHE B 364 17.56 -29.13 12.83
C PHE B 364 17.59 -29.79 11.46
N PRO B 365 18.71 -30.45 11.12
CA PRO B 365 18.68 -31.03 9.76
C PRO B 365 17.84 -32.32 9.61
N SER B 366 17.35 -32.86 10.72
CA SER B 366 16.31 -33.91 10.70
C SER B 366 14.88 -33.34 10.60
N LYS B 367 14.74 -32.03 10.76
CA LYS B 367 13.42 -31.36 10.77
C LYS B 367 13.25 -30.29 9.69
N VAL B 368 14.37 -29.90 9.05
CA VAL B 368 14.42 -28.88 7.98
C VAL B 368 15.27 -29.34 6.76
N ALA B 369 14.68 -29.20 5.59
CA ALA B 369 15.36 -29.26 4.31
C ALA B 369 15.16 -27.93 3.64
N VAL B 370 16.23 -27.36 3.06
CA VAL B 370 16.14 -26.10 2.28
C VAL B 370 16.68 -26.44 0.90
N GLN B 371 15.84 -26.17 -0.09
CA GLN B 371 16.15 -26.44 -1.51
C GLN B 371 16.38 -25.12 -2.23
N MET B 372 17.54 -25.00 -2.87
CA MET B 372 17.92 -23.83 -3.62
C MET B 372 17.57 -24.09 -5.07
N ASN B 373 16.66 -23.30 -5.59
CA ASN B 373 16.32 -23.37 -7.02
C ASN B 373 17.29 -22.48 -7.78
N ASP B 374 18.26 -23.10 -8.46
CA ASP B 374 19.34 -22.40 -9.13
C ASP B 374 20.28 -21.74 -8.10
N THR B 375 21.23 -20.91 -8.57
CA THR B 375 22.18 -20.27 -7.67
C THR B 375 21.70 -18.95 -6.98
N HIS B 376 20.53 -18.46 -7.36
CA HIS B 376 19.99 -17.24 -6.73
C HIS B 376 19.89 -17.22 -5.24
N PRO B 377 19.49 -18.36 -4.58
CA PRO B 377 19.52 -18.49 -3.10
C PRO B 377 20.79 -19.01 -2.43
N THR B 378 21.90 -18.88 -3.13
CA THR B 378 23.19 -19.35 -2.61
C THR B 378 23.51 -18.79 -1.26
N LEU B 379 23.16 -17.52 -1.05
CA LEU B 379 23.40 -16.82 0.24
C LEU B 379 22.68 -17.43 1.47
N ALA B 380 21.75 -18.36 1.26
CA ALA B 380 21.19 -19.18 2.36
C ALA B 380 22.35 -19.91 3.12
N ILE B 381 23.39 -20.32 2.41
CA ILE B 381 24.46 -21.07 3.03
C ILE B 381 25.17 -20.25 4.08
N PRO B 382 25.83 -19.11 3.67
CA PRO B 382 26.44 -18.30 4.69
C PRO B 382 25.49 -17.62 5.66
N GLU B 383 24.27 -17.28 5.21
CA GLU B 383 23.27 -16.73 6.12
C GLU B 383 22.83 -17.71 7.21
N LEU B 384 22.66 -18.99 6.84
CA LEU B 384 22.34 -19.98 7.88
C LEU B 384 23.50 -20.14 8.87
N MET B 385 24.75 -20.11 8.38
CA MET B 385 25.93 -20.16 9.30
C MET B 385 25.90 -18.93 10.22
N ARG B 386 25.55 -17.76 9.66
CA ARG B 386 25.55 -16.50 10.43
C ARG B 386 24.49 -16.52 11.55
N LEU B 387 23.26 -16.87 11.18
CA LEU B 387 22.17 -17.02 12.15
C LEU B 387 22.53 -18.05 13.26
N LEU B 388 23.08 -19.17 12.86
CA LEU B 388 23.50 -20.23 13.85
C LEU B 388 24.60 -19.75 14.79
N MET B 389 25.68 -19.20 14.22
CA MET B 389 26.85 -18.83 15.03
C MET B 389 26.67 -17.51 15.77
N ASP B 390 26.17 -16.47 15.09
CA ASP B 390 26.14 -15.14 15.69
C ASP B 390 24.89 -14.99 16.58
N ASP B 391 23.69 -15.09 15.99
CA ASP B 391 22.43 -14.96 16.73
C ASP B 391 22.18 -16.14 17.69
N ASN B 392 22.66 -17.34 17.37
CA ASN B 392 22.34 -18.49 18.23
C ASN B 392 23.49 -19.13 19.02
N GLY B 393 24.70 -18.59 18.90
CA GLY B 393 25.85 -19.06 19.71
C GLY B 393 26.55 -20.36 19.32
N LEU B 394 26.20 -20.95 18.18
CA LEU B 394 26.88 -22.18 17.76
C LEU B 394 28.33 -21.90 17.32
N GLY B 395 29.20 -22.90 17.50
CA GLY B 395 30.57 -22.88 17.00
C GLY B 395 30.58 -23.26 15.53
N TRP B 396 31.68 -22.98 14.84
CA TRP B 396 31.76 -23.22 13.40
C TRP B 396 31.46 -24.64 13.04
N ASP B 397 32.05 -25.59 13.76
CA ASP B 397 31.89 -26.98 13.32
C ASP B 397 30.43 -27.43 13.43
N GLU B 398 29.77 -27.12 14.55
CA GLU B 398 28.39 -27.56 14.76
C GLU B 398 27.45 -26.86 13.75
N ALA B 399 27.73 -25.59 13.45
CA ALA B 399 26.87 -24.83 12.53
C ALA B 399 27.02 -25.31 11.09
N TRP B 400 28.24 -25.76 10.77
CA TRP B 400 28.54 -26.30 9.42
C TRP B 400 27.89 -27.66 9.21
N ASP B 401 27.91 -28.45 10.26
CA ASP B 401 27.26 -29.74 10.21
C ASP B 401 25.78 -29.61 9.98
N VAL B 402 25.13 -28.69 10.72
CA VAL B 402 23.72 -28.35 10.50
C VAL B 402 23.53 -27.85 9.07
N THR B 403 24.39 -26.93 8.63
CA THR B 403 24.09 -26.20 7.34
C THR B 403 24.24 -27.17 6.16
N SER B 404 25.30 -27.95 6.20
CA SER B 404 25.59 -28.88 5.08
C SER B 404 24.59 -30.01 4.95
N LYS B 405 23.92 -30.36 6.04
CA LYS B 405 22.88 -31.40 6.01
C LYS B 405 21.46 -30.85 5.74
N THR B 406 21.29 -29.53 5.81
CA THR B 406 20.01 -28.89 5.54
C THR B 406 19.86 -28.48 4.06
N VAL B 407 20.95 -28.02 3.43
CA VAL B 407 20.80 -27.38 2.12
C VAL B 407 21.12 -28.35 0.97
N ALA B 408 20.34 -28.22 -0.10
CA ALA B 408 20.53 -28.93 -1.35
C ALA B 408 20.35 -27.95 -2.50
N TYR B 409 21.01 -28.26 -3.63
CA TYR B 409 21.11 -27.33 -4.78
C TYR B 409 20.64 -28.01 -6.05
N THR B 410 19.71 -27.36 -6.76
CA THR B 410 19.27 -27.76 -8.07
C THR B 410 19.83 -26.82 -9.13
N ASN B 411 20.52 -27.39 -10.12
CA ASN B 411 21.21 -26.63 -11.16
C ASN B 411 20.36 -26.78 -12.40
N HIS B 412 20.21 -25.70 -13.16
CA HIS B 412 19.44 -25.71 -14.39
C HIS B 412 20.18 -25.35 -15.65
N THR B 413 21.49 -25.60 -15.70
CA THR B 413 22.29 -25.09 -16.82
C THR B 413 23.30 -26.05 -17.42
N VAL B 414 23.41 -26.01 -18.75
CA VAL B 414 24.51 -26.70 -19.43
C VAL B 414 25.81 -25.87 -19.38
N LEU B 415 25.69 -24.56 -19.58
CA LEU B 415 26.84 -23.74 -19.95
C LEU B 415 27.59 -23.18 -18.73
N PRO B 416 28.89 -23.52 -18.56
CA PRO B 416 29.60 -23.00 -17.37
C PRO B 416 29.72 -21.48 -17.34
N GLU B 417 29.76 -20.86 -18.52
CA GLU B 417 29.75 -19.40 -18.66
C GLU B 417 28.52 -18.74 -18.03
N ALA B 418 27.44 -19.49 -17.85
CA ALA B 418 26.18 -18.96 -17.34
C ALA B 418 26.00 -19.08 -15.80
N LEU B 419 26.98 -19.65 -15.09
CA LEU B 419 26.88 -19.80 -13.62
C LEU B 419 27.24 -18.47 -12.91
N GLU B 420 26.49 -18.10 -11.85
CA GLU B 420 26.60 -16.79 -11.25
C GLU B 420 27.91 -16.55 -10.55
N LYS B 421 28.48 -15.37 -10.80
CA LYS B 421 29.71 -14.93 -10.14
C LYS B 421 29.53 -13.47 -9.69
N TRP B 422 29.95 -13.13 -8.48
CA TRP B 422 29.93 -11.71 -8.05
C TRP B 422 31.25 -11.20 -7.65
N SER B 423 31.54 -9.94 -8.02
CA SER B 423 32.73 -9.22 -7.58
C SER B 423 32.93 -9.40 -6.08
N GLN B 424 34.16 -9.74 -5.66
CA GLN B 424 34.44 -9.89 -4.24
C GLN B 424 34.31 -8.53 -3.53
N SER B 425 34.68 -7.44 -4.18
CA SER B 425 34.54 -6.09 -3.59
CA SER B 425 34.54 -6.13 -3.54
C SER B 425 33.09 -5.71 -3.31
N LEU B 426 32.19 -6.00 -4.25
CA LEU B 426 30.76 -5.73 -4.06
C LEU B 426 30.17 -6.56 -2.93
N MET B 427 30.53 -7.83 -2.88
CA MET B 427 30.08 -8.69 -1.82
C MET B 427 30.58 -8.19 -0.45
N TRP B 428 31.84 -7.77 -0.37
CA TRP B 428 32.40 -7.21 0.86
C TRP B 428 31.64 -5.98 1.31
N LYS B 429 31.26 -5.14 0.34
CA LYS B 429 30.56 -3.89 0.62
C LYS B 429 29.14 -4.17 1.17
N LEU B 430 28.35 -4.96 0.44
CA LEU B 430 26.96 -5.23 0.83
C LEU B 430 26.84 -6.16 2.04
N LEU B 431 27.68 -7.17 2.07
CA LEU B 431 27.46 -8.32 2.97
C LEU B 431 28.77 -8.76 3.58
N PRO B 432 29.39 -7.87 4.32
CA PRO B 432 30.73 -8.14 4.90
C PRO B 432 30.83 -9.41 5.76
N ARG B 433 29.80 -9.69 6.58
CA ARG B 433 29.87 -10.85 7.49
C ARG B 433 29.78 -12.15 6.66
N HIS B 434 29.04 -12.12 5.57
CA HIS B 434 28.92 -13.27 4.70
C HIS B 434 30.16 -13.54 3.94
N MET B 435 30.88 -12.48 3.57
CA MET B 435 32.17 -12.67 2.93
C MET B 435 33.16 -13.32 3.93
N GLU B 436 33.12 -12.90 5.17
CA GLU B 436 33.92 -13.52 6.20
C GLU B 436 33.67 -15.03 6.27
N ILE B 437 32.40 -15.42 6.22
CA ILE B 437 32.01 -16.81 6.32
C ILE B 437 32.38 -17.57 5.04
N ILE B 438 32.02 -17.02 3.87
CA ILE B 438 32.47 -17.57 2.60
C ILE B 438 34.01 -17.78 2.50
N GLU B 439 34.81 -16.81 2.93
CA GLU B 439 36.28 -16.95 2.92
C GLU B 439 36.75 -18.07 3.83
N GLU B 440 36.06 -18.25 4.94
CA GLU B 440 36.38 -19.35 5.88
C GLU B 440 35.99 -20.73 5.27
N ILE B 441 34.85 -20.79 4.63
CA ILE B 441 34.41 -22.03 3.95
C ILE B 441 35.48 -22.38 2.92
N ASP B 442 35.88 -21.39 2.12
CA ASP B 442 36.88 -21.59 1.08
C ASP B 442 38.28 -21.93 1.60
N LYS B 443 38.71 -21.29 2.70
CA LYS B 443 39.95 -21.62 3.38
C LYS B 443 40.03 -23.09 3.80
N ARG B 444 38.99 -23.55 4.46
CA ARG B 444 38.89 -24.94 4.93
C ARG B 444 38.86 -25.97 3.81
N PHE B 445 38.03 -25.71 2.81
CA PHE B 445 37.95 -26.58 1.64
C PHE B 445 39.31 -26.69 0.94
N VAL B 446 39.97 -25.55 0.71
CA VAL B 446 41.20 -25.54 -0.06
C VAL B 446 42.28 -26.25 0.77
N GLN B 447 42.28 -26.00 2.08
CA GLN B 447 43.20 -26.72 2.94
C GLN B 447 43.01 -28.23 2.75
N THR B 448 41.75 -28.68 2.64
CA THR B 448 41.50 -30.12 2.52
C THR B 448 41.96 -30.73 1.21
N ILE B 449 41.75 -30.00 0.11
CA ILE B 449 42.27 -30.43 -1.19
C ILE B 449 43.81 -30.50 -1.16
N ARG B 450 44.45 -29.48 -0.57
CA ARG B 450 45.90 -29.44 -0.43
C ARG B 450 46.37 -30.60 0.45
N ASP B 451 45.63 -30.89 1.53
CA ASP B 451 45.91 -31.98 2.47
C ASP B 451 45.03 -33.19 2.19
N THR B 452 45.06 -33.73 0.98
CA THR B 452 44.42 -35.06 0.70
C THR B 452 44.32 -35.41 -0.77
N ARG B 453 44.30 -34.40 -1.63
CA ARG B 453 44.12 -34.63 -3.04
C ARG B 453 45.19 -33.88 -3.85
N VAL B 454 46.42 -34.37 -3.73
CA VAL B 454 47.58 -33.85 -4.46
C VAL B 454 47.44 -33.95 -5.99
N ASP B 455 46.65 -34.91 -6.45
CA ASP B 455 46.26 -34.97 -7.86
C ASP B 455 45.40 -33.78 -8.32
N LEU B 456 44.82 -33.03 -7.39
CA LEU B 456 44.00 -31.83 -7.71
C LEU B 456 44.71 -30.48 -7.47
N GLU B 457 45.97 -30.50 -7.03
CA GLU B 457 46.70 -29.27 -6.68
C GLU B 457 46.64 -28.20 -7.78
N ASP B 458 46.89 -28.61 -9.03
CA ASP B 458 46.85 -27.71 -10.19
C ASP B 458 45.46 -27.16 -10.51
N LYS B 459 44.40 -27.74 -9.93
CA LYS B 459 43.01 -27.34 -10.20
C LYS B 459 42.36 -26.51 -9.10
N ILE B 460 43.10 -26.27 -8.01
CA ILE B 460 42.59 -25.47 -6.90
C ILE B 460 42.10 -24.12 -7.39
N SER B 461 42.79 -23.52 -8.37
CA SER B 461 42.40 -22.20 -8.87
C SER B 461 41.04 -22.20 -9.53
N SER B 462 40.61 -23.34 -10.08
CA SER B 462 39.25 -23.48 -10.65
C SER B 462 38.20 -24.07 -9.68
N LEU B 463 38.65 -24.87 -8.71
CA LEU B 463 37.79 -25.51 -7.71
C LEU B 463 37.41 -24.61 -6.55
N SER B 464 38.24 -23.64 -6.24
CA SER B 464 37.96 -22.76 -5.09
C SER B 464 36.68 -21.93 -5.36
N ILE B 465 36.05 -21.49 -4.28
CA ILE B 465 34.83 -20.70 -4.37
C ILE B 465 35.24 -19.28 -4.80
N LEU B 466 36.33 -18.82 -4.24
CA LEU B 466 36.89 -17.52 -4.54
C LEU B 466 37.86 -17.59 -5.72
N ASP B 467 37.52 -16.91 -6.81
CA ASP B 467 38.40 -16.73 -7.94
C ASP B 467 39.21 -15.44 -7.70
N ASN B 468 40.50 -15.57 -7.38
CA ASN B 468 41.33 -14.39 -7.04
C ASN B 468 42.13 -13.84 -8.22
N ASN B 469 41.54 -13.99 -9.40
CA ASN B 469 41.95 -13.32 -10.63
C ASN B 469 42.35 -11.86 -10.33
N PRO B 470 43.58 -11.44 -10.71
CA PRO B 470 44.04 -10.07 -10.36
C PRO B 470 43.15 -8.90 -10.87
N GLN B 471 42.54 -9.06 -12.03
CA GLN B 471 41.72 -8.00 -12.58
C GLN B 471 40.29 -7.95 -12.07
N LYS B 472 39.67 -9.12 -11.94
CA LYS B 472 38.24 -9.21 -11.63
C LYS B 472 37.98 -10.38 -10.63
N PRO B 473 38.45 -10.24 -9.37
CA PRO B 473 38.26 -11.33 -8.41
C PRO B 473 36.73 -11.48 -8.12
N VAL B 474 36.27 -12.72 -8.11
CA VAL B 474 34.86 -13.05 -7.96
C VAL B 474 34.59 -14.19 -6.98
N VAL B 475 33.34 -14.27 -6.51
CA VAL B 475 32.83 -15.39 -5.74
C VAL B 475 32.04 -16.25 -6.73
N ARG B 476 32.43 -17.51 -6.86
CA ARG B 476 31.76 -18.46 -7.77
C ARG B 476 30.62 -19.12 -7.02
N MET B 477 29.41 -18.67 -7.28
CA MET B 477 28.28 -19.05 -6.41
C MET B 477 27.94 -20.55 -6.57
N ALA B 478 28.08 -21.07 -7.78
CA ALA B 478 27.80 -22.51 -8.02
C ALA B 478 28.80 -23.42 -7.23
N ASN B 479 30.05 -23.01 -7.16
CA ASN B 479 31.09 -23.67 -6.36
C ASN B 479 30.73 -23.63 -4.90
N LEU B 480 30.26 -22.47 -4.43
CA LEU B 480 29.78 -22.36 -3.04
C LEU B 480 28.62 -23.33 -2.79
N CYS B 481 27.70 -23.39 -3.73
CA CYS B 481 26.58 -24.35 -3.64
C CYS B 481 27.00 -25.82 -3.63
N VAL B 482 27.94 -26.22 -4.51
CA VAL B 482 28.31 -27.61 -4.64
C VAL B 482 29.13 -28.03 -3.40
N VAL B 483 29.99 -27.16 -2.92
CA VAL B 483 30.87 -27.48 -1.83
C VAL B 483 30.04 -27.67 -0.58
N SER B 484 29.01 -26.85 -0.42
CA SER B 484 28.24 -26.80 0.84
C SER B 484 27.06 -27.77 0.90
N SER B 485 26.37 -28.02 -0.22
CA SER B 485 25.15 -28.84 -0.26
C SER B 485 25.39 -30.32 -0.11
N HIS B 486 24.50 -31.04 0.59
CA HIS B 486 24.59 -32.49 0.68
C HIS B 486 24.23 -33.17 -0.62
N THR B 487 23.37 -32.55 -1.41
CA THR B 487 22.97 -33.10 -2.71
C THR B 487 22.93 -31.98 -3.74
N VAL B 488 23.35 -32.32 -4.96
CA VAL B 488 23.25 -31.45 -6.11
C VAL B 488 22.53 -32.21 -7.17
N ASN B 489 21.53 -31.60 -7.81
CA ASN B 489 20.82 -32.33 -8.84
C ASN B 489 20.61 -31.51 -10.11
N GLY B 490 20.69 -32.19 -11.24
CA GLY B 490 20.18 -31.66 -12.53
C GLY B 490 18.75 -32.03 -12.83
N VAL B 491 18.24 -31.58 -13.98
CA VAL B 491 16.80 -31.62 -14.25
C VAL B 491 16.32 -32.46 -15.44
N ALA B 492 17.27 -33.14 -16.07
CA ALA B 492 17.00 -34.24 -17.04
C ALA B 492 18.21 -35.17 -17.02
N GLN B 493 18.00 -36.44 -17.35
CA GLN B 493 19.09 -37.37 -17.34
C GLN B 493 20.36 -36.89 -18.04
N LEU B 494 20.25 -36.43 -19.28
CA LEU B 494 21.45 -36.00 -20.04
C LEU B 494 22.11 -34.76 -19.37
N HIS B 495 21.27 -33.87 -18.88
CA HIS B 495 21.76 -32.68 -18.24
C HIS B 495 22.52 -33.09 -17.02
N SER B 496 21.92 -33.96 -16.21
CA SER B 496 22.60 -34.41 -14.99
C SER B 496 23.89 -35.16 -15.26
N ASP B 497 23.95 -35.93 -16.36
CA ASP B 497 25.18 -36.62 -16.72
C ASP B 497 26.25 -35.60 -17.13
N ILE B 498 25.85 -34.60 -17.91
CA ILE B 498 26.77 -33.50 -18.28
C ILE B 498 27.36 -32.77 -17.04
N LEU B 499 26.52 -32.51 -16.01
CA LEU B 499 27.02 -31.93 -14.74
C LEU B 499 28.11 -32.80 -14.11
N LYS B 500 27.87 -34.12 -14.10
CA LYS B 500 28.82 -35.04 -13.45
C LYS B 500 30.12 -35.16 -14.25
N ALA B 501 29.98 -35.18 -15.57
CA ALA B 501 31.08 -35.59 -16.46
C ALA B 501 31.94 -34.41 -16.96
N GLU B 502 31.39 -33.19 -16.96
CA GLU B 502 32.05 -31.99 -17.48
C GLU B 502 32.06 -30.86 -16.42
N LEU B 503 30.90 -30.29 -16.15
CA LEU B 503 30.81 -29.07 -15.35
C LEU B 503 31.41 -29.22 -13.94
N PHE B 504 31.03 -30.28 -13.23
CA PHE B 504 31.52 -30.49 -11.85
C PHE B 504 32.27 -31.79 -11.63
N ALA B 505 32.97 -32.31 -12.65
CA ALA B 505 33.70 -33.57 -12.53
C ALA B 505 34.66 -33.70 -11.30
N ASP B 506 35.43 -32.69 -11.01
CA ASP B 506 36.41 -32.78 -9.92
C ASP B 506 35.70 -32.83 -8.56
N TYR B 507 34.56 -32.14 -8.45
CA TYR B 507 33.70 -32.25 -7.27
C TYR B 507 33.06 -33.66 -7.10
N VAL B 508 32.65 -34.27 -8.19
CA VAL B 508 32.15 -35.69 -8.22
C VAL B 508 33.25 -36.61 -7.66
N SER B 509 34.48 -36.31 -8.02
CA SER B 509 35.62 -37.07 -7.56
C SER B 509 35.74 -36.97 -6.04
N ILE B 510 35.44 -35.80 -5.48
CA ILE B 510 35.54 -35.58 -4.05
C ILE B 510 34.34 -36.20 -3.31
N TRP B 511 33.16 -36.01 -3.87
CA TRP B 511 31.91 -36.49 -3.28
C TRP B 511 31.13 -37.27 -4.31
N PRO B 512 31.42 -38.58 -4.47
CA PRO B 512 30.76 -39.31 -5.54
C PRO B 512 29.27 -39.61 -5.32
N ASN B 513 28.73 -39.36 -4.13
CA ASN B 513 27.27 -39.54 -3.91
C ASN B 513 26.50 -38.22 -3.77
N LYS B 514 27.15 -37.10 -4.02
CA LYS B 514 26.49 -35.82 -3.91
C LYS B 514 25.52 -35.64 -5.06
N PHE B 515 25.87 -36.17 -6.22
CA PHE B 515 25.20 -35.77 -7.47
C PHE B 515 24.06 -36.71 -7.86
N GLN B 516 22.86 -36.14 -8.12
CA GLN B 516 21.69 -36.91 -8.45
C GLN B 516 21.00 -36.26 -9.70
N ASN B 517 20.05 -36.97 -10.27
CA ASN B 517 19.13 -36.43 -11.29
C ASN B 517 17.71 -36.40 -10.70
N LYS B 518 16.98 -35.34 -11.02
CA LYS B 518 15.53 -35.30 -10.84
C LYS B 518 14.89 -34.67 -12.08
N THR B 519 14.39 -35.52 -12.97
CA THR B 519 13.72 -35.02 -14.19
C THR B 519 12.54 -34.17 -13.83
N ASN B 520 12.52 -32.94 -14.36
CA ASN B 520 11.37 -32.05 -14.29
C ASN B 520 10.04 -32.69 -14.70
N GLY B 521 8.97 -31.97 -14.35
CA GLY B 521 7.63 -32.39 -14.63
C GLY B 521 6.66 -31.25 -14.53
N ILE B 522 5.41 -31.52 -14.91
CA ILE B 522 4.34 -30.53 -14.91
C ILE B 522 3.10 -31.15 -14.20
N THR B 523 2.36 -30.31 -13.50
CA THR B 523 1.11 -30.74 -12.93
C THR B 523 -0.02 -30.93 -13.97
N PRO B 524 -0.70 -32.10 -13.94
CA PRO B 524 -1.82 -32.41 -14.83
C PRO B 524 -3.11 -31.80 -14.34
N ARG B 525 -3.07 -31.09 -13.21
CA ARG B 525 -4.24 -30.35 -12.82
C ARG B 525 -4.27 -29.11 -13.71
N ARG B 526 -3.38 -28.14 -13.47
CA ARG B 526 -3.43 -26.90 -14.23
C ARG B 526 -3.33 -27.16 -15.74
N TRP B 527 -2.48 -28.12 -16.10
CA TRP B 527 -2.11 -28.31 -17.52
C TRP B 527 -2.86 -29.34 -18.31
N LEU B 528 -3.94 -29.88 -17.76
CA LEU B 528 -4.85 -30.76 -18.55
C LEU B 528 -6.26 -30.72 -17.98
N ARG B 529 -6.39 -31.16 -16.74
CA ARG B 529 -7.71 -31.18 -16.11
C ARG B 529 -8.43 -29.84 -16.15
N PHE B 530 -7.72 -28.74 -15.83
CA PHE B 530 -8.37 -27.43 -15.70
C PHE B 530 -8.32 -26.56 -16.95
N CYS B 531 -7.29 -26.73 -17.76
CA CYS B 531 -7.16 -25.93 -18.95
C CYS B 531 -7.91 -26.57 -20.12
N SER B 532 -8.08 -27.89 -20.09
CA SER B 532 -8.84 -28.58 -21.17
C SER B 532 -9.93 -29.47 -20.59
N PRO B 533 -10.97 -28.85 -20.01
CA PRO B 533 -11.98 -29.69 -19.34
C PRO B 533 -12.72 -30.73 -20.24
N GLU B 534 -13.00 -30.36 -21.49
CA GLU B 534 -13.71 -31.24 -22.41
C GLU B 534 -12.89 -32.48 -22.77
N LEU B 535 -11.60 -32.26 -23.10
CA LEU B 535 -10.69 -33.38 -23.34
C LEU B 535 -10.54 -34.25 -22.10
N SER B 536 -10.53 -33.62 -20.93
CA SER B 536 -10.39 -34.35 -19.69
C SER B 536 -11.59 -35.26 -19.45
N ASP B 537 -12.77 -34.80 -19.88
CA ASP B 537 -14.01 -35.59 -19.76
C ASP B 537 -14.03 -36.78 -20.72
N ILE B 538 -13.51 -36.59 -21.93
CA ILE B 538 -13.26 -37.69 -22.87
C ILE B 538 -12.27 -38.72 -22.29
N ILE B 539 -11.15 -38.27 -21.72
CA ILE B 539 -10.14 -39.19 -21.12
C ILE B 539 -10.77 -40.01 -19.95
N THR B 540 -11.44 -39.32 -19.03
CA THR B 540 -12.19 -39.98 -17.98
C THR B 540 -13.20 -41.04 -18.48
N LYS B 541 -13.96 -40.71 -19.50
CA LYS B 541 -14.96 -41.59 -20.04
C LYS B 541 -14.32 -42.87 -20.62
N TRP B 542 -13.21 -42.71 -21.34
CA TRP B 542 -12.58 -43.85 -22.02
C TRP B 542 -11.67 -44.67 -21.19
N LEU B 543 -11.10 -44.08 -20.14
CA LEU B 543 -10.32 -44.86 -19.18
C LEU B 543 -11.25 -45.47 -18.13
N LYS B 544 -12.50 -45.03 -18.12
CA LYS B 544 -13.46 -45.40 -17.09
C LYS B 544 -12.93 -45.11 -15.69
N THR B 545 -12.21 -43.99 -15.54
CA THR B 545 -11.80 -43.51 -14.23
C THR B 545 -11.27 -42.07 -14.36
N ASP B 546 -11.34 -41.30 -13.27
CA ASP B 546 -10.71 -39.98 -13.22
C ASP B 546 -9.45 -40.02 -12.37
N LYS B 547 -9.02 -41.23 -11.97
CA LYS B 547 -7.81 -41.36 -11.13
C LYS B 547 -6.51 -40.93 -11.82
N TRP B 548 -6.56 -40.78 -13.14
CA TRP B 548 -5.39 -40.27 -13.91
C TRP B 548 -4.93 -38.89 -13.47
N ILE B 549 -5.81 -38.15 -12.83
CA ILE B 549 -5.54 -36.78 -12.44
C ILE B 549 -4.45 -36.72 -11.34
N THR B 550 -4.37 -37.79 -10.55
CA THR B 550 -3.33 -37.99 -9.55
C THR B 550 -2.45 -39.20 -9.83
N ASP B 551 -2.69 -39.91 -10.93
CA ASP B 551 -1.86 -41.05 -11.31
C ASP B 551 -1.76 -41.05 -12.83
N LEU B 552 -0.94 -40.13 -13.34
CA LEU B 552 -0.93 -39.78 -14.74
C LEU B 552 -0.50 -40.96 -15.64
N ASP B 553 0.24 -41.91 -15.10
CA ASP B 553 0.56 -43.17 -15.84
C ASP B 553 -0.62 -43.99 -16.29
N LEU B 554 -1.80 -43.81 -15.69
CA LEU B 554 -3.04 -44.41 -16.20
C LEU B 554 -3.40 -43.97 -17.61
N LEU B 555 -2.87 -42.84 -18.10
CA LEU B 555 -3.13 -42.41 -19.50
C LEU B 555 -2.70 -43.44 -20.57
N THR B 556 -1.78 -44.36 -20.25
CA THR B 556 -1.37 -45.41 -21.22
C THR B 556 -2.53 -46.31 -21.63
N GLY B 557 -3.58 -46.32 -20.81
CA GLY B 557 -4.83 -46.99 -21.14
C GLY B 557 -5.54 -46.45 -22.36
N LEU B 558 -5.17 -45.25 -22.83
CA LEU B 558 -5.70 -44.71 -24.10
C LEU B 558 -5.10 -45.36 -25.34
N ARG B 559 -3.92 -45.97 -25.23
CA ARG B 559 -3.26 -46.54 -26.42
C ARG B 559 -4.09 -47.59 -27.18
N GLN B 560 -4.74 -48.48 -26.43
CA GLN B 560 -5.58 -49.53 -27.05
C GLN B 560 -6.71 -48.92 -27.91
N PHE B 561 -7.04 -47.65 -27.71
CA PHE B 561 -8.14 -47.01 -28.43
C PHE B 561 -7.67 -46.02 -29.51
N ALA B 562 -6.36 -45.95 -29.78
CA ALA B 562 -5.82 -44.87 -30.64
C ALA B 562 -6.33 -44.98 -32.10
N ASP B 563 -6.73 -46.17 -32.52
CA ASP B 563 -7.33 -46.42 -33.83
C ASP B 563 -8.87 -46.35 -33.86
N ASN B 564 -9.50 -46.26 -32.68
CA ASN B 564 -10.96 -46.29 -32.56
C ASN B 564 -11.58 -44.98 -33.06
N GLU B 565 -12.38 -45.10 -34.11
CA GLU B 565 -12.92 -43.95 -34.78
C GLU B 565 -13.90 -43.15 -33.93
N GLU B 566 -14.60 -43.79 -33.00
CA GLU B 566 -15.52 -43.03 -32.13
C GLU B 566 -14.65 -42.11 -31.26
N LEU B 567 -13.56 -42.65 -30.68
CA LEU B 567 -12.64 -41.81 -29.87
C LEU B 567 -12.01 -40.72 -30.71
N GLN B 568 -11.58 -41.04 -31.93
CA GLN B 568 -10.97 -40.04 -32.85
C GLN B 568 -11.94 -38.92 -33.18
N SER B 569 -13.21 -39.29 -33.40
CA SER B 569 -14.26 -38.31 -33.57
C SER B 569 -14.37 -37.35 -32.36
N GLU B 570 -14.52 -37.91 -31.16
CA GLU B 570 -14.63 -37.09 -29.94
C GLU B 570 -13.37 -36.27 -29.65
N TRP B 571 -12.20 -36.87 -29.90
CA TRP B 571 -10.93 -36.16 -29.87
C TRP B 571 -10.89 -34.94 -30.78
N ALA B 572 -11.26 -35.15 -32.04
CA ALA B 572 -11.29 -34.08 -33.04
C ALA B 572 -12.24 -32.97 -32.65
N SER B 573 -13.41 -33.34 -32.12
CA SER B 573 -14.39 -32.34 -31.66
C SER B 573 -13.84 -31.50 -30.52
N ALA B 574 -13.17 -32.16 -29.59
CA ALA B 574 -12.53 -31.47 -28.49
C ALA B 574 -11.46 -30.48 -28.98
N LYS B 575 -10.58 -30.91 -29.86
CA LYS B 575 -9.48 -30.04 -30.34
C LYS B 575 -10.04 -28.85 -31.09
N THR B 576 -11.01 -29.12 -31.98
CA THR B 576 -11.73 -28.08 -32.65
C THR B 576 -12.39 -27.03 -31.71
N ALA B 577 -13.08 -27.48 -30.68
CA ALA B 577 -13.62 -26.53 -29.69
C ALA B 577 -12.53 -25.62 -29.15
N ASN B 578 -11.39 -26.19 -28.86
CA ASN B 578 -10.30 -25.44 -28.27
C ASN B 578 -9.70 -24.49 -29.26
N LYS B 579 -9.67 -24.91 -30.53
CA LYS B 579 -9.17 -24.07 -31.61
C LYS B 579 -10.08 -22.85 -31.86
N LYS B 580 -11.40 -23.04 -31.79
CA LYS B 580 -12.33 -21.89 -31.90
C LYS B 580 -12.18 -20.92 -30.71
N ARG B 581 -12.04 -21.44 -29.49
CA ARG B 581 -11.76 -20.58 -28.32
C ARG B 581 -10.42 -19.83 -28.48
N LEU B 582 -9.42 -20.54 -28.98
CA LEU B 582 -8.16 -19.91 -29.24
C LEU B 582 -8.28 -18.85 -30.32
N ALA B 583 -9.01 -19.16 -31.40
CA ALA B 583 -9.25 -18.18 -32.47
C ALA B 583 -9.78 -16.91 -31.86
N GLN B 584 -10.82 -17.05 -31.03
CA GLN B 584 -11.49 -15.92 -30.44
C GLN B 584 -10.50 -15.06 -29.65
N TYR B 585 -9.70 -15.72 -28.85
CA TYR B 585 -8.68 -15.07 -28.04
C TYR B 585 -7.67 -14.28 -28.90
N ILE B 586 -7.10 -14.93 -29.91
CA ILE B 586 -6.09 -14.29 -30.78
C ILE B 586 -6.63 -13.06 -31.46
N GLU B 587 -7.84 -13.17 -31.97
CA GLU B 587 -8.54 -12.03 -32.54
C GLU B 587 -8.68 -10.92 -31.47
N ARG B 588 -9.24 -11.26 -30.32
CA ARG B 588 -9.35 -10.29 -29.23
C ARG B 588 -8.05 -9.52 -28.93
N VAL B 589 -6.92 -10.24 -28.82
CA VAL B 589 -5.67 -9.65 -28.30
C VAL B 589 -4.64 -9.19 -29.34
N THR B 590 -4.75 -9.68 -30.59
CA THR B 590 -3.90 -9.20 -31.68
C THR B 590 -4.69 -8.54 -32.81
N GLY B 591 -6.01 -8.72 -32.83
CA GLY B 591 -6.84 -8.10 -33.87
C GLY B 591 -6.90 -8.91 -35.14
N VAL B 592 -6.23 -10.08 -35.18
CA VAL B 592 -6.18 -10.88 -36.41
C VAL B 592 -7.21 -11.98 -36.35
N SER B 593 -7.98 -12.13 -37.42
CA SER B 593 -8.90 -13.25 -37.57
C SER B 593 -8.07 -14.44 -37.98
N ILE B 594 -8.31 -15.60 -37.37
CA ILE B 594 -7.57 -16.82 -37.74
C ILE B 594 -8.50 -18.00 -37.96
N ASP B 595 -8.16 -18.83 -38.91
CA ASP B 595 -9.05 -19.87 -39.39
C ASP B 595 -8.84 -21.17 -38.57
N PRO B 596 -9.86 -21.59 -37.77
CA PRO B 596 -9.72 -22.78 -36.91
C PRO B 596 -9.70 -24.14 -37.65
N THR B 597 -9.93 -24.17 -38.95
CA THR B 597 -9.70 -25.38 -39.75
C THR B 597 -8.23 -25.43 -40.26
N SER B 598 -7.43 -24.43 -39.94
CA SER B 598 -6.05 -24.43 -40.39
C SER B 598 -5.21 -25.10 -39.30
N LEU B 599 -4.01 -25.51 -39.69
CA LEU B 599 -3.09 -26.13 -38.74
C LEU B 599 -2.55 -25.08 -37.82
N PHE B 600 -2.81 -25.22 -36.52
CA PHE B 600 -2.27 -24.30 -35.51
C PHE B 600 -0.86 -24.73 -35.09
N ASP B 601 0.12 -23.91 -35.51
CA ASP B 601 1.57 -24.10 -35.31
C ASP B 601 2.12 -22.99 -34.39
N ILE B 602 2.61 -23.39 -33.23
CA ILE B 602 2.85 -22.50 -32.12
C ILE B 602 4.30 -22.63 -31.70
N GLN B 603 5.01 -21.49 -31.52
CA GLN B 603 6.25 -21.47 -30.75
C GLN B 603 6.21 -20.35 -29.68
N VAL B 604 6.36 -20.73 -28.40
CA VAL B 604 6.34 -19.78 -27.29
C VAL B 604 7.46 -20.11 -26.32
N LYS B 605 8.50 -19.29 -26.40
CA LYS B 605 9.62 -19.30 -25.49
C LYS B 605 10.21 -17.92 -25.47
N ARG B 606 11.07 -17.70 -24.48
CA ARG B 606 11.88 -16.51 -24.37
C ARG B 606 12.48 -16.25 -25.73
N ILE B 607 12.49 -14.99 -26.18
CA ILE B 607 13.13 -14.68 -27.47
C ILE B 607 14.63 -14.68 -27.30
N HIS B 608 15.32 -15.48 -28.12
CA HIS B 608 16.77 -15.61 -27.96
C HIS B 608 17.32 -16.29 -29.16
N GLU B 609 18.51 -15.88 -29.55
CA GLU B 609 19.11 -16.45 -30.75
C GLU B 609 19.22 -18.00 -30.65
N TYR B 610 19.54 -18.55 -29.46
CA TYR B 610 19.67 -20.01 -29.30
C TYR B 610 18.33 -20.78 -29.34
N LYS B 611 17.22 -20.08 -29.13
CA LYS B 611 15.89 -20.66 -29.20
C LYS B 611 15.43 -20.76 -30.65
N ARG B 612 16.04 -19.95 -31.49
CA ARG B 612 15.87 -20.00 -32.96
C ARG B 612 14.46 -19.70 -33.48
N GLN B 613 13.78 -18.77 -32.83
CA GLN B 613 12.70 -18.06 -33.48
C GLN B 613 13.10 -17.55 -34.87
N LEU B 614 14.34 -17.06 -35.03
CA LEU B 614 14.79 -16.52 -36.31
C LEU B 614 14.70 -17.59 -37.45
N MET B 615 14.96 -18.84 -37.10
CA MET B 615 14.82 -19.95 -38.04
C MET B 615 13.37 -20.21 -38.43
N ASN B 616 12.49 -20.20 -37.43
CA ASN B 616 11.08 -20.37 -37.68
C ASN B 616 10.63 -19.26 -38.66
N ILE B 617 10.90 -18.02 -38.29
CA ILE B 617 10.42 -16.92 -39.09
C ILE B 617 11.01 -16.96 -40.53
N LEU B 618 12.29 -17.27 -40.68
CA LEU B 618 12.81 -17.42 -42.06
C LEU B 618 12.09 -18.58 -42.80
N GLY B 619 11.72 -19.65 -42.09
CA GLY B 619 10.89 -20.71 -42.69
C GLY B 619 9.54 -20.19 -43.19
N VAL B 620 8.89 -19.37 -42.37
CA VAL B 620 7.61 -18.77 -42.72
C VAL B 620 7.76 -17.89 -43.96
N VAL B 621 8.84 -17.10 -43.98
CA VAL B 621 9.15 -16.18 -45.07
C VAL B 621 9.34 -16.96 -46.40
N TYR B 622 10.06 -18.07 -46.32
CA TYR B 622 10.19 -19.00 -47.46
C TYR B 622 8.84 -19.60 -47.89
N ARG B 623 8.05 -20.07 -46.93
CA ARG B 623 6.79 -20.70 -47.29
CA ARG B 623 6.75 -20.66 -47.22
C ARG B 623 5.88 -19.65 -47.95
N PHE B 624 5.86 -18.41 -47.43
CA PHE B 624 5.15 -17.24 -48.04
C PHE B 624 5.58 -16.98 -49.48
N LYS B 625 6.88 -16.90 -49.68
CA LYS B 625 7.42 -16.60 -50.99
C LYS B 625 6.99 -17.67 -52.01
N LYS B 626 7.07 -18.94 -51.61
CA LYS B 626 6.67 -20.03 -52.51
C LYS B 626 5.18 -20.01 -52.76
N LEU B 627 4.40 -19.71 -51.72
CA LEU B 627 2.95 -19.62 -51.90
C LEU B 627 2.62 -18.55 -52.90
N LYS B 628 3.29 -17.39 -52.79
CA LYS B 628 3.09 -16.28 -53.72
C LYS B 628 3.44 -16.67 -55.17
N GLU B 629 4.52 -17.42 -55.36
CA GLU B 629 4.95 -17.81 -56.71
C GLU B 629 4.05 -18.90 -57.33
N MET B 630 3.38 -19.70 -56.50
CA MET B 630 2.50 -20.76 -57.00
C MET B 630 1.31 -20.22 -57.80
N LYS B 631 0.82 -21.05 -58.71
CA LYS B 631 -0.46 -20.80 -59.36
C LYS B 631 -1.54 -21.11 -58.32
N PRO B 632 -2.71 -20.44 -58.41
CA PRO B 632 -3.80 -20.69 -57.47
C PRO B 632 -4.27 -22.14 -57.47
N GLU B 633 -4.21 -22.80 -58.63
CA GLU B 633 -4.49 -24.24 -58.74
C GLU B 633 -3.53 -25.08 -57.87
N GLU B 634 -2.27 -24.65 -57.78
CA GLU B 634 -1.29 -25.33 -56.93
C GLU B 634 -1.48 -25.00 -55.44
N ARG B 635 -1.81 -23.75 -55.12
CA ARG B 635 -2.02 -23.34 -53.71
C ARG B 635 -3.06 -24.18 -52.96
N LYS B 636 -4.09 -24.61 -53.68
CA LYS B 636 -5.15 -25.48 -53.14
C LYS B 636 -4.63 -26.87 -52.71
N LYS B 637 -3.42 -27.24 -53.12
CA LYS B 637 -2.82 -28.51 -52.71
C LYS B 637 -2.20 -28.43 -51.32
N THR B 638 -1.86 -27.21 -50.91
CA THR B 638 -1.10 -27.01 -49.67
C THR B 638 -1.99 -27.08 -48.46
N VAL B 639 -1.39 -27.38 -47.32
CA VAL B 639 -2.08 -27.40 -46.04
C VAL B 639 -2.11 -25.99 -45.40
N PRO B 640 -3.31 -25.42 -45.19
CA PRO B 640 -3.34 -24.07 -44.63
C PRO B 640 -2.82 -24.10 -43.21
N ARG B 641 -2.19 -23.02 -42.78
CA ARG B 641 -1.53 -23.00 -41.52
C ARG B 641 -1.60 -21.61 -40.86
N THR B 642 -1.81 -21.57 -39.53
CA THR B 642 -1.69 -20.34 -38.77
C THR B 642 -0.44 -20.49 -37.90
N VAL B 643 0.56 -19.65 -38.15
CA VAL B 643 1.76 -19.71 -37.35
C VAL B 643 1.67 -18.68 -36.19
N MET B 644 2.05 -19.09 -35.00
CA MET B 644 1.91 -18.24 -33.83
C MET B 644 3.24 -18.33 -33.07
N ILE B 645 3.90 -17.18 -32.90
CA ILE B 645 5.16 -17.06 -32.13
C ILE B 645 4.93 -16.06 -30.99
N GLY B 646 5.45 -16.37 -29.80
CA GLY B 646 5.39 -15.42 -28.71
C GLY B 646 6.52 -15.62 -27.75
N GLY B 647 6.64 -14.70 -26.82
CA GLY B 647 7.79 -14.65 -25.96
C GLY B 647 8.26 -13.26 -25.68
N LYS B 648 9.02 -13.11 -24.59
CA LYS B 648 9.61 -11.82 -24.23
C LYS B 648 11.11 -11.76 -24.55
N ALA B 649 11.55 -10.59 -24.97
CA ALA B 649 12.96 -10.24 -25.18
C ALA B 649 13.47 -9.38 -24.02
N PHE B 650 14.60 -9.79 -23.42
CA PHE B 650 15.30 -8.94 -22.46
C PHE B 650 15.50 -7.60 -23.15
N ALA B 651 15.22 -6.52 -22.42
CA ALA B 651 14.99 -5.24 -23.02
C ALA B 651 16.21 -4.75 -23.80
N THR B 652 17.40 -5.03 -23.26
CA THR B 652 18.63 -4.50 -23.81
C THR B 652 19.26 -5.48 -24.82
N TYR B 653 18.63 -6.60 -25.07
CA TYR B 653 19.20 -7.64 -25.97
C TYR B 653 18.73 -7.32 -27.38
N THR B 654 19.61 -6.65 -28.12
CA THR B 654 19.25 -5.96 -29.35
C THR B 654 18.70 -6.89 -30.42
N ASN B 655 19.36 -8.03 -30.65
CA ASN B 655 18.88 -8.93 -31.71
C ASN B 655 17.56 -9.63 -31.37
N ALA B 656 17.37 -10.00 -30.10
CA ALA B 656 16.09 -10.51 -29.64
C ALA B 656 14.97 -9.51 -29.98
N LYS B 657 15.19 -8.23 -29.66
CA LYS B 657 14.19 -7.21 -29.99
C LYS B 657 14.01 -7.08 -31.50
N ARG B 658 15.08 -7.19 -32.27
CA ARG B 658 14.93 -7.19 -33.74
C ARG B 658 14.09 -8.37 -34.28
N ILE B 659 14.28 -9.56 -33.70
CA ILE B 659 13.50 -10.77 -34.02
C ILE B 659 11.99 -10.56 -33.74
N VAL B 660 11.65 -9.96 -32.59
CA VAL B 660 10.24 -9.68 -32.34
C VAL B 660 9.69 -8.74 -33.44
N LYS B 661 10.46 -7.71 -33.78
CA LYS B 661 10.07 -6.75 -34.80
C LYS B 661 9.88 -7.43 -36.15
N LEU B 662 10.84 -8.28 -36.52
CA LEU B 662 10.76 -9.06 -37.75
C LEU B 662 9.48 -9.90 -37.86
N VAL B 663 9.16 -10.65 -36.79
CA VAL B 663 7.94 -11.48 -36.79
C VAL B 663 6.73 -10.62 -37.09
N ASN B 664 6.63 -9.49 -36.40
CA ASN B 664 5.50 -8.62 -36.55
C ASN B 664 5.42 -8.00 -37.94
N ASP B 665 6.56 -7.60 -38.50
CA ASP B 665 6.56 -7.00 -39.85
C ASP B 665 6.17 -8.04 -40.90
N VAL B 666 6.59 -9.30 -40.67
CA VAL B 666 6.29 -10.41 -41.59
C VAL B 666 4.78 -10.70 -41.56
N GLY B 667 4.22 -10.84 -40.34
CA GLY B 667 2.77 -10.98 -40.17
C GLY B 667 2.01 -9.83 -40.85
N ASP B 668 2.44 -8.59 -40.60
CA ASP B 668 1.71 -7.43 -41.17
C ASP B 668 1.49 -7.59 -42.68
N VAL B 669 2.56 -8.03 -43.38
CA VAL B 669 2.52 -8.29 -44.84
C VAL B 669 1.74 -9.54 -45.25
N VAL B 670 2.02 -10.70 -44.60
CA VAL B 670 1.37 -11.98 -44.98
C VAL B 670 -0.14 -11.91 -44.73
N ASN B 671 -0.50 -11.47 -43.54
CA ASN B 671 -1.90 -11.51 -43.06
C ASN B 671 -2.82 -10.61 -43.86
N SER B 672 -2.24 -9.56 -44.46
CA SER B 672 -2.96 -8.60 -45.28
C SER B 672 -2.77 -8.82 -46.78
N ASP B 673 -2.21 -9.94 -47.19
CA ASP B 673 -2.04 -10.27 -48.60
C ASP B 673 -3.17 -11.20 -49.04
N PRO B 674 -4.15 -10.67 -49.81
CA PRO B 674 -5.33 -11.50 -50.10
C PRO B 674 -5.10 -12.69 -51.03
N GLU B 675 -3.89 -12.85 -51.56
CA GLU B 675 -3.54 -13.97 -52.45
C GLU B 675 -3.03 -15.21 -51.71
N VAL B 676 -2.49 -15.06 -50.52
CA VAL B 676 -2.07 -16.25 -49.80
C VAL B 676 -2.58 -16.32 -48.37
N ASN B 677 -3.25 -15.28 -47.88
CA ASN B 677 -3.66 -15.25 -46.49
C ASN B 677 -4.75 -16.28 -46.14
N GLU B 678 -5.30 -16.97 -47.15
CA GLU B 678 -6.14 -18.17 -46.90
C GLU B 678 -5.32 -19.41 -46.55
N TYR B 679 -4.02 -19.39 -46.90
CA TYR B 679 -3.13 -20.53 -46.71
C TYR B 679 -2.08 -20.29 -45.66
N LEU B 680 -1.83 -19.04 -45.30
CA LEU B 680 -0.85 -18.75 -44.26
C LEU B 680 -1.18 -17.48 -43.51
N LYS B 681 -1.14 -17.53 -42.18
CA LYS B 681 -1.13 -16.30 -41.42
C LYS B 681 -0.11 -16.48 -40.35
N VAL B 682 0.48 -15.36 -39.94
CA VAL B 682 1.56 -15.30 -38.97
C VAL B 682 1.18 -14.23 -37.93
N VAL B 683 1.25 -14.59 -36.63
CA VAL B 683 0.78 -13.76 -35.55
C VAL B 683 1.75 -13.80 -34.42
N PHE B 684 2.19 -12.63 -33.97
CA PHE B 684 3.05 -12.58 -32.80
C PHE B 684 2.13 -12.41 -31.62
N VAL B 685 2.12 -13.36 -30.71
CA VAL B 685 1.17 -13.34 -29.63
C VAL B 685 1.75 -12.62 -28.45
N PRO B 686 1.13 -11.53 -28.03
CA PRO B 686 1.82 -10.68 -27.07
C PRO B 686 1.68 -11.10 -25.61
N ASN B 687 2.62 -10.63 -24.82
CA ASN B 687 2.62 -10.76 -23.38
C ASN B 687 2.51 -12.21 -22.83
N TYR B 688 3.28 -13.11 -23.45
CA TYR B 688 3.25 -14.51 -23.11
C TYR B 688 3.47 -14.71 -21.62
N ASN B 689 2.50 -15.39 -21.00
CA ASN B 689 2.49 -15.64 -19.60
C ASN B 689 1.61 -16.90 -19.37
N VAL B 690 1.34 -17.22 -18.14
CA VAL B 690 0.59 -18.47 -17.84
C VAL B 690 -0.81 -18.48 -18.49
N THR B 691 -1.52 -17.37 -18.40
CA THR B 691 -2.87 -17.25 -19.06
C THR B 691 -2.75 -17.53 -20.53
N VAL B 692 -1.79 -16.88 -21.21
CA VAL B 692 -1.63 -17.10 -22.64
C VAL B 692 -1.38 -18.57 -22.95
N ALA B 693 -0.47 -19.24 -22.19
CA ALA B 693 -0.20 -20.66 -22.33
C ALA B 693 -1.47 -21.50 -22.11
N GLU B 694 -2.28 -21.12 -21.12
CA GLU B 694 -3.59 -21.78 -20.87
C GLU B 694 -4.57 -21.65 -22.03
N MET B 695 -4.41 -20.62 -22.86
CA MET B 695 -5.25 -20.45 -24.04
C MET B 695 -4.66 -21.16 -25.24
N LEU B 696 -3.34 -21.08 -25.41
CA LEU B 696 -2.71 -21.68 -26.56
C LEU B 696 -2.61 -23.20 -26.49
N ILE B 697 -2.21 -23.73 -25.33
CA ILE B 697 -1.85 -25.13 -25.22
C ILE B 697 -3.01 -26.07 -25.55
N PRO B 698 -4.21 -25.82 -25.02
CA PRO B 698 -5.35 -26.69 -25.37
C PRO B 698 -5.71 -26.71 -26.85
N GLY B 699 -5.48 -25.59 -27.53
CA GLY B 699 -5.82 -25.44 -28.95
C GLY B 699 -4.69 -25.80 -29.92
N SER B 700 -3.55 -26.21 -29.39
CA SER B 700 -2.35 -26.42 -30.21
C SER B 700 -2.42 -27.75 -30.95
N GLU B 701 -1.88 -27.78 -32.18
CA GLU B 701 -1.75 -29.02 -32.94
C GLU B 701 -0.27 -29.42 -33.15
N LEU B 702 0.54 -28.42 -33.53
CA LEU B 702 1.98 -28.54 -33.64
C LEU B 702 2.64 -27.46 -32.79
N SER B 703 3.62 -27.84 -31.99
CA SER B 703 4.45 -26.86 -31.31
C SER B 703 5.92 -27.09 -31.70
N GLN B 704 6.71 -26.02 -31.60
CA GLN B 704 8.11 -26.00 -32.06
C GLN B 704 9.05 -25.83 -30.87
N HIS B 705 9.95 -26.81 -30.71
CA HIS B 705 10.97 -26.82 -29.65
C HIS B 705 12.27 -27.04 -30.35
N ILE B 706 12.85 -25.96 -30.83
CA ILE B 706 13.85 -26.03 -31.91
C ILE B 706 15.19 -25.42 -31.53
N SER B 707 15.44 -25.25 -30.25
CA SER B 707 16.72 -24.77 -29.77
C SER B 707 17.86 -25.59 -30.37
N THR B 708 19.01 -24.95 -30.55
CA THR B 708 20.18 -25.62 -31.02
C THR B 708 20.48 -26.75 -30.09
N ALA B 709 20.78 -27.91 -30.67
CA ALA B 709 21.01 -29.12 -29.81
C ALA B 709 22.15 -28.92 -28.84
N GLY B 710 21.95 -29.40 -27.64
CA GLY B 710 22.94 -29.25 -26.55
C GLY B 710 22.74 -28.03 -25.64
N MET B 711 21.86 -27.11 -26.02
CA MET B 711 21.67 -25.87 -25.24
C MET B 711 20.63 -25.92 -24.10
N GLU B 712 19.64 -26.80 -24.23
CA GLU B 712 18.52 -26.87 -23.27
C GLU B 712 18.73 -28.00 -22.29
N ALA B 713 18.74 -27.69 -20.99
CA ALA B 713 18.71 -28.69 -19.94
C ALA B 713 17.39 -29.47 -19.97
N SER B 714 16.27 -28.78 -20.20
CA SER B 714 14.96 -29.41 -20.04
C SER B 714 13.91 -28.79 -20.97
N GLY B 715 12.98 -28.03 -20.42
CA GLY B 715 11.86 -27.52 -21.22
C GLY B 715 10.54 -28.17 -20.89
N THR B 716 9.89 -27.60 -19.90
CA THR B 716 8.63 -28.13 -19.40
C THR B 716 7.43 -27.79 -20.26
N SER B 717 7.52 -26.74 -21.11
CA SER B 717 6.38 -26.36 -21.98
C SER B 717 6.16 -27.46 -23.03
N ASN B 718 7.27 -28.06 -23.45
CA ASN B 718 7.24 -29.24 -24.30
C ASN B 718 6.26 -30.29 -23.74
N MET B 719 6.38 -30.54 -22.43
CA MET B 719 5.60 -31.56 -21.73
C MET B 719 4.12 -31.19 -21.67
N LYS B 720 3.85 -29.93 -21.45
CA LYS B 720 2.46 -29.43 -21.50
C LYS B 720 1.77 -29.70 -22.88
N PHE B 721 2.48 -29.38 -23.93
CA PHE B 721 1.97 -29.52 -25.32
C PHE B 721 1.72 -31.01 -25.60
N ALA B 722 2.69 -31.86 -25.27
CA ALA B 722 2.53 -33.33 -25.53
C ALA B 722 1.36 -33.94 -24.77
N LEU B 723 1.15 -33.47 -23.53
CA LEU B 723 0.06 -33.97 -22.69
C LEU B 723 -1.30 -33.65 -23.31
N ASN B 724 -1.36 -32.53 -24.06
CA ASN B 724 -2.60 -32.02 -24.67
C ASN B 724 -2.80 -32.46 -26.11
N GLY B 725 -2.09 -33.47 -26.54
CA GLY B 725 -2.30 -34.02 -27.88
C GLY B 725 -1.66 -33.23 -29.01
N CYS B 726 -0.79 -32.29 -28.65
CA CYS B 726 -0.12 -31.44 -29.64
C CYS B 726 1.23 -32.09 -29.98
N LEU B 727 1.46 -32.34 -31.26
CA LEU B 727 2.68 -33.01 -31.71
C LEU B 727 3.85 -32.00 -31.75
N ILE B 728 5.09 -32.50 -31.66
CA ILE B 728 6.24 -31.62 -31.57
C ILE B 728 7.09 -31.71 -32.80
N ILE B 729 7.52 -30.55 -33.32
CA ILE B 729 8.64 -30.51 -34.27
C ILE B 729 9.80 -29.94 -33.48
N GLY B 730 10.91 -30.67 -33.47
CA GLY B 730 11.91 -30.48 -32.42
C GLY B 730 13.28 -31.06 -32.69
N THR B 731 14.27 -30.47 -32.03
CA THR B 731 15.61 -31.01 -32.05
C THR B 731 15.79 -32.03 -30.89
N LEU B 732 16.87 -32.80 -30.97
CA LEU B 732 17.16 -33.85 -29.99
C LEU B 732 17.90 -33.23 -28.82
N ASP B 733 17.15 -32.61 -27.91
CA ASP B 733 17.73 -31.67 -26.94
C ASP B 733 16.76 -31.54 -25.76
N GLY B 734 17.26 -31.37 -24.54
CA GLY B 734 16.35 -31.10 -23.42
C GLY B 734 15.30 -32.18 -23.27
N ALA B 735 14.11 -31.77 -22.85
CA ALA B 735 12.98 -32.69 -22.62
C ALA B 735 12.46 -33.40 -23.90
N ASN B 736 12.74 -32.84 -25.08
CA ASN B 736 12.39 -33.53 -26.33
C ASN B 736 12.89 -34.97 -26.37
N VAL B 737 14.10 -35.22 -25.87
CA VAL B 737 14.64 -36.57 -25.85
C VAL B 737 13.67 -37.54 -25.11
N GLU B 738 13.26 -37.16 -23.89
CA GLU B 738 12.43 -38.04 -23.07
CA GLU B 738 12.39 -37.98 -23.01
C GLU B 738 10.99 -38.09 -23.62
N ILE B 739 10.50 -36.97 -24.14
CA ILE B 739 9.16 -36.96 -24.71
C ILE B 739 9.07 -37.98 -25.84
N ARG B 740 10.02 -37.89 -26.74
CA ARG B 740 10.05 -38.73 -27.95
C ARG B 740 10.16 -40.20 -27.58
N GLU B 741 10.95 -40.50 -26.55
CA GLU B 741 11.01 -41.83 -25.97
C GLU B 741 9.63 -42.33 -25.51
N GLU B 742 8.96 -41.54 -24.70
CA GLU B 742 7.71 -41.94 -24.08
C GLU B 742 6.54 -42.00 -25.05
N VAL B 743 6.45 -41.04 -25.96
CA VAL B 743 5.34 -40.98 -26.91
C VAL B 743 5.58 -41.84 -28.15
N GLY B 744 6.83 -42.23 -28.38
CA GLY B 744 7.20 -42.96 -29.58
C GLY B 744 7.71 -42.10 -30.71
N GLU B 745 8.83 -42.52 -31.29
CA GLU B 745 9.45 -41.77 -32.35
C GLU B 745 8.49 -41.53 -33.55
N GLU B 746 7.54 -42.44 -33.78
CA GLU B 746 6.59 -42.29 -34.90
C GLU B 746 5.57 -41.15 -34.65
N ASN B 747 5.49 -40.66 -33.42
CA ASN B 747 4.59 -39.56 -33.10
C ASN B 747 5.30 -38.21 -32.85
N PHE B 748 6.49 -38.01 -33.44
CA PHE B 748 7.34 -36.86 -33.12
C PHE B 748 8.11 -36.48 -34.37
N PHE B 749 8.28 -35.17 -34.63
CA PHE B 749 8.95 -34.71 -35.86
C PHE B 749 10.38 -34.20 -35.54
N LEU B 750 11.35 -35.09 -35.64
CA LEU B 750 12.73 -34.79 -35.23
C LEU B 750 13.50 -34.26 -36.43
N PHE B 751 14.39 -33.33 -36.18
CA PHE B 751 15.28 -32.85 -37.22
C PHE B 751 16.54 -32.30 -36.60
N GLY B 752 17.50 -32.00 -37.48
CA GLY B 752 18.60 -31.13 -37.09
C GLY B 752 19.82 -31.83 -36.56
N ALA B 753 20.87 -31.04 -36.45
CA ALA B 753 22.11 -31.49 -35.87
C ALA B 753 21.88 -32.01 -34.44
N THR B 754 22.68 -33.00 -34.05
CA THR B 754 22.67 -33.52 -32.68
C THR B 754 23.76 -32.82 -31.85
N ALA B 755 23.64 -32.84 -30.53
CA ALA B 755 24.49 -32.04 -29.65
C ALA B 755 26.00 -32.33 -29.81
N ASP B 756 26.33 -33.56 -30.19
CA ASP B 756 27.74 -33.96 -30.35
C ASP B 756 28.32 -33.46 -31.68
N GLN B 757 27.45 -33.23 -32.67
CA GLN B 757 27.85 -32.68 -33.96
C GLN B 757 28.10 -31.18 -33.93
N VAL B 758 27.40 -30.47 -33.05
CA VAL B 758 27.43 -29.01 -33.02
C VAL B 758 28.85 -28.34 -33.04
N PRO B 759 29.78 -28.74 -32.16
CA PRO B 759 31.14 -28.16 -32.19
C PRO B 759 31.94 -28.45 -33.48
N ARG B 760 31.83 -29.68 -33.98
CA ARG B 760 32.40 -30.01 -35.30
C ARG B 760 31.84 -29.09 -36.38
N LEU B 761 30.51 -28.88 -36.39
CA LEU B 761 29.90 -28.07 -37.43
C LEU B 761 30.31 -26.59 -37.31
N ARG B 762 30.45 -26.10 -36.08
CA ARG B 762 30.98 -24.74 -35.85
C ARG B 762 32.41 -24.59 -36.40
N LYS B 763 33.23 -25.62 -36.20
CA LYS B 763 34.60 -25.64 -36.69
C LYS B 763 34.66 -25.67 -38.22
N GLU B 764 33.76 -26.42 -38.86
CA GLU B 764 33.65 -26.40 -40.33
C GLU B 764 33.33 -25.00 -40.89
N ARG B 765 32.42 -24.29 -40.20
CA ARG B 765 32.07 -22.90 -40.55
C ARG B 765 33.28 -21.98 -40.46
N GLU B 766 34.04 -22.11 -39.37
CA GLU B 766 35.24 -21.30 -39.15
C GLU B 766 36.30 -21.61 -40.20
N ASP B 767 36.37 -22.87 -40.65
CA ASP B 767 37.30 -23.27 -41.72
C ASP B 767 36.73 -23.03 -43.13
N GLY B 768 35.62 -22.31 -43.25
CA GLY B 768 35.10 -21.90 -44.56
C GLY B 768 34.53 -23.02 -45.42
N LEU B 769 34.10 -24.12 -44.77
CA LEU B 769 33.58 -25.31 -45.45
C LEU B 769 32.04 -25.40 -45.39
N PHE B 770 31.38 -24.40 -44.81
CA PHE B 770 29.92 -24.42 -44.76
C PHE B 770 29.35 -24.12 -46.14
N LYS B 771 28.32 -24.87 -46.53
CA LYS B 771 27.63 -24.62 -47.80
C LYS B 771 26.14 -24.34 -47.57
N PRO B 772 25.72 -23.07 -47.63
CA PRO B 772 24.33 -22.71 -47.29
C PRO B 772 23.36 -23.28 -48.31
N ASP B 773 22.21 -23.74 -47.84
CA ASP B 773 21.18 -24.30 -48.72
C ASP B 773 20.54 -23.14 -49.48
N PRO B 774 20.15 -23.41 -50.75
CA PRO B 774 19.62 -22.30 -51.54
C PRO B 774 18.34 -21.67 -50.96
N ARG B 775 17.53 -22.47 -50.26
CA ARG B 775 16.25 -22.00 -49.73
C ARG B 775 16.48 -21.05 -48.59
N PHE B 776 17.51 -21.32 -47.80
CA PHE B 776 17.94 -20.44 -46.71
C PHE B 776 18.46 -19.10 -47.27
N GLU B 777 19.29 -19.17 -48.29
CA GLU B 777 19.82 -17.96 -48.93
C GLU B 777 18.71 -17.10 -49.52
N GLU B 778 17.75 -17.76 -50.17
CA GLU B 778 16.60 -17.10 -50.77
C GLU B 778 15.72 -16.47 -49.68
N ALA B 779 15.57 -17.15 -48.56
CA ALA B 779 14.80 -16.62 -47.43
C ALA B 779 15.43 -15.33 -46.92
N LYS B 780 16.72 -15.41 -46.56
CA LYS B 780 17.50 -14.23 -46.18
C LYS B 780 17.37 -13.05 -47.15
N GLN B 781 17.59 -13.30 -48.43
CA GLN B 781 17.53 -12.22 -49.43
C GLN B 781 16.17 -11.58 -49.42
N PHE B 782 15.11 -12.40 -49.39
CA PHE B 782 13.74 -11.89 -49.38
C PHE B 782 13.47 -10.98 -48.17
N VAL B 783 13.99 -11.33 -47.00
CA VAL B 783 13.92 -10.47 -45.81
C VAL B 783 14.67 -9.15 -46.06
N LYS B 784 15.75 -9.20 -46.84
CA LYS B 784 16.53 -8.02 -47.17
C LYS B 784 16.04 -7.27 -48.42
N SER B 785 14.99 -7.76 -49.06
CA SER B 785 14.42 -7.17 -50.28
C SER B 785 13.63 -5.87 -50.04
N GLY B 786 13.23 -5.62 -48.79
CA GLY B 786 12.33 -4.52 -48.48
C GLY B 786 10.87 -4.95 -48.52
N VAL B 787 10.62 -6.22 -48.81
CA VAL B 787 9.23 -6.71 -48.86
C VAL B 787 8.51 -6.50 -47.52
N PHE B 788 9.26 -6.36 -46.43
CA PHE B 788 8.65 -6.20 -45.11
C PHE B 788 8.79 -4.77 -44.51
N GLY B 789 8.80 -3.77 -45.38
CA GLY B 789 8.76 -2.36 -44.96
C GLY B 789 10.14 -1.77 -44.88
N SER B 790 10.25 -0.60 -44.25
CA SER B 790 11.49 0.19 -44.26
C SER B 790 12.50 -0.18 -43.16
N TYR B 791 12.12 -1.10 -42.26
CA TYR B 791 13.05 -1.53 -41.22
C TYR B 791 14.21 -2.32 -41.83
N ASP B 792 15.43 -1.84 -41.57
CA ASP B 792 16.65 -2.49 -42.05
C ASP B 792 16.92 -3.70 -41.17
N TYR B 793 16.71 -4.89 -41.72
CA TYR B 793 17.00 -6.15 -41.01
C TYR B 793 18.44 -6.61 -41.26
N GLY B 794 19.21 -5.81 -42.00
CA GLY B 794 20.59 -6.13 -42.33
C GLY B 794 21.47 -6.44 -41.12
N PRO B 795 21.42 -5.59 -40.09
CA PRO B 795 22.22 -5.84 -38.90
C PRO B 795 21.84 -7.12 -38.15
N LEU B 796 20.55 -7.46 -38.08
CA LEU B 796 20.12 -8.73 -37.49
C LEU B 796 20.75 -9.86 -38.28
N LEU B 797 20.53 -9.87 -39.60
CA LEU B 797 21.00 -10.97 -40.45
C LEU B 797 22.53 -11.10 -40.56
N ASP B 798 23.26 -10.02 -40.31
CA ASP B 798 24.72 -10.02 -40.27
C ASP B 798 25.23 -11.00 -39.21
N SER B 799 24.41 -11.27 -38.20
CA SER B 799 24.70 -12.33 -37.20
C SER B 799 24.82 -13.72 -37.84
N LEU B 800 24.16 -13.91 -38.98
CA LEU B 800 24.20 -15.15 -39.74
C LEU B 800 25.33 -15.20 -40.79
N GLU B 801 26.04 -14.08 -40.98
CA GLU B 801 27.07 -13.95 -42.01
C GLU B 801 28.49 -14.08 -41.47
N GLY B 802 29.42 -14.35 -42.39
CA GLY B 802 30.82 -14.46 -42.04
C GLY B 802 31.08 -15.81 -41.44
N ASN B 803 32.33 -16.03 -41.04
CA ASN B 803 32.77 -17.32 -40.53
C ASN B 803 33.43 -17.22 -39.15
N THR B 804 33.85 -16.00 -38.79
CA THR B 804 34.64 -15.71 -37.60
C THR B 804 34.12 -14.41 -37.01
N GLY B 805 34.21 -14.28 -35.69
CA GLY B 805 33.87 -13.04 -34.98
C GLY B 805 32.79 -13.26 -33.93
N PHE B 806 32.96 -12.65 -32.77
CA PHE B 806 31.91 -12.63 -31.75
C PHE B 806 30.69 -11.96 -32.36
N GLY B 807 29.53 -12.58 -32.21
CA GLY B 807 28.27 -12.05 -32.74
C GLY B 807 28.09 -12.27 -34.24
N ARG B 808 28.94 -13.10 -34.84
CA ARG B 808 28.88 -13.37 -36.28
C ARG B 808 29.05 -14.87 -36.54
N GLY B 809 28.86 -15.28 -37.79
CA GLY B 809 29.07 -16.66 -38.21
C GLY B 809 28.01 -17.68 -37.79
N ASP B 810 26.78 -17.23 -37.54
CA ASP B 810 25.62 -18.13 -37.28
C ASP B 810 26.00 -19.22 -36.30
N TYR B 811 26.34 -18.81 -35.10
CA TYR B 811 26.81 -19.72 -34.07
C TYR B 811 25.74 -20.75 -33.63
N PHE B 812 24.46 -20.41 -33.82
CA PHE B 812 23.37 -21.29 -33.41
C PHE B 812 22.83 -22.18 -34.53
N LEU B 813 23.53 -22.16 -35.67
CA LEU B 813 23.37 -23.15 -36.75
C LEU B 813 22.00 -23.05 -37.42
N VAL B 814 21.51 -21.81 -37.47
CA VAL B 814 20.25 -21.51 -38.13
C VAL B 814 20.35 -22.02 -39.57
N GLY B 815 21.43 -21.67 -40.25
CA GLY B 815 21.56 -22.00 -41.66
C GLY B 815 21.77 -23.50 -41.88
N TYR B 816 22.60 -24.10 -41.02
CA TYR B 816 22.95 -25.51 -41.18
C TYR B 816 21.73 -26.39 -40.97
N ASP B 817 20.96 -26.11 -39.92
CA ASP B 817 19.76 -26.93 -39.63
C ASP B 817 18.57 -26.64 -40.55
N PHE B 818 18.62 -25.53 -41.26
CA PHE B 818 17.46 -25.06 -42.02
C PHE B 818 16.85 -26.10 -42.96
N PRO B 819 17.69 -26.77 -43.77
CA PRO B 819 17.12 -27.75 -44.71
C PRO B 819 16.41 -28.97 -44.05
N SER B 820 16.97 -29.53 -42.98
CA SER B 820 16.29 -30.63 -42.31
C SER B 820 15.06 -30.15 -41.59
N TYR B 821 15.10 -28.88 -41.11
CA TYR B 821 13.94 -28.23 -40.55
C TYR B 821 12.82 -28.10 -41.56
N MET B 822 13.14 -27.63 -42.77
CA MET B 822 12.10 -27.49 -43.81
C MET B 822 11.58 -28.86 -44.25
N ASP B 823 12.46 -29.84 -44.32
CA ASP B 823 12.03 -31.22 -44.62
C ASP B 823 11.07 -31.80 -43.57
N ALA B 824 11.32 -31.52 -42.31
CA ALA B 824 10.40 -31.92 -41.26
C ALA B 824 9.07 -31.23 -41.42
N GLN B 825 9.09 -29.93 -41.74
CA GLN B 825 7.82 -29.17 -41.86
C GLN B 825 7.03 -29.75 -43.03
N ALA B 826 7.72 -30.24 -44.03
CA ALA B 826 7.06 -30.98 -45.13
C ALA B 826 6.41 -32.29 -44.64
N LYS B 827 7.08 -32.99 -43.72
CA LYS B 827 6.51 -34.21 -43.11
C LYS B 827 5.24 -33.93 -42.30
N VAL B 828 5.26 -32.85 -41.53
CA VAL B 828 4.12 -32.39 -40.78
C VAL B 828 2.91 -32.22 -41.69
N ASP B 829 3.11 -31.45 -42.75
CA ASP B 829 2.02 -31.21 -43.72
C ASP B 829 1.42 -32.52 -44.23
N GLU B 830 2.28 -33.45 -44.62
CA GLU B 830 1.78 -34.71 -45.17
C GLU B 830 1.05 -35.53 -44.09
N ALA B 831 1.57 -35.54 -42.88
CA ALA B 831 0.89 -36.25 -41.79
C ALA B 831 -0.43 -35.55 -41.46
N TYR B 832 -0.44 -34.23 -41.48
CA TYR B 832 -1.70 -33.48 -41.25
C TYR B 832 -2.85 -33.83 -42.21
N LYS B 833 -2.55 -33.96 -43.50
CA LYS B 833 -3.52 -34.37 -44.53
C LYS B 833 -4.17 -35.74 -44.29
N ASP B 834 -3.53 -36.60 -43.52
CA ASP B 834 -4.10 -37.89 -43.11
C ASP B 834 -4.74 -37.68 -41.75
N ARG B 835 -6.00 -37.27 -41.76
CA ARG B 835 -6.68 -36.92 -40.51
C ARG B 835 -6.71 -38.05 -39.47
N LYS B 836 -7.09 -39.26 -39.89
CA LYS B 836 -7.08 -40.41 -38.98
C LYS B 836 -5.69 -40.69 -38.40
N GLY B 837 -4.64 -40.56 -39.23
CA GLY B 837 -3.27 -40.81 -38.77
C GLY B 837 -2.84 -39.75 -37.78
N TRP B 838 -3.21 -38.50 -38.06
CA TRP B 838 -2.96 -37.38 -37.15
C TRP B 838 -3.63 -37.56 -35.81
N LEU B 839 -4.95 -37.82 -35.83
CA LEU B 839 -5.65 -38.02 -34.56
C LEU B 839 -5.06 -39.20 -33.77
N LYS B 840 -4.63 -40.28 -34.45
CA LYS B 840 -3.95 -41.41 -33.74
C LYS B 840 -2.67 -40.98 -33.03
N MET B 841 -1.83 -40.24 -33.75
CA MET B 841 -0.61 -39.68 -33.18
C MET B 841 -0.93 -38.75 -32.01
N SER B 842 -1.98 -37.95 -32.14
CA SER B 842 -2.36 -37.03 -31.04
C SER B 842 -2.83 -37.78 -29.77
N ILE B 843 -3.65 -38.81 -29.96
CA ILE B 843 -4.05 -39.65 -28.85
C ILE B 843 -2.83 -40.32 -28.21
N LEU B 844 -1.92 -40.86 -29.03
CA LEU B 844 -0.68 -41.50 -28.46
C LEU B 844 0.17 -40.52 -27.67
N SER B 845 0.14 -39.25 -28.08
CA SER B 845 0.93 -38.24 -27.40
C SER B 845 0.40 -38.06 -26.01
N THR B 846 -0.89 -37.82 -25.86
CA THR B 846 -1.46 -37.77 -24.50
C THR B 846 -1.23 -39.08 -23.72
N ALA B 847 -1.41 -40.19 -24.43
CA ALA B 847 -1.31 -41.51 -23.83
C ALA B 847 0.09 -41.79 -23.27
N GLY B 848 1.12 -41.23 -23.91
CA GLY B 848 2.51 -41.39 -23.43
C GLY B 848 3.06 -40.34 -22.47
N SER B 849 2.18 -39.46 -21.95
CA SER B 849 2.66 -38.28 -21.15
C SER B 849 2.75 -38.46 -19.64
N GLY B 850 2.38 -39.65 -19.20
CA GLY B 850 2.30 -39.95 -17.76
C GLY B 850 3.58 -39.67 -16.98
N LYS B 851 4.72 -40.00 -17.55
CA LYS B 851 6.00 -39.77 -16.88
C LYS B 851 6.33 -38.30 -16.54
N PHE B 852 5.68 -37.37 -17.23
CA PHE B 852 6.04 -35.97 -17.08
C PHE B 852 5.32 -35.28 -15.95
N SER B 853 4.56 -36.03 -15.15
CA SER B 853 3.89 -35.44 -14.00
C SER B 853 4.88 -34.88 -13.01
N SER B 854 4.62 -33.66 -12.53
CA SER B 854 5.41 -33.12 -11.44
C SER B 854 5.24 -33.92 -10.13
N ASP B 855 4.13 -34.68 -10.04
CA ASP B 855 3.94 -35.60 -8.92
C ASP B 855 5.05 -36.64 -8.84
N ARG B 856 5.46 -37.19 -9.97
CA ARG B 856 6.58 -38.10 -9.99
C ARG B 856 7.87 -37.44 -9.47
N THR B 857 8.15 -36.28 -10.04
CA THR B 857 9.31 -35.47 -9.72
C THR B 857 9.44 -35.18 -8.26
N ILE B 858 8.36 -34.67 -7.69
CA ILE B 858 8.35 -34.27 -6.30
C ILE B 858 8.49 -35.46 -5.36
N ALA B 859 7.86 -36.59 -5.71
CA ALA B 859 7.97 -37.79 -4.89
C ALA B 859 9.43 -38.20 -4.81
N GLN B 860 10.14 -38.08 -5.93
CA GLN B 860 11.56 -38.45 -6.01
C GLN B 860 12.45 -37.52 -5.17
N TYR B 861 12.21 -36.23 -5.29
CA TYR B 861 12.81 -35.27 -4.37
C TYR B 861 12.51 -35.64 -2.91
N ALA B 862 11.22 -35.90 -2.61
CA ALA B 862 10.83 -36.18 -1.23
C ALA B 862 11.60 -37.34 -0.65
N LYS B 863 11.78 -38.41 -1.43
CA LYS B 863 12.42 -39.63 -0.95
C LYS B 863 13.95 -39.60 -0.92
N GLU B 864 14.53 -39.09 -2.00
CA GLU B 864 15.97 -39.25 -2.29
C GLU B 864 16.82 -38.06 -1.88
N ILE B 865 16.20 -36.90 -1.69
CA ILE B 865 16.92 -35.68 -1.29
C ILE B 865 16.45 -35.13 0.05
N TRP B 866 15.18 -34.82 0.20
CA TRP B 866 14.71 -34.22 1.47
C TRP B 866 14.44 -35.15 2.61
N ASN B 867 14.29 -36.45 2.35
CA ASN B 867 13.79 -37.39 3.36
C ASN B 867 12.59 -36.85 4.17
N ILE B 868 11.58 -36.37 3.44
CA ILE B 868 10.24 -36.14 3.99
C ILE B 868 9.17 -37.17 3.44
N GLU B 869 8.04 -37.24 4.10
CA GLU B 869 6.93 -38.15 3.73
C GLU B 869 5.57 -37.49 3.89
N ALA B 870 4.54 -38.12 3.34
CA ALA B 870 3.18 -37.54 3.37
C ALA B 870 2.72 -37.35 4.83
N CYS B 871 2.01 -36.26 5.06
CA CYS B 871 1.50 -35.88 6.37
C CYS B 871 0.07 -35.39 6.05
N PRO B 872 -0.86 -36.34 5.80
CA PRO B 872 -2.23 -35.96 5.42
C PRO B 872 -2.98 -35.35 6.58
N VAL B 873 -3.63 -34.21 6.33
CA VAL B 873 -4.42 -33.51 7.35
C VAL B 873 -5.72 -34.28 7.53
N PRO B 874 -6.04 -34.68 8.75
CA PRO B 874 -7.31 -35.42 8.97
C PRO B 874 -8.56 -34.55 8.77
C1 GLC C . -6.51 36.96 -22.23
C2 GLC C . -5.95 35.64 -21.70
C3 GLC C . -7.04 34.62 -21.38
C4 GLC C . -8.40 35.27 -21.21
C5 GLC C . -8.79 35.96 -22.53
C6 GLC C . -10.18 36.64 -22.52
O1 GLC C . -5.48 37.55 -23.05
O2 GLC C . -5.00 35.06 -22.60
O3 GLC C . -6.70 33.99 -20.15
O4 GLC C . -9.40 34.26 -21.00
O5 GLC C . -7.76 36.86 -22.98
O6 GLC C . -10.41 37.50 -21.38
C1 GLC C . -10.17 34.29 -19.80
C2 GLC C . -10.33 32.84 -19.39
C3 GLC C . -11.15 32.06 -20.43
C4 GLC C . -12.49 32.75 -20.68
C5 GLC C . -12.35 34.24 -20.94
C6 GLC C . -13.76 34.85 -20.87
O2 GLC C . -9.00 32.35 -19.25
O3 GLC C . -11.46 30.72 -20.02
O4 GLC C . -13.16 32.13 -21.78
O5 GLC C . -11.47 34.86 -19.99
O6 GLC C . -13.75 36.29 -20.66
C1 GLC C . -14.24 31.28 -21.46
C2 GLC C . -14.17 30.00 -22.28
C3 GLC C . -14.31 30.36 -23.75
C4 GLC C . -15.68 30.95 -23.94
C5 GLC C . -15.89 32.18 -23.06
C6 GLC C . -17.38 32.54 -23.10
O2 GLC C . -12.95 29.27 -22.06
O3 GLC C . -14.17 29.17 -24.53
O4 GLC C . -15.84 31.32 -25.31
O5 GLC C . -15.49 31.97 -21.69
O6 GLC C . -17.77 33.30 -21.96
C1 GLC D . 40.34 -14.03 10.89
C2 GLC D . 39.13 -13.58 10.04
C3 GLC D . 37.80 -14.23 10.43
C4 GLC D . 37.98 -15.74 10.60
C5 GLC D . 39.23 -16.10 11.42
C6 GLC D . 39.45 -17.62 11.45
O1 GLC D . 40.26 -13.60 12.25
O2 GLC D . 38.98 -12.17 10.16
O3 GLC D . 36.79 -13.96 9.43
O4 GLC D . 36.84 -16.22 11.30
O5 GLC D . 40.41 -15.45 10.90
O6 GLC D . 39.82 -18.12 10.16
C1 GLC D . 35.94 -17.05 10.56
C2 GLC D . 34.51 -16.57 10.79
C3 GLC D . 34.10 -16.80 12.25
C4 GLC D . 34.45 -18.22 12.69
C5 GLC D . 35.89 -18.63 12.35
C6 GLC D . 36.15 -20.06 12.87
O2 GLC D . 34.48 -15.18 10.35
O3 GLC D . 32.70 -16.69 12.50
O4 GLC D . 34.34 -18.24 14.12
O5 GLC D . 36.12 -18.43 10.94
O6 GLC D . 36.97 -20.85 12.01
C1 GLC D . 33.19 -18.94 14.58
C2 GLC D . 32.53 -18.03 15.62
C3 GLC D . 33.37 -17.98 16.89
C4 GLC D . 33.60 -19.39 17.37
C5 GLC D . 34.37 -20.14 16.27
C6 GLC D . 34.84 -21.53 16.68
O2 GLC D . 32.35 -16.70 15.10
O3 GLC D . 32.60 -17.26 17.83
O4 GLC D . 34.29 -19.32 18.61
O5 GLC D . 33.54 -20.21 15.10
O6 GLC D . 33.71 -22.29 17.08
N1 PLP E . -6.62 19.61 19.43
C2 PLP E . -7.35 18.61 19.99
C2A PLP E . -6.77 17.26 20.22
C3 PLP E . -8.70 18.82 20.33
O3 PLP E . -9.41 17.78 20.87
C4 PLP E . -9.25 20.07 20.12
C4A PLP E . -10.70 20.43 20.48
C5 PLP E . -8.47 21.08 19.54
C6 PLP E . -7.14 20.82 19.23
C5A PLP E . -9.01 22.47 19.31
O4P PLP E . -8.46 23.22 20.30
P PLP E . -8.27 24.83 20.23
O1P PLP E . -6.75 25.10 20.25
O2P PLP E . -8.76 25.20 21.65
O3P PLP E . -9.04 25.51 19.12
C1 PEG F . -28.13 23.41 21.49
O1 PEG F . -27.50 24.66 21.38
C2 PEG F . -28.30 22.76 20.12
O2 PEG F . -28.77 21.49 20.65
C3 PEG F . -28.25 20.35 19.97
C4 PEG F . -27.39 19.79 21.09
O4 PEG F . -26.51 18.77 20.70
N1 PLP G . 6.34 -19.72 -19.33
C2 PLP G . 5.08 -20.10 -19.16
C2A PLP G . 3.98 -19.05 -19.15
C3 PLP G . 4.79 -21.45 -18.96
O3 PLP G . 3.53 -21.81 -18.74
C4 PLP G . 5.83 -22.39 -18.98
C4A PLP G . 5.53 -23.89 -18.76
C5 PLP G . 7.12 -21.97 -19.19
C6 PLP G . 7.33 -20.58 -19.34
C5A PLP G . 8.39 -22.86 -19.23
O4P PLP G . 8.57 -23.25 -20.62
P PLP G . 10.02 -23.59 -21.26
O1P PLP G . 10.27 -22.43 -22.19
O2P PLP G . 9.75 -24.81 -22.25
O3P PLP G . 11.16 -23.82 -20.33
C1 GOL H . 20.76 -8.37 10.96
O1 GOL H . 21.57 -7.98 12.08
C2 GOL H . 19.94 -9.66 11.18
O2 GOL H . 18.63 -9.59 10.64
C3 GOL H . 19.83 -10.12 12.63
O3 GOL H . 20.76 -11.22 12.71
#